data_464D
# 
_entry.id   464D 
# 
_audit_conform.dict_name       mmcif_pdbx.dic 
_audit_conform.dict_version    5.387 
_audit_conform.dict_location   http://mmcif.pdb.org/dictionaries/ascii/mmcif_pdbx.dic 
# 
loop_
_database_2.database_id 
_database_2.database_code 
_database_2.pdbx_database_accession 
_database_2.pdbx_DOI 
PDB   464D         pdb_0000464d 10.2210/pdb464d/pdb 
RCSB  AR0014       ?            ?                   
WWPDB D_1000179243 ?            ?                   
# 
loop_
_pdbx_audit_revision_history.ordinal 
_pdbx_audit_revision_history.data_content_type 
_pdbx_audit_revision_history.major_revision 
_pdbx_audit_revision_history.minor_revision 
_pdbx_audit_revision_history.revision_date 
1 'Structure model' 1 0 1999-08-16 
2 'Structure model' 1 1 2008-05-22 
3 'Structure model' 1 2 2011-07-13 
4 'Structure model' 1 3 2024-02-28 
# 
_pdbx_audit_revision_details.ordinal             1 
_pdbx_audit_revision_details.revision_ordinal    1 
_pdbx_audit_revision_details.data_content_type   'Structure model' 
_pdbx_audit_revision_details.provider            repository 
_pdbx_audit_revision_details.type                'Initial release' 
_pdbx_audit_revision_details.description         ? 
_pdbx_audit_revision_details.details             ? 
# 
loop_
_pdbx_audit_revision_group.ordinal 
_pdbx_audit_revision_group.revision_ordinal 
_pdbx_audit_revision_group.data_content_type 
_pdbx_audit_revision_group.group 
1 2 'Structure model' 'Version format compliance' 
2 3 'Structure model' 'Version format compliance' 
3 4 'Structure model' 'Data collection'           
4 4 'Structure model' 'Database references'       
5 4 'Structure model' 'Derived calculations'      
# 
loop_
_pdbx_audit_revision_category.ordinal 
_pdbx_audit_revision_category.revision_ordinal 
_pdbx_audit_revision_category.data_content_type 
_pdbx_audit_revision_category.category 
1 4 'Structure model' chem_comp_atom         
2 4 'Structure model' chem_comp_bond         
3 4 'Structure model' database_2             
4 4 'Structure model' pdbx_struct_conn_angle 
5 4 'Structure model' struct_conn            
6 4 'Structure model' struct_conn_type       
7 4 'Structure model' struct_site            
# 
loop_
_pdbx_audit_revision_item.ordinal 
_pdbx_audit_revision_item.revision_ordinal 
_pdbx_audit_revision_item.data_content_type 
_pdbx_audit_revision_item.item 
1  4 'Structure model' '_database_2.pdbx_DOI'                        
2  4 'Structure model' '_database_2.pdbx_database_accession'         
3  4 'Structure model' '_pdbx_struct_conn_angle.ptnr1_auth_asym_id'  
4  4 'Structure model' '_pdbx_struct_conn_angle.ptnr1_auth_seq_id'   
5  4 'Structure model' '_pdbx_struct_conn_angle.ptnr1_label_asym_id' 
6  4 'Structure model' '_pdbx_struct_conn_angle.ptnr3_auth_asym_id'  
7  4 'Structure model' '_pdbx_struct_conn_angle.ptnr3_auth_seq_id'   
8  4 'Structure model' '_pdbx_struct_conn_angle.ptnr3_label_asym_id' 
9  4 'Structure model' '_pdbx_struct_conn_angle.value'               
10 4 'Structure model' '_struct_conn.conn_type_id'                   
11 4 'Structure model' '_struct_conn.id'                             
12 4 'Structure model' '_struct_conn.pdbx_dist_value'                
13 4 'Structure model' '_struct_conn.pdbx_leaving_atom_flag'         
14 4 'Structure model' '_struct_conn.ptnr1_auth_asym_id'             
15 4 'Structure model' '_struct_conn.ptnr1_auth_comp_id'             
16 4 'Structure model' '_struct_conn.ptnr1_auth_seq_id'              
17 4 'Structure model' '_struct_conn.ptnr1_label_asym_id'            
18 4 'Structure model' '_struct_conn.ptnr1_label_atom_id'            
19 4 'Structure model' '_struct_conn.ptnr1_label_comp_id'            
20 4 'Structure model' '_struct_conn.ptnr1_label_seq_id'             
21 4 'Structure model' '_struct_conn.ptnr2_auth_asym_id'             
22 4 'Structure model' '_struct_conn.ptnr2_auth_comp_id'             
23 4 'Structure model' '_struct_conn.ptnr2_auth_seq_id'              
24 4 'Structure model' '_struct_conn.ptnr2_label_asym_id'            
25 4 'Structure model' '_struct_conn.ptnr2_label_atom_id'            
26 4 'Structure model' '_struct_conn.ptnr2_label_comp_id'            
27 4 'Structure model' '_struct_conn.ptnr2_label_seq_id'             
28 4 'Structure model' '_struct_conn.ptnr2_symmetry'                 
29 4 'Structure model' '_struct_conn_type.id'                        
30 4 'Structure model' '_struct_site.pdbx_auth_asym_id'              
31 4 'Structure model' '_struct_site.pdbx_auth_comp_id'              
32 4 'Structure model' '_struct_site.pdbx_auth_seq_id'               
# 
_pdbx_database_status.status_code                     REL 
_pdbx_database_status.entry_id                        464D 
_pdbx_database_status.recvd_initial_deposition_date   1999-04-14 
_pdbx_database_status.deposit_site                    NDB 
_pdbx_database_status.process_site                    NDB 
_pdbx_database_status.status_code_sf                  REL 
_pdbx_database_status.SG_entry                        . 
_pdbx_database_status.pdb_format_compatible           Y 
_pdbx_database_status.status_code_mr                  ? 
_pdbx_database_status.status_code_cs                  ? 
_pdbx_database_status.status_code_nmr_data            ? 
_pdbx_database_status.methods_development_category    ? 
# 
loop_
_audit_author.name 
_audit_author.pdbx_ordinal 
'Mueller, U.'      1 
'Muller, Y.A.'     2 
'Herbst-Irmer, R.' 3 
'Sprinzl, M.'      4 
'Heinemann, U.'    5 
# 
_citation.id                        primary 
_citation.title                     'Disorder and twin refinement of RNA heptamer double helices.' 
_citation.journal_abbrev            'Acta Crystallogr.,Sect.D' 
_citation.journal_volume            55 
_citation.page_first                1405 
_citation.page_last                 1413 
_citation.year                      1999 
_citation.journal_id_ASTM           ABCRE6 
_citation.country                   DK 
_citation.journal_id_ISSN           0907-4449 
_citation.journal_id_CSD            0766 
_citation.book_publisher            ? 
_citation.pdbx_database_id_PubMed   10417408 
_citation.pdbx_database_id_DOI      10.1107/S0907444999007441 
# 
loop_
_citation_author.citation_id 
_citation_author.name 
_citation_author.ordinal 
_citation_author.identifier_ORCID 
primary 'Mueller, U.'      1 ? 
primary 'Muller, Y.A.'     2 ? 
primary 'Herbst-Irmer, R.' 3 ? 
primary 'Sprinzl, M.'      4 ? 
primary 'Heinemann, U.'    5 ? 
# 
loop_
_entity.id 
_entity.type 
_entity.src_method 
_entity.pdbx_description 
_entity.formula_weight 
_entity.pdbx_number_of_molecules 
_entity.pdbx_ec 
_entity.pdbx_mutation 
_entity.pdbx_fragment 
_entity.details 
1 polymer     syn 
;RNA (5'-R(*UP*AP*GP*CP*UP*CP*C)-3')
;
2157.331 2   ? ? ? ? 
2 polymer     syn 
;RNA (5'-R(*GP*GP*GP*GP*CP*(IU)P*A)-3')
;
2402.316 2   ? ? ? ? 
3 non-polymer syn 'STRONTIUM ION'                          87.620   1   ? ? ? ? 
4 non-polymer syn 'SODIUM ION'                             22.990   1   ? ? ? ? 
5 water       nat water                                    18.015   155 ? ? ? ? 
# 
loop_
_entity_poly.entity_id 
_entity_poly.type 
_entity_poly.nstd_linkage 
_entity_poly.nstd_monomer 
_entity_poly.pdbx_seq_one_letter_code 
_entity_poly.pdbx_seq_one_letter_code_can 
_entity_poly.pdbx_strand_id 
_entity_poly.pdbx_target_identifier 
1 polyribonucleotide no no  UAGCUCC      UAGCUCC A,C ? 
2 polyribonucleotide no yes 'GGGGC(IU)A' GGGGCUA B,D ? 
# 
loop_
_pdbx_entity_nonpoly.entity_id 
_pdbx_entity_nonpoly.name 
_pdbx_entity_nonpoly.comp_id 
3 'STRONTIUM ION' SR  
4 'SODIUM ION'    NA  
5 water           HOH 
# 
loop_
_entity_poly_seq.entity_id 
_entity_poly_seq.num 
_entity_poly_seq.mon_id 
_entity_poly_seq.hetero 
1 1 U  n 
1 2 A  n 
1 3 G  n 
1 4 C  n 
1 5 U  n 
1 6 C  n 
1 7 C  n 
2 1 G  n 
2 2 G  n 
2 3 G  n 
2 4 G  n 
2 5 C  n 
2 6 IU n 
2 7 A  n 
# 
loop_
_pdbx_entity_src_syn.entity_id 
_pdbx_entity_src_syn.pdbx_src_id 
_pdbx_entity_src_syn.pdbx_alt_source_flag 
_pdbx_entity_src_syn.pdbx_beg_seq_num 
_pdbx_entity_src_syn.pdbx_end_seq_num 
_pdbx_entity_src_syn.organism_scientific 
_pdbx_entity_src_syn.organism_common_name 
_pdbx_entity_src_syn.ncbi_taxonomy_id 
_pdbx_entity_src_syn.details 
1 1 sample ? ? ? ? ? 'SEQUENCE FROM TRNA(ALA) OF ESCHERICHIA COLI' 
2 1 sample ? ? ? ? ? 'SEQUENCE FROM TRNA(ALA) OF ESCHERICHIA COLI' 
# 
loop_
_chem_comp.id 
_chem_comp.type 
_chem_comp.mon_nstd_flag 
_chem_comp.name 
_chem_comp.pdbx_synonyms 
_chem_comp.formula 
_chem_comp.formula_weight 
A   'RNA linking' y "ADENOSINE-5'-MONOPHOSPHATE"     ? 'C10 H14 N5 O7 P'  347.221 
C   'RNA linking' y "CYTIDINE-5'-MONOPHOSPHATE"      ? 'C9 H14 N3 O8 P'   323.197 
G   'RNA linking' y "GUANOSINE-5'-MONOPHOSPHATE"     ? 'C10 H14 N5 O8 P'  363.221 
HOH non-polymer   . WATER                            ? 'H2 O'             18.015  
IU  'RNA linking' n "5-IODOURIDINE-5'-MONOPHOSPHATE" ? 'C9 H12 I N2 O9 P' 450.078 
NA  non-polymer   . 'SODIUM ION'                     ? 'Na 1'             22.990  
SR  non-polymer   . 'STRONTIUM ION'                  ? 'Sr 2'             87.620  
U   'RNA linking' y "URIDINE-5'-MONOPHOSPHATE"       ? 'C9 H13 N2 O9 P'   324.181 
# 
loop_
_pdbx_poly_seq_scheme.asym_id 
_pdbx_poly_seq_scheme.entity_id 
_pdbx_poly_seq_scheme.seq_id 
_pdbx_poly_seq_scheme.mon_id 
_pdbx_poly_seq_scheme.ndb_seq_num 
_pdbx_poly_seq_scheme.pdb_seq_num 
_pdbx_poly_seq_scheme.auth_seq_num 
_pdbx_poly_seq_scheme.pdb_mon_id 
_pdbx_poly_seq_scheme.auth_mon_id 
_pdbx_poly_seq_scheme.pdb_strand_id 
_pdbx_poly_seq_scheme.pdb_ins_code 
_pdbx_poly_seq_scheme.hetero 
A 1 1 U  1 1  1  U  U  A . n 
A 1 2 A  2 2  2  A  A  A . n 
A 1 3 G  3 3  3  G  G  A . n 
A 1 4 C  4 4  4  C  C  A . n 
A 1 5 U  5 5  5  U  U  A . n 
A 1 6 C  6 6  6  C  C  A . n 
A 1 7 C  7 7  7  C  C  A . n 
B 2 1 G  1 8  8  G  G  B . n 
B 2 2 G  2 9  9  G  G  B . n 
B 2 3 G  3 10 10 G  G  B . n 
B 2 4 G  4 11 11 G  G  B . n 
B 2 5 C  5 12 12 C  C  B . n 
B 2 6 IU 6 13 13 IU +U B . n 
B 2 7 A  7 14 14 A  A  B . n 
C 1 1 U  1 1  1  U  U  C . n 
C 1 2 A  2 2  2  A  A  C . n 
C 1 3 G  3 3  3  G  G  C . n 
C 1 4 C  4 4  4  C  C  C . n 
C 1 5 U  5 5  5  U  U  C . n 
C 1 6 C  6 6  6  C  C  C . n 
C 1 7 C  7 7  7  C  C  C . n 
D 2 1 G  1 8  8  G  G  D . n 
D 2 2 G  2 9  9  G  G  D . n 
D 2 3 G  3 10 10 G  G  D . n 
D 2 4 G  4 11 11 G  G  D . n 
D 2 5 C  5 12 12 C  C  D . n 
D 2 6 IU 6 13 13 IU +U D . n 
D 2 7 A  7 14 14 A  A  D . n 
# 
loop_
_pdbx_nonpoly_scheme.asym_id 
_pdbx_nonpoly_scheme.entity_id 
_pdbx_nonpoly_scheme.mon_id 
_pdbx_nonpoly_scheme.ndb_seq_num 
_pdbx_nonpoly_scheme.pdb_seq_num 
_pdbx_nonpoly_scheme.auth_seq_num 
_pdbx_nonpoly_scheme.pdb_mon_id 
_pdbx_nonpoly_scheme.auth_mon_id 
_pdbx_nonpoly_scheme.pdb_strand_id 
_pdbx_nonpoly_scheme.pdb_ins_code 
E 3 SR  1  101  101  SR  SR  B . 
F 4 NA  1  102  102  NA  NA  B . 
G 5 HOH 1  1002 1002 HOH HOH A . 
G 5 HOH 2  1003 1003 HOH HOH A . 
G 5 HOH 3  1006 1006 HOH HOH A . 
G 5 HOH 4  1007 1007 HOH HOH A . 
G 5 HOH 5  1011 1011 HOH HOH A . 
G 5 HOH 6  1017 1017 HOH HOH A . 
G 5 HOH 7  1024 1024 HOH HOH A . 
G 5 HOH 8  1030 1030 HOH HOH A . 
G 5 HOH 9  1033 1033 HOH HOH A . 
G 5 HOH 10 1038 1038 HOH HOH A . 
G 5 HOH 11 1040 1040 HOH HOH A . 
G 5 HOH 12 1046 1046 HOH HOH A . 
G 5 HOH 13 1055 1055 HOH HOH A . 
G 5 HOH 14 1059 1059 HOH HOH A . 
G 5 HOH 15 1062 1062 HOH HOH A . 
G 5 HOH 16 1065 1065 HOH HOH A . 
G 5 HOH 17 1068 1068 HOH HOH A . 
G 5 HOH 18 1069 1069 HOH HOH A . 
G 5 HOH 19 1072 1072 HOH HOH A . 
G 5 HOH 20 1073 1073 HOH HOH A . 
G 5 HOH 21 1077 1077 HOH HOH A . 
G 5 HOH 22 1083 1083 HOH HOH A . 
G 5 HOH 23 1084 1084 HOH HOH A . 
G 5 HOH 24 1086 1086 HOH HOH A . 
G 5 HOH 25 1090 1090 HOH HOH A . 
G 5 HOH 26 1092 1092 HOH HOH A . 
G 5 HOH 27 1098 1098 HOH HOH A . 
G 5 HOH 28 1100 1100 HOH HOH A . 
G 5 HOH 29 1101 1101 HOH HOH A . 
G 5 HOH 30 1106 1106 HOH HOH A . 
G 5 HOH 31 1112 1112 HOH HOH A . 
G 5 HOH 32 1120 1120 HOH HOH A . 
G 5 HOH 33 1121 1121 HOH HOH A . 
G 5 HOH 34 1123 1123 HOH HOH A . 
G 5 HOH 35 1124 1124 HOH HOH A . 
G 5 HOH 36 1126 1126 HOH HOH A . 
G 5 HOH 37 1128 1128 HOH HOH A . 
G 5 HOH 38 1129 1129 HOH HOH A . 
G 5 HOH 39 1133 1133 HOH HOH A . 
G 5 HOH 40 1138 1138 HOH HOH A . 
G 5 HOH 41 1140 1140 HOH HOH A . 
G 5 HOH 42 1141 1141 HOH HOH A . 
G 5 HOH 43 1144 1144 HOH HOH A . 
G 5 HOH 44 1150 1150 HOH HOH A . 
G 5 HOH 45 1153 1153 HOH HOH A . 
G 5 HOH 46 1154 1154 HOH HOH A . 
G 5 HOH 47 1155 1155 HOH HOH A . 
H 5 HOH 1  1001 1001 HOH HOH B . 
H 5 HOH 2  1009 1009 HOH HOH B . 
H 5 HOH 3  1012 1012 HOH HOH B . 
H 5 HOH 4  1013 1013 HOH HOH B . 
H 5 HOH 5  1014 1014 HOH HOH B . 
H 5 HOH 6  1015 1015 HOH HOH B . 
H 5 HOH 7  1016 1016 HOH HOH B . 
H 5 HOH 8  1018 1018 HOH HOH B . 
H 5 HOH 9  1019 1019 HOH HOH B . 
H 5 HOH 10 1022 1022 HOH HOH B . 
H 5 HOH 11 1026 1026 HOH HOH B . 
H 5 HOH 12 1032 1032 HOH HOH B . 
H 5 HOH 13 1042 1042 HOH HOH B . 
H 5 HOH 14 1045 1045 HOH HOH B . 
H 5 HOH 15 1047 1047 HOH HOH B . 
H 5 HOH 16 1048 1048 HOH HOH B . 
H 5 HOH 17 1056 1056 HOH HOH B . 
H 5 HOH 18 1058 1058 HOH HOH B . 
H 5 HOH 19 1060 1060 HOH HOH B . 
H 5 HOH 20 1063 1063 HOH HOH B . 
H 5 HOH 21 1064 1064 HOH HOH B . 
H 5 HOH 22 1071 1071 HOH HOH B . 
H 5 HOH 23 1074 1074 HOH HOH B . 
H 5 HOH 24 1076 1076 HOH HOH B . 
H 5 HOH 25 1085 1085 HOH HOH B . 
H 5 HOH 26 1087 1087 HOH HOH B . 
H 5 HOH 27 1088 1088 HOH HOH B . 
H 5 HOH 28 1095 1095 HOH HOH B . 
H 5 HOH 29 1097 1097 HOH HOH B . 
H 5 HOH 30 1102 1102 HOH HOH B . 
H 5 HOH 31 1104 1104 HOH HOH B . 
H 5 HOH 32 1105 1105 HOH HOH B . 
H 5 HOH 33 1109 1109 HOH HOH B . 
H 5 HOH 34 1110 1110 HOH HOH B . 
H 5 HOH 35 1113 1113 HOH HOH B . 
H 5 HOH 36 1115 1115 HOH HOH B . 
H 5 HOH 37 1116 1116 HOH HOH B . 
H 5 HOH 38 1118 1118 HOH HOH B . 
H 5 HOH 39 1122 1122 HOH HOH B . 
H 5 HOH 40 1131 1131 HOH HOH B . 
H 5 HOH 41 1132 1132 HOH HOH B . 
H 5 HOH 42 1134 1134 HOH HOH B . 
H 5 HOH 43 1136 1136 HOH HOH B . 
H 5 HOH 44 1142 1142 HOH HOH B . 
H 5 HOH 45 1143 1143 HOH HOH B . 
H 5 HOH 46 1145 1145 HOH HOH B . 
H 5 HOH 47 1149 1149 HOH HOH B . 
H 5 HOH 48 1151 1151 HOH HOH B . 
H 5 HOH 49 1152 1152 HOH HOH B . 
I 5 HOH 1  1004 1004 HOH HOH C . 
I 5 HOH 2  1005 1005 HOH HOH C . 
I 5 HOH 3  1020 1020 HOH HOH C . 
I 5 HOH 4  1021 1021 HOH HOH C . 
I 5 HOH 5  1023 1023 HOH HOH C . 
I 5 HOH 6  1031 1031 HOH HOH C . 
I 5 HOH 7  1035 1035 HOH HOH C . 
I 5 HOH 8  1039 1039 HOH HOH C . 
I 5 HOH 9  1044 1044 HOH HOH C . 
I 5 HOH 10 1049 1049 HOH HOH C . 
I 5 HOH 11 1052 1052 HOH HOH C . 
I 5 HOH 12 1057 1057 HOH HOH C . 
I 5 HOH 13 1061 1061 HOH HOH C . 
I 5 HOH 14 1066 1066 HOH HOH C . 
I 5 HOH 15 1067 1067 HOH HOH C . 
I 5 HOH 16 1070 1070 HOH HOH C . 
I 5 HOH 17 1075 1075 HOH HOH C . 
I 5 HOH 18 1078 1078 HOH HOH C . 
I 5 HOH 19 1080 1080 HOH HOH C . 
I 5 HOH 20 1081 1081 HOH HOH C . 
I 5 HOH 21 1082 1082 HOH HOH C . 
I 5 HOH 22 1093 1093 HOH HOH C . 
I 5 HOH 23 1107 1107 HOH HOH C . 
I 5 HOH 24 1108 1108 HOH HOH C . 
I 5 HOH 25 1117 1117 HOH HOH C . 
I 5 HOH 26 1125 1125 HOH HOH C . 
I 5 HOH 27 1130 1130 HOH HOH C . 
I 5 HOH 28 1146 1146 HOH HOH C . 
J 5 HOH 1  1008 1008 HOH HOH D . 
J 5 HOH 2  1010 1010 HOH HOH D . 
J 5 HOH 3  1025 1025 HOH HOH D . 
J 5 HOH 4  1027 1027 HOH HOH D . 
J 5 HOH 5  1028 1028 HOH HOH D . 
J 5 HOH 6  1029 1029 HOH HOH D . 
J 5 HOH 7  1034 1034 HOH HOH D . 
J 5 HOH 8  1036 1036 HOH HOH D . 
J 5 HOH 9  1037 1037 HOH HOH D . 
J 5 HOH 10 1041 1041 HOH HOH D . 
J 5 HOH 11 1043 1043 HOH HOH D . 
J 5 HOH 12 1050 1050 HOH HOH D . 
J 5 HOH 13 1051 1051 HOH HOH D . 
J 5 HOH 14 1053 1053 HOH HOH D . 
J 5 HOH 15 1054 1054 HOH HOH D . 
J 5 HOH 16 1079 1079 HOH HOH D . 
J 5 HOH 17 1089 1089 HOH HOH D . 
J 5 HOH 18 1091 1091 HOH HOH D . 
J 5 HOH 19 1094 1094 HOH HOH D . 
J 5 HOH 20 1096 1096 HOH HOH D . 
J 5 HOH 21 1099 1099 HOH HOH D . 
J 5 HOH 22 1103 1103 HOH HOH D . 
J 5 HOH 23 1111 1111 HOH HOH D . 
J 5 HOH 24 1114 1114 HOH HOH D . 
J 5 HOH 25 1119 1119 HOH HOH D . 
J 5 HOH 26 1127 1127 HOH HOH D . 
J 5 HOH 27 1135 1135 HOH HOH D . 
J 5 HOH 28 1137 1137 HOH HOH D . 
J 5 HOH 29 1139 1139 HOH HOH D . 
J 5 HOH 30 1147 1147 HOH HOH D . 
J 5 HOH 31 1148 1148 HOH HOH D . 
# 
loop_
_software.name 
_software.classification 
_software.version 
_software.citation_id 
_software.pdbx_ordinal 
SHELXL-97 refinement       . ? 1 
DENZO     'data reduction' . ? 2 
SCALEPACK 'data scaling'   . ? 3 
# 
_cell.entry_id           464D 
_cell.length_a           26.375 
_cell.length_b           28.995 
_cell.length_c           28.995 
_cell.angle_alpha        110.37 
_cell.angle_beta         96.62 
_cell.angle_gamma        96.62 
_cell.Z_PDB              2 
_cell.pdbx_unique_axis   ? 
# 
_symmetry.entry_id                         464D 
_symmetry.space_group_name_H-M             'P 1' 
_symmetry.pdbx_full_space_group_name_H-M   ? 
_symmetry.cell_setting                     triclinic 
_symmetry.Int_Tables_number                1 
# 
_exptl.entry_id          464D 
_exptl.method            'X-RAY DIFFRACTION' 
_exptl.crystals_number   1 
# 
_exptl_crystal.id                    1 
_exptl_crystal.density_meas          ? 
_exptl_crystal.density_Matthews      2.54 
_exptl_crystal.density_percent_sol   50.5 
_exptl_crystal.description           ? 
# 
_exptl_crystal_grow.crystal_id      1 
_exptl_crystal_grow.method          'VAPOR DIFFUSION, HANGING DROP' 
_exptl_crystal_grow.temp            293 
_exptl_crystal_grow.temp_details    ? 
_exptl_crystal_grow.pH              6.0 
_exptl_crystal_grow.pdbx_details    
;0.5 MM RNA DUPLEX, 12 MM SPERMINE, 40 MM NA-CACODYLATE PH 6.0, 80 MM SRCL2,40 MM LICL, 10 % (V/V) MPD AGAINST 0.5 ML 35 % (V/V) MPD, VAPOR DIFFUSION, HANGING DROP, temperature 293K
;
_exptl_crystal_grow.pdbx_pH_range   . 
# 
loop_
_exptl_crystal_grow_comp.crystal_id 
_exptl_crystal_grow_comp.id 
_exptl_crystal_grow_comp.sol_id 
_exptl_crystal_grow_comp.name 
_exptl_crystal_grow_comp.volume 
_exptl_crystal_grow_comp.conc 
_exptl_crystal_grow_comp.details 
1 1 1 SPERMINE            ? ? ? 
1 2 1 'SODIUM CACODYLATE' ? ? ? 
1 3 1 SRCL2               ? ? ? 
1 4 1 LICL                ? ? ? 
1 5 1 MPD                 ? ? ? 
1 6 2 MPD                 ? ? ? 
# 
_diffrn.id                     1 
_diffrn.ambient_temp           100 
_diffrn.ambient_temp_details   ? 
_diffrn.crystal_id             1 
# 
_diffrn_detector.diffrn_id              1 
_diffrn_detector.detector               'IMAGE PLATE' 
_diffrn_detector.type                   MARRESEARCH 
_diffrn_detector.pdbx_collection_date   1996-09-23 
_diffrn_detector.details                ? 
# 
_diffrn_radiation.diffrn_id                        1 
_diffrn_radiation.wavelength_id                    1 
_diffrn_radiation.pdbx_monochromatic_or_laue_m_l   M 
_diffrn_radiation.monochromator                    ? 
_diffrn_radiation.pdbx_diffrn_protocol             'SINGLE WAVELENGTH' 
_diffrn_radiation.pdbx_scattering_type             x-ray 
# 
_diffrn_radiation_wavelength.id           1 
_diffrn_radiation_wavelength.wavelength   0.9049 
_diffrn_radiation_wavelength.wt           1.0 
# 
_diffrn_source.diffrn_id                   1 
_diffrn_source.source                      SYNCHROTRON 
_diffrn_source.type                        'ESRF BEAMLINE BM14' 
_diffrn_source.pdbx_synchrotron_site       ESRF 
_diffrn_source.pdbx_synchrotron_beamline   BM14 
_diffrn_source.pdbx_wavelength             0.9049 
_diffrn_source.pdbx_wavelength_list        ? 
# 
_reflns.entry_id                     464D 
_reflns.observed_criterion_sigma_I   0.0 
_reflns.observed_criterion_sigma_F   ? 
_reflns.d_resolution_low             15.0 
_reflns.d_resolution_high            1.23 
_reflns.number_obs                   64180 
_reflns.number_all                   64180 
_reflns.percent_possible_obs         82.8 
_reflns.pdbx_Rmerge_I_obs            0.05 
_reflns.pdbx_Rsym_value              ? 
_reflns.pdbx_netI_over_sigmaI        ? 
_reflns.B_iso_Wilson_estimate        ? 
_reflns.pdbx_redundancy              3.4 
_reflns.R_free_details               ? 
_reflns.pdbx_diffrn_id               1 
_reflns.pdbx_ordinal                 1 
# 
_reflns_shell.d_res_high             1.23 
_reflns_shell.d_res_low              1.24 
_reflns_shell.percent_possible_all   32.1 
_reflns_shell.Rmerge_I_obs           0.308 
_reflns_shell.pdbx_Rsym_value        ? 
_reflns_shell.meanI_over_sigI_obs    ? 
_reflns_shell.pdbx_redundancy        ? 
_reflns_shell.percent_possible_obs   ? 
_reflns_shell.number_unique_all      ? 
_reflns_shell.pdbx_diffrn_id         ? 
_reflns_shell.pdbx_ordinal           1 
# 
_refine.entry_id                                 464D 
_refine.ls_number_reflns_obs                     18337 
_refine.ls_number_reflns_all                     18337 
_refine.pdbx_ls_sigma_I                          ? 
_refine.pdbx_ls_sigma_F                          0.0 
_refine.pdbx_data_cutoff_high_absF               ? 
_refine.pdbx_data_cutoff_low_absF                ? 
_refine.pdbx_data_cutoff_high_rms_absF           ? 
_refine.ls_d_res_low                             15.0 
_refine.ls_d_res_high                            1.23 
_refine.ls_percent_reflns_obs                    96.7 
_refine.ls_R_factor_obs                          0.129 
_refine.ls_R_factor_all                          0.129 
_refine.ls_R_factor_R_work                       0.127 
_refine.ls_R_factor_R_free                       0.1933 
_refine.ls_R_factor_R_free_error                 ? 
_refine.ls_R_factor_R_free_error_details         ? 
_refine.ls_percent_reflns_R_free                 5.1 
_refine.ls_number_reflns_R_free                  955 
_refine.ls_number_parameters                     6709 
_refine.ls_number_restraints                     21012 
_refine.occupancy_min                            ? 
_refine.occupancy_max                            ? 
_refine.B_iso_mean                               ? 
_refine.aniso_B[1][1]                            ? 
_refine.aniso_B[2][2]                            ? 
_refine.aniso_B[3][3]                            ? 
_refine.aniso_B[1][2]                            ? 
_refine.aniso_B[1][3]                            ? 
_refine.aniso_B[2][3]                            ? 
_refine.solvent_model_details                    'MOEWS & KRETSINGER, J.MOL.BIOL. 91 (1973) 201-228' 
_refine.solvent_model_param_ksol                 ? 
_refine.solvent_model_param_bsol                 ? 
_refine.pdbx_ls_cross_valid_method               THROUGHOUT 
_refine.details                                  ? 
_refine.pdbx_starting_model                      ? 
_refine.pdbx_method_to_determine_struct          ? 
_refine.pdbx_isotropic_thermal_model             ? 
_refine.pdbx_stereochemistry_target_values       'PARKINSON ET AL.' 
_refine.pdbx_stereochem_target_val_spec_case     ? 
_refine.pdbx_R_Free_selection_details            'THIN RESOLUTION SHELLS' 
_refine.pdbx_overall_ESU_R                       ? 
_refine.pdbx_overall_ESU_R_Free                  ? 
_refine.overall_SU_ML                            ? 
_refine.overall_SU_B                             ? 
_refine.ls_redundancy_reflns_obs                 ? 
_refine.correlation_coeff_Fo_to_Fc               ? 
_refine.correlation_coeff_Fo_to_Fc_free          ? 
_refine.pdbx_solvent_vdw_probe_radii             ? 
_refine.pdbx_solvent_ion_probe_radii             ? 
_refine.pdbx_solvent_shrinkage_radii             ? 
_refine.overall_SU_R_Cruickshank_DPI             ? 
_refine.overall_SU_R_free                        ? 
_refine.pdbx_refine_id                           'X-RAY DIFFRACTION' 
_refine.pdbx_diffrn_id                           1 
_refine.pdbx_TLS_residual_ADP_flag               ? 
_refine.pdbx_overall_phase_error                 ? 
_refine.pdbx_overall_SU_R_free_Cruickshank_DPI   ? 
_refine.pdbx_overall_SU_R_Blow_DPI               ? 
_refine.pdbx_overall_SU_R_free_Blow_DPI          ? 
# 
_refine_hist.pdbx_refine_id                   'X-RAY DIFFRACTION' 
_refine_hist.cycle_id                         LAST 
_refine_hist.pdbx_number_atoms_protein        0 
_refine_hist.pdbx_number_atoms_nucleic_acid   586 
_refine_hist.pdbx_number_atoms_ligand         4 
_refine_hist.number_atoms_solvent             155 
_refine_hist.number_atoms_total               745 
_refine_hist.d_res_high                       1.23 
_refine_hist.d_res_low                        15.0 
# 
loop_
_refine_ls_restr.type 
_refine_ls_restr.dev_ideal 
_refine_ls_restr.dev_ideal_target 
_refine_ls_restr.weight 
_refine_ls_restr.number 
_refine_ls_restr.pdbx_refine_id 
_refine_ls_restr.pdbx_restraint_function 
s_bond_d               0.029 ? ? ? 'X-RAY DIFFRACTION' ? 
s_angle_d              0.018 ? ? ? 'X-RAY DIFFRACTION' ? 
s_similar_dist         0.019 ? ? ? 'X-RAY DIFFRACTION' ? 
s_from_restr_planes    0.032 ? ? ? 'X-RAY DIFFRACTION' ? 
s_zero_chiral_vol      0.000 ? ? ? 'X-RAY DIFFRACTION' ? 
s_non_zero_chiral_vol  0.012 ? ? ? 'X-RAY DIFFRACTION' ? 
s_anti_bump_dis_restr  0.006 ? ? ? 'X-RAY DIFFRACTION' ? 
s_rigid_bond_adp_cmpnt 0.012 ? ? ? 'X-RAY DIFFRACTION' ? 
s_similar_adp_cmpnt    0.041 ? ? ? 'X-RAY DIFFRACTION' ? 
s_approx_iso_adps      0.092 ? ? ? 'X-RAY DIFFRACTION' ? 
# 
_pdbx_refine.entry_id                                    464D 
_pdbx_refine.R_factor_all_no_cutoff                      ? 
_pdbx_refine.R_factor_obs_no_cutoff                      ? 
_pdbx_refine.free_R_factor_no_cutoff                     ? 
_pdbx_refine.free_R_val_test_set_size_perc_no_cutoff     ? 
_pdbx_refine.free_R_val_test_set_ct_no_cutoff            ? 
_pdbx_refine.R_factor_all_4sig_cutoff                    0.127 
_pdbx_refine.R_factor_obs_4sig_cutoff                    0.125 
_pdbx_refine.free_R_factor_4sig_cutoff                   0.193 
_pdbx_refine.free_R_val_test_set_size_perc_4sig_cutoff   ? 
_pdbx_refine.free_R_val_test_set_ct_4sig_cutoff          927 
_pdbx_refine.number_reflns_obs_4sig_cutoff               17400 
_pdbx_refine.number_reflns_obs_no_cutoff                 ? 
_pdbx_refine.pdbx_refine_id                              'X-RAY DIFFRACTION' 
_pdbx_refine.free_R_error_no_cutoff                      ? 
# 
_struct.entry_id                  464D 
_struct.title                     'DISORDER AND TWIN REFINEMENT OF RNA HEPTAMER DOUBLE HELIX' 
_struct.pdbx_model_details        ? 
_struct.pdbx_CASP_flag            ? 
_struct.pdbx_model_type_details   ? 
# 
_struct_keywords.entry_id        464D 
_struct_keywords.pdbx_keywords   RNA 
_struct_keywords.text            '7 BASE-PAIR TRNA ALA ACCEPTOR STEM, DOUBLE HELIX, RIBONUCLEIC ACID, DISORDERED MODEL, RNA' 
# 
loop_
_struct_asym.id 
_struct_asym.pdbx_blank_PDB_chainid_flag 
_struct_asym.pdbx_modified 
_struct_asym.entity_id 
_struct_asym.details 
A N N 1 ? 
B N N 2 ? 
C N N 1 ? 
D N N 2 ? 
E N N 3 ? 
F N N 4 ? 
G N N 5 ? 
H N N 5 ? 
I N N 5 ? 
J N N 5 ? 
# 
loop_
_struct_ref.id 
_struct_ref.entity_id 
_struct_ref.db_name 
_struct_ref.db_code 
_struct_ref.pdbx_db_accession 
_struct_ref.pdbx_db_isoform 
_struct_ref.pdbx_seq_one_letter_code 
_struct_ref.pdbx_align_begin 
1 1 PDB 464D 464D ? ? ? 
2 2 PDB 464D 464D ? ? ? 
# 
loop_
_struct_ref_seq.align_id 
_struct_ref_seq.ref_id 
_struct_ref_seq.pdbx_PDB_id_code 
_struct_ref_seq.pdbx_strand_id 
_struct_ref_seq.seq_align_beg 
_struct_ref_seq.pdbx_seq_align_beg_ins_code 
_struct_ref_seq.seq_align_end 
_struct_ref_seq.pdbx_seq_align_end_ins_code 
_struct_ref_seq.pdbx_db_accession 
_struct_ref_seq.db_align_beg 
_struct_ref_seq.pdbx_db_align_beg_ins_code 
_struct_ref_seq.db_align_end 
_struct_ref_seq.pdbx_db_align_end_ins_code 
_struct_ref_seq.pdbx_auth_seq_align_beg 
_struct_ref_seq.pdbx_auth_seq_align_end 
1 1 464D A 1 ? 7 ? 464D 1 ? 7  ? 1 7  
2 2 464D B 1 ? 7 ? 464D 8 ? 14 ? 8 14 
3 1 464D C 1 ? 7 ? 464D 1 ? 7  ? 1 7  
4 2 464D D 1 ? 7 ? 464D 8 ? 14 ? 8 14 
# 
loop_
_pdbx_struct_assembly.id 
_pdbx_struct_assembly.details 
_pdbx_struct_assembly.method_details 
_pdbx_struct_assembly.oligomeric_details 
_pdbx_struct_assembly.oligomeric_count 
1 author_defined_assembly ? dimeric 2 
2 author_defined_assembly ? dimeric 2 
# 
loop_
_pdbx_struct_assembly_gen.assembly_id 
_pdbx_struct_assembly_gen.oper_expression 
_pdbx_struct_assembly_gen.asym_id_list 
1 1 A,B,E,F,G,H 
2 1 C,D,I,J     
# 
_pdbx_struct_oper_list.id                   1 
_pdbx_struct_oper_list.type                 'identity operation' 
_pdbx_struct_oper_list.name                 1_555 
_pdbx_struct_oper_list.symmetry_operation   x,y,z 
_pdbx_struct_oper_list.matrix[1][1]         1.0000000000 
_pdbx_struct_oper_list.matrix[1][2]         0.0000000000 
_pdbx_struct_oper_list.matrix[1][3]         0.0000000000 
_pdbx_struct_oper_list.vector[1]            0.0000000000 
_pdbx_struct_oper_list.matrix[2][1]         0.0000000000 
_pdbx_struct_oper_list.matrix[2][2]         1.0000000000 
_pdbx_struct_oper_list.matrix[2][3]         0.0000000000 
_pdbx_struct_oper_list.vector[2]            0.0000000000 
_pdbx_struct_oper_list.matrix[3][1]         0.0000000000 
_pdbx_struct_oper_list.matrix[3][2]         0.0000000000 
_pdbx_struct_oper_list.matrix[3][3]         1.0000000000 
_pdbx_struct_oper_list.vector[3]            0.0000000000 
# 
loop_
_struct_biol.id 
_struct_biol.pdbx_parent_biol_id 
_struct_biol.details 
1 ? ? 
2 ? ? 
# 
loop_
_struct_conn.id 
_struct_conn.conn_type_id 
_struct_conn.pdbx_leaving_atom_flag 
_struct_conn.pdbx_PDB_id 
_struct_conn.ptnr1_label_asym_id 
_struct_conn.ptnr1_label_comp_id 
_struct_conn.ptnr1_label_seq_id 
_struct_conn.ptnr1_label_atom_id 
_struct_conn.pdbx_ptnr1_label_alt_id 
_struct_conn.pdbx_ptnr1_PDB_ins_code 
_struct_conn.pdbx_ptnr1_standard_comp_id 
_struct_conn.ptnr1_symmetry 
_struct_conn.ptnr2_label_asym_id 
_struct_conn.ptnr2_label_comp_id 
_struct_conn.ptnr2_label_seq_id 
_struct_conn.ptnr2_label_atom_id 
_struct_conn.pdbx_ptnr2_label_alt_id 
_struct_conn.pdbx_ptnr2_PDB_ins_code 
_struct_conn.ptnr1_auth_asym_id 
_struct_conn.ptnr1_auth_comp_id 
_struct_conn.ptnr1_auth_seq_id 
_struct_conn.ptnr2_auth_asym_id 
_struct_conn.ptnr2_auth_comp_id 
_struct_conn.ptnr2_auth_seq_id 
_struct_conn.ptnr2_symmetry 
_struct_conn.pdbx_ptnr3_label_atom_id 
_struct_conn.pdbx_ptnr3_label_seq_id 
_struct_conn.pdbx_ptnr3_label_comp_id 
_struct_conn.pdbx_ptnr3_label_asym_id 
_struct_conn.pdbx_ptnr3_label_alt_id 
_struct_conn.pdbx_ptnr3_PDB_ins_code 
_struct_conn.details 
_struct_conn.pdbx_dist_value 
_struct_conn.pdbx_value_order 
_struct_conn.pdbx_role 
covale1  covale both ? B C  5 "O3'" ? ? ? 1_555 B IU  6 P  ? ? B C  12  B IU  13   1_555 ? ? ? ? ? ? ?            1.581 ? ? 
covale2  covale both ? B IU 6 "O3'" ? ? ? 1_555 B A   7 P  ? ? B IU 13  B A   14   1_555 ? ? ? ? ? ? ?            1.591 ? ? 
covale3  covale both ? D C  5 "O3'" ? ? ? 1_555 D IU  6 P  ? ? D C  12  D IU  13   1_555 ? ? ? ? ? ? ?            1.590 ? ? 
covale4  covale both ? D IU 6 "O3'" ? ? ? 1_555 D A   7 P  ? ? D IU 13  D A   14   1_555 ? ? ? ? ? ? ?            1.604 ? ? 
metalc1  metalc ?    ? A C  7 "O3'" ? ? ? 1_555 E SR  . SR ? ? A C  7   B SR  101  1_544 ? ? ? ? ? ? ?            2.573 ? ? 
metalc2  metalc ?    ? A C  7 "O2'" ? ? ? 1_555 E SR  . SR ? ? A C  7   B SR  101  1_544 ? ? ? ? ? ? ?            2.777 ? ? 
metalc3  metalc ?    ? B A  7 "O3'" ? ? ? 1_555 E SR  . SR ? ? B A  14  B SR  101  1_555 ? ? ? ? ? ? ?            2.715 ? ? 
metalc4  metalc ?    ? B A  7 "O2'" ? ? ? 1_555 E SR  . SR ? ? B A  14  B SR  101  1_555 ? ? ? ? ? ? ?            2.631 ? ? 
metalc5  metalc ?    ? E SR . SR    ? ? ? 1_555 H HOH . O  ? ? B SR 101 B HOH 1115 1_555 ? ? ? ? ? ? ?            2.651 ? ? 
metalc6  metalc ?    ? E SR . SR    ? ? ? 1_555 H HOH . O  ? ? B SR 101 B HOH 1116 1_555 ? ? ? ? ? ? ?            2.671 ? ? 
metalc7  metalc ?    ? E SR . SR    ? ? ? 1_555 H HOH . O  ? ? B SR 101 B HOH 1118 1_555 ? ? ? ? ? ? ?            2.481 ? ? 
metalc8  metalc ?    ? E SR . SR    ? ? ? 1_555 I HOH . O  ? ? B SR 101 C HOH 1117 1_555 ? ? ? ? ? ? ?            2.659 ? ? 
metalc9  metalc ?    ? F NA . NA    ? ? ? 1_555 H HOH . O  ? ? B NA 102 B HOH 1014 1_555 ? ? ? ? ? ? ?            2.649 ? ? 
metalc10 metalc ?    ? F NA . NA    ? ? ? 1_555 H HOH . O  ? ? B NA 102 B HOH 1045 1_555 ? ? ? ? ? ? ?            2.513 ? ? 
metalc11 metalc ?    ? F NA . NA    ? ? ? 1_555 H HOH . O  ? ? B NA 102 B HOH 1131 1_555 ? ? ? ? ? ? ?            2.330 ? ? 
hydrog1  hydrog ?    ? A U  1 N3    ? ? ? 1_555 B A   7 N1 ? ? A U  1   B A   14   1_555 ? ? ? ? ? ? WATSON-CRICK ?     ? ? 
hydrog2  hydrog ?    ? A U  1 O4    ? ? ? 1_555 B A   7 N6 ? ? A U  1   B A   14   1_555 ? ? ? ? ? ? WATSON-CRICK ?     ? ? 
hydrog3  hydrog ?    ? A A  2 N1    ? ? ? 1_555 B IU  6 N3 ? ? A A  2   B IU  13   1_555 ? ? ? ? ? ? WATSON-CRICK ?     ? ? 
hydrog4  hydrog ?    ? A A  2 N6    ? ? ? 1_555 B IU  6 O4 ? ? A A  2   B IU  13   1_555 ? ? ? ? ? ? WATSON-CRICK ?     ? ? 
hydrog5  hydrog ?    ? A G  3 N1    ? ? ? 1_555 B C   5 N3 ? ? A G  3   B C   12   1_555 ? ? ? ? ? ? WATSON-CRICK ?     ? ? 
hydrog6  hydrog ?    ? A G  3 N2    ? ? ? 1_555 B C   5 O2 ? ? A G  3   B C   12   1_555 ? ? ? ? ? ? WATSON-CRICK ?     ? ? 
hydrog7  hydrog ?    ? A G  3 O6    ? ? ? 1_555 B C   5 N4 ? ? A G  3   B C   12   1_555 ? ? ? ? ? ? WATSON-CRICK ?     ? ? 
hydrog8  hydrog ?    ? A C  4 N3    ? ? ? 1_555 B G   4 N1 ? ? A C  4   B G   11   1_555 ? ? ? ? ? ? WATSON-CRICK ?     ? ? 
hydrog9  hydrog ?    ? A C  4 N4    ? ? ? 1_555 B G   4 O6 ? ? A C  4   B G   11   1_555 ? ? ? ? ? ? WATSON-CRICK ?     ? ? 
hydrog10 hydrog ?    ? A C  4 O2    ? ? ? 1_555 B G   4 N2 ? ? A C  4   B G   11   1_555 ? ? ? ? ? ? WATSON-CRICK ?     ? ? 
hydrog11 hydrog ?    ? A U  5 N3    ? ? ? 1_555 B G   3 O6 ? ? A U  5   B G   10   1_555 ? ? ? ? ? ? TYPE_28_PAIR ?     ? ? 
hydrog12 hydrog ?    ? A U  5 O2    ? ? ? 1_555 B G   3 N1 ? ? A U  5   B G   10   1_555 ? ? ? ? ? ? TYPE_28_PAIR ?     ? ? 
hydrog13 hydrog ?    ? A C  6 N3    ? ? ? 1_555 B G   2 N1 ? ? A C  6   B G   9    1_555 ? ? ? ? ? ? WATSON-CRICK ?     ? ? 
hydrog14 hydrog ?    ? A C  6 N4    ? ? ? 1_555 B G   2 O6 ? ? A C  6   B G   9    1_555 ? ? ? ? ? ? WATSON-CRICK ?     ? ? 
hydrog15 hydrog ?    ? A C  6 O2    ? ? ? 1_555 B G   2 N2 ? ? A C  6   B G   9    1_555 ? ? ? ? ? ? WATSON-CRICK ?     ? ? 
hydrog16 hydrog ?    ? A C  7 N3    ? ? ? 1_555 B G   1 N1 ? ? A C  7   B G   8    1_555 ? ? ? ? ? ? WATSON-CRICK ?     ? ? 
hydrog17 hydrog ?    ? A C  7 N4    ? ? ? 1_555 B G   1 O6 ? ? A C  7   B G   8    1_555 ? ? ? ? ? ? WATSON-CRICK ?     ? ? 
hydrog18 hydrog ?    ? A C  7 O2    ? ? ? 1_555 B G   1 N2 ? ? A C  7   B G   8    1_555 ? ? ? ? ? ? WATSON-CRICK ?     ? ? 
hydrog19 hydrog ?    ? C U  1 N3    ? ? ? 1_555 D A   7 N1 ? ? C U  1   D A   14   1_555 ? ? ? ? ? ? WATSON-CRICK ?     ? ? 
hydrog20 hydrog ?    ? C U  1 O4    ? ? ? 1_555 D A   7 N6 ? ? C U  1   D A   14   1_555 ? ? ? ? ? ? WATSON-CRICK ?     ? ? 
hydrog21 hydrog ?    ? C A  2 N1    ? ? ? 1_555 D IU  6 N3 ? ? C A  2   D IU  13   1_555 ? ? ? ? ? ? WATSON-CRICK ?     ? ? 
hydrog22 hydrog ?    ? C A  2 N6    ? ? ? 1_555 D IU  6 O4 ? ? C A  2   D IU  13   1_555 ? ? ? ? ? ? WATSON-CRICK ?     ? ? 
hydrog23 hydrog ?    ? C G  3 N1    ? ? ? 1_555 D C   5 N3 ? ? C G  3   D C   12   1_555 ? ? ? ? ? ? WATSON-CRICK ?     ? ? 
hydrog24 hydrog ?    ? C G  3 N2    ? ? ? 1_555 D C   5 O2 ? ? C G  3   D C   12   1_555 ? ? ? ? ? ? WATSON-CRICK ?     ? ? 
hydrog25 hydrog ?    ? C G  3 O6    ? ? ? 1_555 D C   5 N4 ? ? C G  3   D C   12   1_555 ? ? ? ? ? ? WATSON-CRICK ?     ? ? 
hydrog26 hydrog ?    ? C C  4 N3    ? ? ? 1_555 D G   4 N1 ? ? C C  4   D G   11   1_555 ? ? ? ? ? ? WATSON-CRICK ?     ? ? 
hydrog27 hydrog ?    ? C C  4 N4    ? ? ? 1_555 D G   4 O6 ? ? C C  4   D G   11   1_555 ? ? ? ? ? ? WATSON-CRICK ?     ? ? 
hydrog28 hydrog ?    ? C C  4 O2    ? ? ? 1_555 D G   4 N2 ? ? C C  4   D G   11   1_555 ? ? ? ? ? ? WATSON-CRICK ?     ? ? 
hydrog29 hydrog ?    ? C U  5 N3    ? ? ? 1_555 D G   3 O6 ? ? C U  5   D G   10   1_555 ? ? ? ? ? ? TYPE_28_PAIR ?     ? ? 
hydrog30 hydrog ?    ? C U  5 O2    ? ? ? 1_555 D G   3 N1 ? ? C U  5   D G   10   1_555 ? ? ? ? ? ? TYPE_28_PAIR ?     ? ? 
hydrog31 hydrog ?    ? C C  6 N3    ? ? ? 1_555 D G   2 N1 ? ? C C  6   D G   9    1_555 ? ? ? ? ? ? WATSON-CRICK ?     ? ? 
hydrog32 hydrog ?    ? C C  6 N4    ? ? ? 1_555 D G   2 O6 ? ? C C  6   D G   9    1_555 ? ? ? ? ? ? WATSON-CRICK ?     ? ? 
hydrog33 hydrog ?    ? C C  6 O2    ? ? ? 1_555 D G   2 N2 ? ? C C  6   D G   9    1_555 ? ? ? ? ? ? WATSON-CRICK ?     ? ? 
hydrog34 hydrog ?    ? C C  7 N3    ? ? ? 1_555 D G   1 N1 ? ? C C  7   D G   8    1_555 ? ? ? ? ? ? WATSON-CRICK ?     ? ? 
hydrog35 hydrog ?    ? C C  7 N4    ? ? ? 1_555 D G   1 O6 ? ? C C  7   D G   8    1_555 ? ? ? ? ? ? WATSON-CRICK ?     ? ? 
hydrog36 hydrog ?    ? C C  7 O2    ? ? ? 1_555 D G   1 N2 ? ? C C  7   D G   8    1_555 ? ? ? ? ? ? WATSON-CRICK ?     ? ? 
# 
loop_
_struct_conn_type.id 
_struct_conn_type.criteria 
_struct_conn_type.reference 
covale ? ? 
metalc ? ? 
hydrog ? ? 
# 
loop_
_pdbx_struct_conn_angle.id 
_pdbx_struct_conn_angle.ptnr1_label_atom_id 
_pdbx_struct_conn_angle.ptnr1_label_alt_id 
_pdbx_struct_conn_angle.ptnr1_label_asym_id 
_pdbx_struct_conn_angle.ptnr1_label_comp_id 
_pdbx_struct_conn_angle.ptnr1_label_seq_id 
_pdbx_struct_conn_angle.ptnr1_auth_atom_id 
_pdbx_struct_conn_angle.ptnr1_auth_asym_id 
_pdbx_struct_conn_angle.ptnr1_auth_comp_id 
_pdbx_struct_conn_angle.ptnr1_auth_seq_id 
_pdbx_struct_conn_angle.ptnr1_PDB_ins_code 
_pdbx_struct_conn_angle.ptnr1_symmetry 
_pdbx_struct_conn_angle.ptnr2_label_atom_id 
_pdbx_struct_conn_angle.ptnr2_label_alt_id 
_pdbx_struct_conn_angle.ptnr2_label_asym_id 
_pdbx_struct_conn_angle.ptnr2_label_comp_id 
_pdbx_struct_conn_angle.ptnr2_label_seq_id 
_pdbx_struct_conn_angle.ptnr2_auth_atom_id 
_pdbx_struct_conn_angle.ptnr2_auth_asym_id 
_pdbx_struct_conn_angle.ptnr2_auth_comp_id 
_pdbx_struct_conn_angle.ptnr2_auth_seq_id 
_pdbx_struct_conn_angle.ptnr2_PDB_ins_code 
_pdbx_struct_conn_angle.ptnr2_symmetry 
_pdbx_struct_conn_angle.ptnr3_label_atom_id 
_pdbx_struct_conn_angle.ptnr3_label_alt_id 
_pdbx_struct_conn_angle.ptnr3_label_asym_id 
_pdbx_struct_conn_angle.ptnr3_label_comp_id 
_pdbx_struct_conn_angle.ptnr3_label_seq_id 
_pdbx_struct_conn_angle.ptnr3_auth_atom_id 
_pdbx_struct_conn_angle.ptnr3_auth_asym_id 
_pdbx_struct_conn_angle.ptnr3_auth_comp_id 
_pdbx_struct_conn_angle.ptnr3_auth_seq_id 
_pdbx_struct_conn_angle.ptnr3_PDB_ins_code 
_pdbx_struct_conn_angle.ptnr3_symmetry 
_pdbx_struct_conn_angle.value 
_pdbx_struct_conn_angle.value_esd 
1  "O3'" ? A C   7 ? A C   7    ? 1_555 SR ? E SR . ? B SR 101 ? 1_544 "O2'" ? A C   7 ? A C   7    ? 1_555 59.0 ? 
2  "O3'" ? A C   7 ? A C   7    ? 1_555 SR ? E SR . ? B SR 101 ? 1_544 "O3'" ? B A   7 ? B A   14   ? 1_555 54.5 ? 
3  "O2'" ? A C   7 ? A C   7    ? 1_555 SR ? E SR . ? B SR 101 ? 1_544 "O3'" ? B A   7 ? B A   14   ? 1_555 22.8 ? 
4  "O3'" ? A C   7 ? A C   7    ? 1_555 SR ? E SR . ? B SR 101 ? 1_544 "O2'" ? B A   7 ? B A   14   ? 1_555 51.7 ? 
5  "O2'" ? A C   7 ? A C   7    ? 1_555 SR ? E SR . ? B SR 101 ? 1_544 "O2'" ? B A   7 ? B A   14   ? 1_555 19.6 ? 
6  "O3'" ? B A   7 ? B A   14   ? 1_555 SR ? E SR . ? B SR 101 ? 1_544 "O2'" ? B A   7 ? B A   14   ? 1_555 4.7  ? 
7  "O3'" ? A C   7 ? A C   7    ? 1_555 SR ? E SR . ? B SR 101 ? 1_544 O     ? H HOH . ? B HOH 1115 ? 1_555 53.8 ? 
8  "O2'" ? A C   7 ? A C   7    ? 1_555 SR ? E SR . ? B SR 101 ? 1_544 O     ? H HOH . ? B HOH 1115 ? 1_555 23.6 ? 
9  "O3'" ? B A   7 ? B A   14   ? 1_555 SR ? E SR . ? B SR 101 ? 1_544 O     ? H HOH . ? B HOH 1115 ? 1_555 1.0  ? 
10 "O2'" ? B A   7 ? B A   14   ? 1_555 SR ? E SR . ? B SR 101 ? 1_544 O     ? H HOH . ? B HOH 1115 ? 1_555 4.9  ? 
11 "O3'" ? A C   7 ? A C   7    ? 1_555 SR ? E SR . ? B SR 101 ? 1_544 O     ? H HOH . ? B HOH 1116 ? 1_555 49.2 ? 
12 "O2'" ? A C   7 ? A C   7    ? 1_555 SR ? E SR . ? B SR 101 ? 1_544 O     ? H HOH . ? B HOH 1116 ? 1_555 18.0 ? 
13 "O3'" ? B A   7 ? B A   14   ? 1_555 SR ? E SR . ? B SR 101 ? 1_544 O     ? H HOH . ? B HOH 1116 ? 1_555 8.3  ? 
14 "O2'" ? B A   7 ? B A   14   ? 1_555 SR ? E SR . ? B SR 101 ? 1_544 O     ? H HOH . ? B HOH 1116 ? 1_555 3.7  ? 
15 O     ? H HOH . ? B HOH 1115 ? 1_555 SR ? E SR . ? B SR 101 ? 1_544 O     ? H HOH . ? B HOH 1116 ? 1_555 8.4  ? 
16 "O3'" ? A C   7 ? A C   7    ? 1_555 SR ? E SR . ? B SR 101 ? 1_544 O     ? H HOH . ? B HOH 1118 ? 1_555 47.9 ? 
17 "O2'" ? A C   7 ? A C   7    ? 1_555 SR ? E SR . ? B SR 101 ? 1_544 O     ? H HOH . ? B HOH 1118 ? 1_555 23.8 ? 
18 "O3'" ? B A   7 ? B A   14   ? 1_555 SR ? E SR . ? B SR 101 ? 1_544 O     ? H HOH . ? B HOH 1118 ? 1_555 6.5  ? 
19 "O2'" ? B A   7 ? B A   14   ? 1_555 SR ? E SR . ? B SR 101 ? 1_544 O     ? H HOH . ? B HOH 1118 ? 1_555 5.0  ? 
20 O     ? H HOH . ? B HOH 1115 ? 1_555 SR ? E SR . ? B SR 101 ? 1_544 O     ? H HOH . ? B HOH 1118 ? 1_555 5.9  ? 
21 O     ? H HOH . ? B HOH 1116 ? 1_555 SR ? E SR . ? B SR 101 ? 1_544 O     ? H HOH . ? B HOH 1118 ? 1_555 5.9  ? 
22 "O3'" ? A C   7 ? A C   7    ? 1_555 SR ? E SR . ? B SR 101 ? 1_544 O     ? I HOH . ? C HOH 1117 ? 1_555 55.2 ? 
23 "O2'" ? A C   7 ? A C   7    ? 1_555 SR ? E SR . ? B SR 101 ? 1_544 O     ? I HOH . ? C HOH 1117 ? 1_555 18.4 ? 
24 "O3'" ? B A   7 ? B A   14   ? 1_555 SR ? E SR . ? B SR 101 ? 1_544 O     ? I HOH . ? C HOH 1117 ? 1_555 4.4  ? 
25 "O2'" ? B A   7 ? B A   14   ? 1_555 SR ? E SR . ? B SR 101 ? 1_544 O     ? I HOH . ? C HOH 1117 ? 1_555 3.5  ? 
26 O     ? H HOH . ? B HOH 1115 ? 1_555 SR ? E SR . ? B SR 101 ? 1_544 O     ? I HOH . ? C HOH 1117 ? 1_555 5.3  ? 
27 O     ? H HOH . ? B HOH 1116 ? 1_555 SR ? E SR . ? B SR 101 ? 1_544 O     ? I HOH . ? C HOH 1117 ? 1_555 6.3  ? 
28 O     ? H HOH . ? B HOH 1118 ? 1_555 SR ? E SR . ? B SR 101 ? 1_544 O     ? I HOH . ? C HOH 1117 ? 1_555 8.2  ? 
29 O     ? H HOH . ? B HOH 1014 ? 1_555 NA ? F NA . ? B NA 102 ? 1_555 O     ? H HOH . ? B HOH 1045 ? 1_555 73.7 ? 
30 O     ? H HOH . ? B HOH 1014 ? 1_555 NA ? F NA . ? B NA 102 ? 1_555 O     ? H HOH . ? B HOH 1131 ? 1_555 77.6 ? 
31 O     ? H HOH . ? B HOH 1045 ? 1_555 NA ? F NA . ? B NA 102 ? 1_555 O     ? H HOH . ? B HOH 1131 ? 1_555 67.8 ? 
# 
loop_
_struct_site.id 
_struct_site.pdbx_evidence_code 
_struct_site.pdbx_auth_asym_id 
_struct_site.pdbx_auth_comp_id 
_struct_site.pdbx_auth_seq_id 
_struct_site.pdbx_auth_ins_code 
_struct_site.pdbx_num_residues 
_struct_site.details 
AC1 Software B SR 101 ? 6 'BINDING SITE FOR RESIDUE SR B 101' 
AC2 Software B NA 102 ? 3 'BINDING SITE FOR RESIDUE NA B 102' 
# 
loop_
_struct_site_gen.id 
_struct_site_gen.site_id 
_struct_site_gen.pdbx_num_res 
_struct_site_gen.label_comp_id 
_struct_site_gen.label_asym_id 
_struct_site_gen.label_seq_id 
_struct_site_gen.pdbx_auth_ins_code 
_struct_site_gen.auth_comp_id 
_struct_site_gen.auth_asym_id 
_struct_site_gen.auth_seq_id 
_struct_site_gen.label_atom_id 
_struct_site_gen.label_alt_id 
_struct_site_gen.symmetry 
_struct_site_gen.details 
1 AC1 6 C   A 7 ? C   A 7    . ? 1_566 ? 
2 AC1 6 A   B 7 ? A   B 14   . ? 1_555 ? 
3 AC1 6 HOH H . ? HOH B 1115 . ? 1_555 ? 
4 AC1 6 HOH H . ? HOH B 1116 . ? 1_555 ? 
5 AC1 6 HOH H . ? HOH B 1118 . ? 1_555 ? 
6 AC1 6 HOH I . ? HOH C 1117 . ? 1_555 ? 
7 AC2 3 HOH H . ? HOH B 1014 . ? 1_555 ? 
8 AC2 3 HOH H . ? HOH B 1045 . ? 1_555 ? 
9 AC2 3 HOH H . ? HOH B 1131 . ? 1_555 ? 
# 
loop_
_pdbx_validate_rmsd_bond.id 
_pdbx_validate_rmsd_bond.PDB_model_num 
_pdbx_validate_rmsd_bond.auth_atom_id_1 
_pdbx_validate_rmsd_bond.auth_asym_id_1 
_pdbx_validate_rmsd_bond.auth_comp_id_1 
_pdbx_validate_rmsd_bond.auth_seq_id_1 
_pdbx_validate_rmsd_bond.PDB_ins_code_1 
_pdbx_validate_rmsd_bond.label_alt_id_1 
_pdbx_validate_rmsd_bond.auth_atom_id_2 
_pdbx_validate_rmsd_bond.auth_asym_id_2 
_pdbx_validate_rmsd_bond.auth_comp_id_2 
_pdbx_validate_rmsd_bond.auth_seq_id_2 
_pdbx_validate_rmsd_bond.PDB_ins_code_2 
_pdbx_validate_rmsd_bond.label_alt_id_2 
_pdbx_validate_rmsd_bond.bond_value 
_pdbx_validate_rmsd_bond.bond_target_value 
_pdbx_validate_rmsd_bond.bond_deviation 
_pdbx_validate_rmsd_bond.bond_standard_deviation 
_pdbx_validate_rmsd_bond.linker_flag 
1 1 "C2'" A U 1  ? ? "C1'" A U 1  ? ? 1.475 1.526 -0.051 0.008 N 
2 1 "C2'" A G 3  ? ? "C1'" A G 3  ? ? 1.452 1.526 -0.074 0.008 N 
3 1 "C2'" A C 6  ? ? "C1'" A C 6  ? ? 1.471 1.526 -0.055 0.008 N 
4 1 "C2'" B C 12 ? ? "C1'" B C 12 ? ? 1.468 1.526 -0.058 0.008 N 
5 1 "C5'" C A 2  ? ? "C4'" C A 2  ? ? 1.451 1.508 -0.057 0.007 N 
6 1 "C2'" C C 4  ? ? "C1'" C C 4  ? ? 1.468 1.526 -0.058 0.008 N 
7 1 "C2'" C C 7  ? ? "C1'" C C 7  ? ? 1.477 1.526 -0.049 0.008 N 
8 1 "C2'" D G 8  ? ? "C1'" D G 8  ? ? 1.460 1.526 -0.066 0.008 N 
9 1 "C5'" D G 10 ? ? "C4'" D G 10 ? ? 1.442 1.508 -0.066 0.007 N 
# 
loop_
_pdbx_validate_rmsd_angle.id 
_pdbx_validate_rmsd_angle.PDB_model_num 
_pdbx_validate_rmsd_angle.auth_atom_id_1 
_pdbx_validate_rmsd_angle.auth_asym_id_1 
_pdbx_validate_rmsd_angle.auth_comp_id_1 
_pdbx_validate_rmsd_angle.auth_seq_id_1 
_pdbx_validate_rmsd_angle.PDB_ins_code_1 
_pdbx_validate_rmsd_angle.label_alt_id_1 
_pdbx_validate_rmsd_angle.auth_atom_id_2 
_pdbx_validate_rmsd_angle.auth_asym_id_2 
_pdbx_validate_rmsd_angle.auth_comp_id_2 
_pdbx_validate_rmsd_angle.auth_seq_id_2 
_pdbx_validate_rmsd_angle.PDB_ins_code_2 
_pdbx_validate_rmsd_angle.label_alt_id_2 
_pdbx_validate_rmsd_angle.auth_atom_id_3 
_pdbx_validate_rmsd_angle.auth_asym_id_3 
_pdbx_validate_rmsd_angle.auth_comp_id_3 
_pdbx_validate_rmsd_angle.auth_seq_id_3 
_pdbx_validate_rmsd_angle.PDB_ins_code_3 
_pdbx_validate_rmsd_angle.label_alt_id_3 
_pdbx_validate_rmsd_angle.angle_value 
_pdbx_validate_rmsd_angle.angle_target_value 
_pdbx_validate_rmsd_angle.angle_deviation 
_pdbx_validate_rmsd_angle.angle_standard_deviation 
_pdbx_validate_rmsd_angle.linker_flag 
1 1 C6    A G 3  ? ? C5    A G 3  ? ? N7    A G 3  ? ? 126.69 130.40 -3.71 0.60 N 
2 1 N1    A G 3  ? ? C6    A G 3  ? ? O6    A G 3  ? ? 125.47 119.90 5.57  0.60 N 
3 1 C5    A G 3  ? ? C6    A G 3  ? ? O6    A G 3  ? ? 124.50 128.60 -4.10 0.60 N 
4 1 N3    C U 1  ? ? C2    C U 1  ? ? O2    C U 1  ? ? 117.99 122.20 -4.21 0.70 N 
5 1 C4    C C 4  ? ? C5    C C 4  ? ? C6    C C 4  ? ? 120.44 117.40 3.04  0.50 N 
6 1 C5    D G 9  ? ? C6    D G 9  ? ? O6    D G 9  ? ? 124.99 128.60 -3.61 0.60 N 
7 1 "C4'" D G 10 ? ? "C3'" D G 10 ? ? "C2'" D G 10 ? ? 95.66  102.60 -6.94 1.00 N 
8 1 N1    D G 11 ? ? C6    D G 11 ? ? O6    D G 11 ? ? 125.38 119.90 5.48  0.60 N 
9 1 C5    D G 11 ? ? C6    D G 11 ? ? O6    D G 11 ? ? 123.36 128.60 -5.24 0.60 N 
# 
loop_
_pdbx_struct_mod_residue.id 
_pdbx_struct_mod_residue.label_asym_id 
_pdbx_struct_mod_residue.label_comp_id 
_pdbx_struct_mod_residue.label_seq_id 
_pdbx_struct_mod_residue.auth_asym_id 
_pdbx_struct_mod_residue.auth_comp_id 
_pdbx_struct_mod_residue.auth_seq_id 
_pdbx_struct_mod_residue.PDB_ins_code 
_pdbx_struct_mod_residue.parent_comp_id 
_pdbx_struct_mod_residue.details 
1 B IU 6 B IU 13 ? U "5-IODOURIDINE-5'-MONOPHOSPHATE" 
2 D IU 6 D IU 13 ? U "5-IODOURIDINE-5'-MONOPHOSPHATE" 
# 
loop_
_chem_comp_atom.comp_id 
_chem_comp_atom.atom_id 
_chem_comp_atom.type_symbol 
_chem_comp_atom.pdbx_aromatic_flag 
_chem_comp_atom.pdbx_stereo_config 
_chem_comp_atom.pdbx_ordinal 
A   OP3    O  N N 1   
A   P      P  N N 2   
A   OP1    O  N N 3   
A   OP2    O  N N 4   
A   "O5'"  O  N N 5   
A   "C5'"  C  N N 6   
A   "C4'"  C  N R 7   
A   "O4'"  O  N N 8   
A   "C3'"  C  N S 9   
A   "O3'"  O  N N 10  
A   "C2'"  C  N R 11  
A   "O2'"  O  N N 12  
A   "C1'"  C  N R 13  
A   N9     N  Y N 14  
A   C8     C  Y N 15  
A   N7     N  Y N 16  
A   C5     C  Y N 17  
A   C6     C  Y N 18  
A   N6     N  N N 19  
A   N1     N  Y N 20  
A   C2     C  Y N 21  
A   N3     N  Y N 22  
A   C4     C  Y N 23  
A   HOP3   H  N N 24  
A   HOP2   H  N N 25  
A   "H5'"  H  N N 26  
A   "H5''" H  N N 27  
A   "H4'"  H  N N 28  
A   "H3'"  H  N N 29  
A   "HO3'" H  N N 30  
A   "H2'"  H  N N 31  
A   "HO2'" H  N N 32  
A   "H1'"  H  N N 33  
A   H8     H  N N 34  
A   H61    H  N N 35  
A   H62    H  N N 36  
A   H2     H  N N 37  
C   OP3    O  N N 38  
C   P      P  N N 39  
C   OP1    O  N N 40  
C   OP2    O  N N 41  
C   "O5'"  O  N N 42  
C   "C5'"  C  N N 43  
C   "C4'"  C  N R 44  
C   "O4'"  O  N N 45  
C   "C3'"  C  N S 46  
C   "O3'"  O  N N 47  
C   "C2'"  C  N R 48  
C   "O2'"  O  N N 49  
C   "C1'"  C  N R 50  
C   N1     N  N N 51  
C   C2     C  N N 52  
C   O2     O  N N 53  
C   N3     N  N N 54  
C   C4     C  N N 55  
C   N4     N  N N 56  
C   C5     C  N N 57  
C   C6     C  N N 58  
C   HOP3   H  N N 59  
C   HOP2   H  N N 60  
C   "H5'"  H  N N 61  
C   "H5''" H  N N 62  
C   "H4'"  H  N N 63  
C   "H3'"  H  N N 64  
C   "HO3'" H  N N 65  
C   "H2'"  H  N N 66  
C   "HO2'" H  N N 67  
C   "H1'"  H  N N 68  
C   H41    H  N N 69  
C   H42    H  N N 70  
C   H5     H  N N 71  
C   H6     H  N N 72  
G   OP3    O  N N 73  
G   P      P  N N 74  
G   OP1    O  N N 75  
G   OP2    O  N N 76  
G   "O5'"  O  N N 77  
G   "C5'"  C  N N 78  
G   "C4'"  C  N R 79  
G   "O4'"  O  N N 80  
G   "C3'"  C  N S 81  
G   "O3'"  O  N N 82  
G   "C2'"  C  N R 83  
G   "O2'"  O  N N 84  
G   "C1'"  C  N R 85  
G   N9     N  Y N 86  
G   C8     C  Y N 87  
G   N7     N  Y N 88  
G   C5     C  Y N 89  
G   C6     C  N N 90  
G   O6     O  N N 91  
G   N1     N  N N 92  
G   C2     C  N N 93  
G   N2     N  N N 94  
G   N3     N  N N 95  
G   C4     C  Y N 96  
G   HOP3   H  N N 97  
G   HOP2   H  N N 98  
G   "H5'"  H  N N 99  
G   "H5''" H  N N 100 
G   "H4'"  H  N N 101 
G   "H3'"  H  N N 102 
G   "HO3'" H  N N 103 
G   "H2'"  H  N N 104 
G   "HO2'" H  N N 105 
G   "H1'"  H  N N 106 
G   H8     H  N N 107 
G   H1     H  N N 108 
G   H21    H  N N 109 
G   H22    H  N N 110 
HOH O      O  N N 111 
HOH H1     H  N N 112 
HOH H2     H  N N 113 
IU  P      P  N N 114 
IU  OP1    O  N N 115 
IU  OP2    O  N N 116 
IU  OP3    O  N N 117 
IU  "O5'"  O  N N 118 
IU  "C5'"  C  N N 119 
IU  "C4'"  C  N R 120 
IU  "O4'"  O  N N 121 
IU  "C3'"  C  N S 122 
IU  "O3'"  O  N N 123 
IU  "C2'"  C  N R 124 
IU  "O2'"  O  N N 125 
IU  "C1'"  C  N R 126 
IU  N1     N  N N 127 
IU  C2     C  N N 128 
IU  O2     O  N N 129 
IU  N3     N  N N 130 
IU  C4     C  N N 131 
IU  O4     O  N N 132 
IU  C5     C  N N 133 
IU  C6     C  N N 134 
IU  I5     I  N N 135 
IU  HOP2   H  N N 136 
IU  HOP3   H  N N 137 
IU  "H5'"  H  N N 138 
IU  "H5''" H  N N 139 
IU  "H4'"  H  N N 140 
IU  "H3'"  H  N N 141 
IU  "HO3'" H  N N 142 
IU  "H2'"  H  N N 143 
IU  "HO2'" H  N N 144 
IU  "H1'"  H  N N 145 
IU  H3     H  N N 146 
IU  H6     H  N N 147 
NA  NA     NA N N 148 
SR  SR     SR N N 149 
U   OP3    O  N N 150 
U   P      P  N N 151 
U   OP1    O  N N 152 
U   OP2    O  N N 153 
U   "O5'"  O  N N 154 
U   "C5'"  C  N N 155 
U   "C4'"  C  N R 156 
U   "O4'"  O  N N 157 
U   "C3'"  C  N S 158 
U   "O3'"  O  N N 159 
U   "C2'"  C  N R 160 
U   "O2'"  O  N N 161 
U   "C1'"  C  N R 162 
U   N1     N  N N 163 
U   C2     C  N N 164 
U   O2     O  N N 165 
U   N3     N  N N 166 
U   C4     C  N N 167 
U   O4     O  N N 168 
U   C5     C  N N 169 
U   C6     C  N N 170 
U   HOP3   H  N N 171 
U   HOP2   H  N N 172 
U   "H5'"  H  N N 173 
U   "H5''" H  N N 174 
U   "H4'"  H  N N 175 
U   "H3'"  H  N N 176 
U   "HO3'" H  N N 177 
U   "H2'"  H  N N 178 
U   "HO2'" H  N N 179 
U   "H1'"  H  N N 180 
U   H3     H  N N 181 
U   H5     H  N N 182 
U   H6     H  N N 183 
# 
loop_
_chem_comp_bond.comp_id 
_chem_comp_bond.atom_id_1 
_chem_comp_bond.atom_id_2 
_chem_comp_bond.value_order 
_chem_comp_bond.pdbx_aromatic_flag 
_chem_comp_bond.pdbx_stereo_config 
_chem_comp_bond.pdbx_ordinal 
A   OP3   P      sing N N 1   
A   OP3   HOP3   sing N N 2   
A   P     OP1    doub N N 3   
A   P     OP2    sing N N 4   
A   P     "O5'"  sing N N 5   
A   OP2   HOP2   sing N N 6   
A   "O5'" "C5'"  sing N N 7   
A   "C5'" "C4'"  sing N N 8   
A   "C5'" "H5'"  sing N N 9   
A   "C5'" "H5''" sing N N 10  
A   "C4'" "O4'"  sing N N 11  
A   "C4'" "C3'"  sing N N 12  
A   "C4'" "H4'"  sing N N 13  
A   "O4'" "C1'"  sing N N 14  
A   "C3'" "O3'"  sing N N 15  
A   "C3'" "C2'"  sing N N 16  
A   "C3'" "H3'"  sing N N 17  
A   "O3'" "HO3'" sing N N 18  
A   "C2'" "O2'"  sing N N 19  
A   "C2'" "C1'"  sing N N 20  
A   "C2'" "H2'"  sing N N 21  
A   "O2'" "HO2'" sing N N 22  
A   "C1'" N9     sing N N 23  
A   "C1'" "H1'"  sing N N 24  
A   N9    C8     sing Y N 25  
A   N9    C4     sing Y N 26  
A   C8    N7     doub Y N 27  
A   C8    H8     sing N N 28  
A   N7    C5     sing Y N 29  
A   C5    C6     sing Y N 30  
A   C5    C4     doub Y N 31  
A   C6    N6     sing N N 32  
A   C6    N1     doub Y N 33  
A   N6    H61    sing N N 34  
A   N6    H62    sing N N 35  
A   N1    C2     sing Y N 36  
A   C2    N3     doub Y N 37  
A   C2    H2     sing N N 38  
A   N3    C4     sing Y N 39  
C   OP3   P      sing N N 40  
C   OP3   HOP3   sing N N 41  
C   P     OP1    doub N N 42  
C   P     OP2    sing N N 43  
C   P     "O5'"  sing N N 44  
C   OP2   HOP2   sing N N 45  
C   "O5'" "C5'"  sing N N 46  
C   "C5'" "C4'"  sing N N 47  
C   "C5'" "H5'"  sing N N 48  
C   "C5'" "H5''" sing N N 49  
C   "C4'" "O4'"  sing N N 50  
C   "C4'" "C3'"  sing N N 51  
C   "C4'" "H4'"  sing N N 52  
C   "O4'" "C1'"  sing N N 53  
C   "C3'" "O3'"  sing N N 54  
C   "C3'" "C2'"  sing N N 55  
C   "C3'" "H3'"  sing N N 56  
C   "O3'" "HO3'" sing N N 57  
C   "C2'" "O2'"  sing N N 58  
C   "C2'" "C1'"  sing N N 59  
C   "C2'" "H2'"  sing N N 60  
C   "O2'" "HO2'" sing N N 61  
C   "C1'" N1     sing N N 62  
C   "C1'" "H1'"  sing N N 63  
C   N1    C2     sing N N 64  
C   N1    C6     sing N N 65  
C   C2    O2     doub N N 66  
C   C2    N3     sing N N 67  
C   N3    C4     doub N N 68  
C   C4    N4     sing N N 69  
C   C4    C5     sing N N 70  
C   N4    H41    sing N N 71  
C   N4    H42    sing N N 72  
C   C5    C6     doub N N 73  
C   C5    H5     sing N N 74  
C   C6    H6     sing N N 75  
G   OP3   P      sing N N 76  
G   OP3   HOP3   sing N N 77  
G   P     OP1    doub N N 78  
G   P     OP2    sing N N 79  
G   P     "O5'"  sing N N 80  
G   OP2   HOP2   sing N N 81  
G   "O5'" "C5'"  sing N N 82  
G   "C5'" "C4'"  sing N N 83  
G   "C5'" "H5'"  sing N N 84  
G   "C5'" "H5''" sing N N 85  
G   "C4'" "O4'"  sing N N 86  
G   "C4'" "C3'"  sing N N 87  
G   "C4'" "H4'"  sing N N 88  
G   "O4'" "C1'"  sing N N 89  
G   "C3'" "O3'"  sing N N 90  
G   "C3'" "C2'"  sing N N 91  
G   "C3'" "H3'"  sing N N 92  
G   "O3'" "HO3'" sing N N 93  
G   "C2'" "O2'"  sing N N 94  
G   "C2'" "C1'"  sing N N 95  
G   "C2'" "H2'"  sing N N 96  
G   "O2'" "HO2'" sing N N 97  
G   "C1'" N9     sing N N 98  
G   "C1'" "H1'"  sing N N 99  
G   N9    C8     sing Y N 100 
G   N9    C4     sing Y N 101 
G   C8    N7     doub Y N 102 
G   C8    H8     sing N N 103 
G   N7    C5     sing Y N 104 
G   C5    C6     sing N N 105 
G   C5    C4     doub Y N 106 
G   C6    O6     doub N N 107 
G   C6    N1     sing N N 108 
G   N1    C2     sing N N 109 
G   N1    H1     sing N N 110 
G   C2    N2     sing N N 111 
G   C2    N3     doub N N 112 
G   N2    H21    sing N N 113 
G   N2    H22    sing N N 114 
G   N3    C4     sing N N 115 
HOH O     H1     sing N N 116 
HOH O     H2     sing N N 117 
IU  P     OP1    doub N N 118 
IU  P     OP2    sing N N 119 
IU  P     OP3    sing N N 120 
IU  P     "O5'"  sing N N 121 
IU  OP2   HOP2   sing N N 122 
IU  OP3   HOP3   sing N N 123 
IU  "O5'" "C5'"  sing N N 124 
IU  "C5'" "C4'"  sing N N 125 
IU  "C5'" "H5'"  sing N N 126 
IU  "C5'" "H5''" sing N N 127 
IU  "C4'" "O4'"  sing N N 128 
IU  "C4'" "C3'"  sing N N 129 
IU  "C4'" "H4'"  sing N N 130 
IU  "O4'" "C1'"  sing N N 131 
IU  "C3'" "O3'"  sing N N 132 
IU  "C3'" "C2'"  sing N N 133 
IU  "C3'" "H3'"  sing N N 134 
IU  "O3'" "HO3'" sing N N 135 
IU  "C2'" "O2'"  sing N N 136 
IU  "C2'" "C1'"  sing N N 137 
IU  "C2'" "H2'"  sing N N 138 
IU  "O2'" "HO2'" sing N N 139 
IU  "C1'" N1     sing N N 140 
IU  "C1'" "H1'"  sing N N 141 
IU  N1    C2     sing N N 142 
IU  N1    C6     sing N N 143 
IU  C2    O2     doub N N 144 
IU  C2    N3     sing N N 145 
IU  N3    C4     sing N N 146 
IU  N3    H3     sing N N 147 
IU  C4    O4     doub N N 148 
IU  C4    C5     sing N N 149 
IU  C5    C6     doub N N 150 
IU  C5    I5     sing N N 151 
IU  C6    H6     sing N N 152 
U   OP3   P      sing N N 153 
U   OP3   HOP3   sing N N 154 
U   P     OP1    doub N N 155 
U   P     OP2    sing N N 156 
U   P     "O5'"  sing N N 157 
U   OP2   HOP2   sing N N 158 
U   "O5'" "C5'"  sing N N 159 
U   "C5'" "C4'"  sing N N 160 
U   "C5'" "H5'"  sing N N 161 
U   "C5'" "H5''" sing N N 162 
U   "C4'" "O4'"  sing N N 163 
U   "C4'" "C3'"  sing N N 164 
U   "C4'" "H4'"  sing N N 165 
U   "O4'" "C1'"  sing N N 166 
U   "C3'" "O3'"  sing N N 167 
U   "C3'" "C2'"  sing N N 168 
U   "C3'" "H3'"  sing N N 169 
U   "O3'" "HO3'" sing N N 170 
U   "C2'" "O2'"  sing N N 171 
U   "C2'" "C1'"  sing N N 172 
U   "C2'" "H2'"  sing N N 173 
U   "O2'" "HO2'" sing N N 174 
U   "C1'" N1     sing N N 175 
U   "C1'" "H1'"  sing N N 176 
U   N1    C2     sing N N 177 
U   N1    C6     sing N N 178 
U   C2    O2     doub N N 179 
U   C2    N3     sing N N 180 
U   N3    C4     sing N N 181 
U   N3    H3     sing N N 182 
U   C4    O4     doub N N 183 
U   C4    C5     sing N N 184 
U   C5    C6     doub N N 185 
U   C5    H5     sing N N 186 
U   C6    H6     sing N N 187 
# 
loop_
_ndb_struct_conf_na.entry_id 
_ndb_struct_conf_na.feature 
464D 'double helix'         
464D 'a-form double helix'  
464D 'mismatched base pair' 
# 
loop_
_ndb_struct_na_base_pair.model_number 
_ndb_struct_na_base_pair.i_label_asym_id 
_ndb_struct_na_base_pair.i_label_comp_id 
_ndb_struct_na_base_pair.i_label_seq_id 
_ndb_struct_na_base_pair.i_symmetry 
_ndb_struct_na_base_pair.j_label_asym_id 
_ndb_struct_na_base_pair.j_label_comp_id 
_ndb_struct_na_base_pair.j_label_seq_id 
_ndb_struct_na_base_pair.j_symmetry 
_ndb_struct_na_base_pair.shear 
_ndb_struct_na_base_pair.stretch 
_ndb_struct_na_base_pair.stagger 
_ndb_struct_na_base_pair.buckle 
_ndb_struct_na_base_pair.propeller 
_ndb_struct_na_base_pair.opening 
_ndb_struct_na_base_pair.pair_number 
_ndb_struct_na_base_pair.pair_name 
_ndb_struct_na_base_pair.i_auth_asym_id 
_ndb_struct_na_base_pair.i_auth_seq_id 
_ndb_struct_na_base_pair.i_PDB_ins_code 
_ndb_struct_na_base_pair.j_auth_asym_id 
_ndb_struct_na_base_pair.j_auth_seq_id 
_ndb_struct_na_base_pair.j_PDB_ins_code 
_ndb_struct_na_base_pair.hbond_type_28 
_ndb_struct_na_base_pair.hbond_type_12 
1 B G  1 1_555 A C  7 1_555 -0.158 -0.058 -0.137 -2.005 -3.557  0.537  1  B_G8:C7_A   B 8  ? A 7  ? 19 1 
1 B G  2 1_555 A C  6 1_555 -0.207 -0.169 0.008  -2.002 -10.662 -1.700 2  B_G9:C6_A   B 9  ? A 6  ? 19 1 
1 B G  3 1_555 A U  5 1_555 -2.291 -0.485 -0.213 -8.186 -10.406 -5.065 3  B_G10:U5_A  B 10 ? A 5  ? 28 ? 
1 B G  4 1_555 A C  4 1_555 -0.283 -0.149 -0.141 -5.181 -10.846 0.291  4  B_G11:C4_A  B 11 ? A 4  ? 19 1 
1 B C  5 1_555 A G  3 1_555 0.297  -0.276 0.031  -1.691 -8.340  -5.147 5  B_C12:G3_A  B 12 ? A 3  ? 19 1 
1 B IU 6 1_555 A A  2 1_555 0.038  -0.120 0.041  1.591  -14.591 2.386  6  B_IU13:A2_A B 13 ? A 2  ? 20 1 
1 B A  7 1_555 A U  1 1_555 0.133  -0.105 -0.017 1.145  -6.062  -1.460 7  B_A14:U1_A  B 14 ? A 1  ? 20 1 
1 C U  1 1_555 D A  7 1_555 -0.161 -0.062 0.153  -3.274 -4.840  -4.921 8  C_U1:A14_D  C 1  ? D 14 ? 20 1 
1 C A  2 1_555 D IU 6 1_555 -0.065 -0.128 -0.205 3.271  -9.720  0.423  9  C_A2:IU13_D C 2  ? D 13 ? 20 1 
1 C G  3 1_555 D C  5 1_555 -0.194 0.000  0.014  3.913  -14.334 5.440  10 C_G3:C12_D  C 3  ? D 12 ? 19 1 
1 C C  4 1_555 D G  4 1_555 0.210  -0.132 -0.137 3.096  -7.799  -3.039 11 C_C4:G11_D  C 4  ? D 11 ? 19 1 
1 C U  5 1_555 D G  3 1_555 2.374  -0.589 -0.260 7.011  -11.774 -3.632 12 C_U5:G10_D  C 5  ? D 10 ? 28 ? 
1 C C  6 1_555 D G  2 1_555 0.114  -0.239 0.279  -1.455 -15.905 -0.227 13 C_C6:G9_D   C 6  ? D 9  ? 19 1 
1 C C  7 1_555 D G  1 1_555 0.224  -0.074 0.092  -0.908 -4.887  0.156  14 C_C7:G8_D   C 7  ? D 8  ? 19 1 
# 
loop_
_ndb_struct_na_base_pair_step.model_number 
_ndb_struct_na_base_pair_step.i_label_asym_id_1 
_ndb_struct_na_base_pair_step.i_label_comp_id_1 
_ndb_struct_na_base_pair_step.i_label_seq_id_1 
_ndb_struct_na_base_pair_step.i_symmetry_1 
_ndb_struct_na_base_pair_step.j_label_asym_id_1 
_ndb_struct_na_base_pair_step.j_label_comp_id_1 
_ndb_struct_na_base_pair_step.j_label_seq_id_1 
_ndb_struct_na_base_pair_step.j_symmetry_1 
_ndb_struct_na_base_pair_step.i_label_asym_id_2 
_ndb_struct_na_base_pair_step.i_label_comp_id_2 
_ndb_struct_na_base_pair_step.i_label_seq_id_2 
_ndb_struct_na_base_pair_step.i_symmetry_2 
_ndb_struct_na_base_pair_step.j_label_asym_id_2 
_ndb_struct_na_base_pair_step.j_label_comp_id_2 
_ndb_struct_na_base_pair_step.j_label_seq_id_2 
_ndb_struct_na_base_pair_step.j_symmetry_2 
_ndb_struct_na_base_pair_step.shift 
_ndb_struct_na_base_pair_step.slide 
_ndb_struct_na_base_pair_step.rise 
_ndb_struct_na_base_pair_step.tilt 
_ndb_struct_na_base_pair_step.roll 
_ndb_struct_na_base_pair_step.twist 
_ndb_struct_na_base_pair_step.x_displacement 
_ndb_struct_na_base_pair_step.y_displacement 
_ndb_struct_na_base_pair_step.helical_rise 
_ndb_struct_na_base_pair_step.inclination 
_ndb_struct_na_base_pair_step.tip 
_ndb_struct_na_base_pair_step.helical_twist 
_ndb_struct_na_base_pair_step.step_number 
_ndb_struct_na_base_pair_step.step_name 
_ndb_struct_na_base_pair_step.i_auth_asym_id_1 
_ndb_struct_na_base_pair_step.i_auth_seq_id_1 
_ndb_struct_na_base_pair_step.i_PDB_ins_code_1 
_ndb_struct_na_base_pair_step.j_auth_asym_id_1 
_ndb_struct_na_base_pair_step.j_auth_seq_id_1 
_ndb_struct_na_base_pair_step.j_PDB_ins_code_1 
_ndb_struct_na_base_pair_step.i_auth_asym_id_2 
_ndb_struct_na_base_pair_step.i_auth_seq_id_2 
_ndb_struct_na_base_pair_step.i_PDB_ins_code_2 
_ndb_struct_na_base_pair_step.j_auth_asym_id_2 
_ndb_struct_na_base_pair_step.j_auth_seq_id_2 
_ndb_struct_na_base_pair_step.j_PDB_ins_code_2 
1 B G  1 1_555 A C  7 1_555 B G  2 1_555 A C  6 1_555 -0.473 -1.818 3.279 -1.706 5.857  31.599  -4.282 0.563  2.924 10.632 3.096  
32.168  1  BB_G8G9:C6C7_AA    B 8  ? A 7  ? B 9  ? A 6  ? 
1 B G  2 1_555 A C  6 1_555 B G  3 1_555 A U  5 1_555 0.029  -1.920 3.231 -1.267 10.194 26.721  -5.931 -0.313 2.350 21.093 2.622  
28.594  2  BB_G9G10:U5C6_AA   B 9  ? A 6  ? B 10 ? A 5  ? 
1 B G  3 1_555 A U  5 1_555 B G  4 1_555 A C  4 1_555 -0.043 -1.481 3.316 -2.823 7.183  36.684  -3.223 -0.293 2.979 11.259 4.425  
37.460  3  BB_G10G11:C4U5_AA  B 10 ? A 5  ? B 11 ? A 4  ? 
1 B G  4 1_555 A C  4 1_555 B C  5 1_555 A G  3 1_555 -0.585 -1.515 3.302 -1.541 7.643  31.852  -3.951 0.781  2.895 13.672 2.757  
32.768  4  BB_G11C12:G3C4_AA  B 11 ? A 4  ? B 12 ? A 3  ? 
1 B C  5 1_555 A G  3 1_555 B IU 6 1_555 A A  2 1_555 0.983  -1.487 3.150 2.825  6.098  33.328  -3.457 -1.259 2.912 10.499 -4.865 
33.980  5  BB_C12IU13:A2G3_AA B 12 ? A 3  ? B 13 ? A 2  ? 
1 B IU 6 1_555 A A  2 1_555 B A  7 1_555 A U  1 1_555 -0.178 -1.490 3.303 0.595  6.430  33.821  -3.488 0.390  2.975 10.929 -1.011 
34.415  6  BB_IU13A14:U1A2_AA B 13 ? A 2  ? B 14 ? A 1  ? 
1 B A  7 1_555 A U  1 1_555 C U  1 1_555 D A  7 1_555 -0.219 -3.584 3.589 -2.703 1.311  -17.342 10.818 -2.561 3.769 -4.306 -8.877 
-17.598 7  BC_A14U1:A14U1_DA  B 14 ? A 1  ? C 1  ? D 14 ? 
1 C U  1 1_555 D A  7 1_555 C A  2 1_555 D IU 6 1_555 -0.168 -1.403 3.144 1.213  8.336  31.125  -3.875 0.498  2.680 15.190 -2.210 
32.217  8  CC_U1A2:IU13A14_DD C 1  ? D 14 ? C 2  ? D 13 ? 
1 C A  2 1_555 D IU 6 1_555 C G  3 1_555 D C  5 1_555 1.088  -1.666 3.282 -1.316 7.838  29.284  -4.656 -2.327 2.705 15.155 2.544  
30.321  9  CC_A2G3:C12IU13_DD C 2  ? D 13 ? C 3  ? D 12 ? 
1 C G  3 1_555 D C  5 1_555 C C  4 1_555 D G  4 1_555 -1.180 -1.573 3.342 -1.176 5.037  33.279  -3.531 1.847  3.115 8.729  2.037  
33.667  10 CC_G3C4:G11C12_DD  C 3  ? D 12 ? C 4  ? D 11 ? 
1 C C  4 1_555 D G  4 1_555 C U  5 1_555 D G  3 1_555 0.089  -1.587 3.266 1.364  5.277  35.402  -3.314 0.045  3.008 8.615  -2.227 
35.805  11 CC_C4U5:G10G11_DD  C 4  ? D 11 ? C 5  ? D 10 ? 
1 C U  5 1_555 D G  3 1_555 C C  6 1_555 D G  2 1_555 -0.251 -2.316 3.243 -1.602 12.221 25.866  -7.017 0.204  1.979 25.537 3.348  
28.607  12 CC_U5C6:G9G10_DD   C 5  ? D 10 ? C 6  ? D 9  ? 
1 C C  6 1_555 D G  2 1_555 C C  7 1_555 D G  1 1_555 0.234  -1.613 3.187 3.320  4.685  33.344  -3.487 0.104  2.948 8.090  -5.732 
33.820  13 CC_C6C7:G8G9_DD    C 6  ? D 9  ? C 7  ? D 8  ? 
# 
_atom_sites.entry_id                    464D 
_atom_sites.fract_transf_matrix[1][1]   -0.03635288 
_atom_sites.fract_transf_matrix[1][2]   -0.00556722 
_atom_sites.fract_transf_matrix[1][3]   -0.01209059 
_atom_sites.fract_transf_matrix[2][1]   -0.01752067 
_atom_sites.fract_transf_matrix[2][2]   -0.00044970 
_atom_sites.fract_transf_matrix[2][3]   0.03293986 
_atom_sites.fract_transf_matrix[3][1]   -0.01448510 
_atom_sites.fract_transf_matrix[3][2]   0.03338716 
_atom_sites.fract_transf_matrix[3][3]   0.00823039 
_atom_sites.fract_transf_vector[1]      0.230646 
_atom_sites.fract_transf_vector[2]      0.150132 
_atom_sites.fract_transf_vector[3]      0.362106 
# 
loop_
_atom_type.symbol 
C  
I  
N  
NA 
O  
P  
SR 
# 
loop_
_atom_site.group_PDB 
_atom_site.id 
_atom_site.type_symbol 
_atom_site.label_atom_id 
_atom_site.label_alt_id 
_atom_site.label_comp_id 
_atom_site.label_asym_id 
_atom_site.label_entity_id 
_atom_site.label_seq_id 
_atom_site.pdbx_PDB_ins_code 
_atom_site.Cartn_x 
_atom_site.Cartn_y 
_atom_site.Cartn_z 
_atom_site.occupancy 
_atom_site.B_iso_or_equiv 
_atom_site.pdbx_formal_charge 
_atom_site.auth_seq_id 
_atom_site.auth_comp_id 
_atom_site.auth_asym_id 
_atom_site.auth_atom_id 
_atom_site.pdbx_PDB_model_num 
ATOM   1   O  "O5'" . U   A 1 1 ? 5.510   4.352   -2.706  1.00 18.97 ? 1    U   A "O5'" 1 
ATOM   2   C  "C5'" . U   A 1 1 ? 6.056   5.665   -2.391  1.00 14.67 ? 1    U   A "C5'" 1 
ATOM   3   C  "C4'" . U   A 1 1 ? 6.252   5.712   -0.909  1.00 14.65 ? 1    U   A "C4'" 1 
ATOM   4   O  "O4'" . U   A 1 1 ? 4.952   5.620   -0.222  1.00 12.46 ? 1    U   A "O4'" 1 
ATOM   5   C  "C3'" . U   A 1 1 ? 7.018   4.582   -0.262  1.00 11.99 ? 1    U   A "C3'" 1 
ATOM   6   O  "O3'" . U   A 1 1 ? 8.389   4.780   -0.503  1.00 13.64 ? 1    U   A "O3'" 1 
ATOM   7   C  "C2'" . U   A 1 1 ? 6.576   4.746   1.164   1.00 11.70 ? 1    U   A "C2'" 1 
ATOM   8   O  "O2'" . U   A 1 1 ? 7.160   5.902   1.742   1.00 13.06 ? 1    U   A "O2'" 1 
ATOM   9   C  "C1'" . U   A 1 1 ? 5.119   4.923   1.021   1.00 12.33 ? 1    U   A "C1'" 1 
ATOM   10  N  N1    . U   A 1 1 ? 4.290   3.690   0.877   1.00 11.38 ? 1    U   A N1    1 
ATOM   11  C  C2    . U   A 1 1 ? 4.101   3.021   2.069   1.00 11.67 ? 1    U   A C2    1 
ATOM   12  O  O2    . U   A 1 1 ? 4.570   3.400   3.128   1.00 13.31 ? 1    U   A O2    1 
ATOM   13  N  N3    . U   A 1 1 ? 3.349   1.865   2.022   1.00 12.21 ? 1    U   A N3    1 
ATOM   14  C  C4    . U   A 1 1 ? 2.769   1.332   0.886   1.00 13.65 ? 1    U   A C4    1 
ATOM   15  O  O4    . U   A 1 1 ? 2.107   0.298   0.929   1.00 13.65 ? 1    U   A O4    1 
ATOM   16  C  C5    . U   A 1 1 ? 3.005   2.089   -0.307  1.00 14.78 ? 1    U   A C5    1 
ATOM   17  C  C6    . U   A 1 1 ? 3.740   3.205   -0.291  1.00 12.32 ? 1    U   A C6    1 
ATOM   18  P  P     . A   A 1 2 ? 9.419   3.560   -0.575  1.00 12.01 ? 2    A   A P     1 
ATOM   19  O  OP1   . A   A 1 2 ? 10.703  4.117   -0.978  1.00 15.49 ? 2    A   A OP1   1 
ATOM   20  O  OP2   . A   A 1 2 ? 8.816   2.517   -1.408  1.00 12.22 ? 2    A   A OP2   1 
ATOM   21  O  "O5'" . A   A 1 2 ? 9.520   3.004   0.900   1.00 12.06 ? 2    A   A "O5'" 1 
ATOM   22  C  "C5'" . A   A 1 2 ? 10.062  3.820   1.956   1.00 12.31 ? 2    A   A "C5'" 1 
ATOM   23  C  "C4'" . A   A 1 2 ? 9.873   3.149   3.281   1.00 11.71 ? 2    A   A "C4'" 1 
ATOM   24  O  "O4'" . A   A 1 2 ? 8.403   3.068   3.524   1.00 12.95 ? 2    A   A "O4'" 1 
ATOM   25  C  "C3'" . A   A 1 2 ? 10.302  1.728   3.477   1.00 9.81  ? 2    A   A "C3'" 1 
ATOM   26  O  "O3'" . A   A 1 2 ? 11.704  1.738   3.754   1.00 12.99 ? 2    A   A "O3'" 1 
ATOM   27  C  "C2'" . A   A 1 2 ? 9.439   1.290   4.614   1.00 12.37 ? 2    A   A "C2'" 1 
ATOM   28  O  "O2'" . A   A 1 2 ? 9.917   1.816   5.848   1.00 12.96 ? 2    A   A "O2'" 1 
ATOM   29  C  "C1'" . A   A 1 2 ? 8.125   1.884   4.263   1.00 11.66 ? 2    A   A "C1'" 1 
ATOM   30  N  N9    . A   A 1 2 ? 7.305   1.001   3.404   1.00 13.71 ? 2    A   A N9    1 
ATOM   31  C  C8    . A   A 1 2 ? 7.072   1.093   2.045   1.00 11.88 ? 2    A   A C8    1 
ATOM   32  N  N7    . A   A 1 2 ? 6.288   0.150   1.580   1.00 10.79 ? 2    A   A N7    1 
ATOM   33  C  C5    . A   A 1 2 ? 5.974   -0.621  2.692   1.00 11.44 ? 2    A   A C5    1 
ATOM   34  C  C6    . A   A 1 2 ? 5.187   -1.769  2.870   1.00 12.41 ? 2    A   A C6    1 
ATOM   35  N  N6    . A   A 1 2 ? 4.517   -2.407  1.912   1.00 11.13 ? 2    A   A N6    1 
ATOM   36  N  N1    . A   A 1 2 ? 5.084   -2.283  4.123   1.00 13.15 ? 2    A   A N1    1 
ATOM   37  C  C2    . A   A 1 2 ? 5.747   -1.672  5.114   1.00 13.47 ? 2    A   A C2    1 
ATOM   38  N  N3    . A   A 1 2 ? 6.523   -0.586  5.068   1.00 12.02 ? 2    A   A N3    1 
ATOM   39  C  C4    . A   A 1 2 ? 6.598   -0.101  3.817   1.00 11.60 ? 2    A   A C4    1 
ATOM   40  P  P     . G   A 1 3 ? 12.603  0.473   3.440   1.00 13.09 ? 3    G   A P     1 
ATOM   41  O  OP1   . G   A 1 3 ? 14.011  0.868   3.562   1.00 15.33 ? 3    G   A OP1   1 
ATOM   42  O  OP2   . G   A 1 3 ? 12.158  -0.095  2.162   1.00 13.46 ? 3    G   A OP2   1 
ATOM   43  O  "O5'" . G   A 1 3 ? 12.280  -0.583  4.572   1.00 12.29 ? 3    G   A "O5'" 1 
ATOM   44  C  "C5'" . G   A 1 3 ? 12.608  -0.354  5.939   1.00 12.30 ? 3    G   A "C5'" 1 
ATOM   45  C  "C4'" . G   A 1 3 ? 12.133  -1.502  6.779   1.00 12.23 ? 3    G   A "C4'" 1 
ATOM   46  O  "O4'" . G   A 1 3 ? 10.682  -1.528  6.780   1.00 12.10 ? 3    G   A "O4'" 1 
ATOM   47  C  "C3'" . G   A 1 3 ? 12.461  -2.910  6.313   1.00 9.71  ? 3    G   A "C3'" 1 
ATOM   48  O  "O3'" . G   A 1 3 ? 13.819  -3.168  6.654   1.00 12.85 ? 3    G   A "O3'" 1 
ATOM   49  C  "C2'" . G   A 1 3 ? 11.437  -3.715  7.033   1.00 11.89 ? 3    G   A "C2'" 1 
ATOM   50  O  "O2'" . G   A 1 3 ? 11.748  -3.776  8.435   1.00 14.66 ? 3    G   A "O2'" 1 
ATOM   51  C  "C1'" . G   A 1 3 ? 10.228  -2.932  6.848   1.00 10.45 ? 3    G   A "C1'" 1 
ATOM   52  N  N9    . G   A 1 3 ? 9.499   -3.167  5.610   1.00 10.21 ? 3    G   A N9    1 
ATOM   53  C  C8    . G   A 1 3 ? 9.551   -2.450  4.437   1.00 11.15 ? 3    G   A C8    1 
ATOM   54  N  N7    . G   A 1 3 ? 8.781   -2.894  3.496   1.00 11.93 ? 3    G   A N7    1 
ATOM   55  C  C5    . G   A 1 3 ? 8.174   -3.989  4.109   1.00 11.30 ? 3    G   A C5    1 
ATOM   56  C  C6    . G   A 1 3 ? 7.219   -4.864  3.529   1.00 10.18 ? 3    G   A C6    1 
ATOM   57  O  O6    . G   A 1 3 ? 6.788   -4.764  2.368   1.00 12.99 ? 3    G   A O6    1 
ATOM   58  N  N1    . G   A 1 3 ? 6.851   -5.825  4.434   1.00 11.88 ? 3    G   A N1    1 
ATOM   59  C  C2    . G   A 1 3 ? 7.321   -5.951  5.727   1.00 11.86 ? 3    G   A C2    1 
ATOM   60  N  N2    . G   A 1 3 ? 6.809   -6.972  6.419   1.00 13.84 ? 3    G   A N2    1 
ATOM   61  N  N3    . G   A 1 3 ? 8.210   -5.138  6.270   1.00 10.96 ? 3    G   A N3    1 
ATOM   62  C  C4    . G   A 1 3 ? 8.596   -4.176  5.407   1.00 10.47 ? 3    G   A C4    1 
ATOM   63  P  P     . C   A 1 4 ? 14.677  -4.148  5.736   1.00 12.91 ? 4    C   A P     1 
ATOM   64  O  OP1   . C   A 1 4 ? 16.016  -4.228  6.303   1.00 18.44 ? 4    C   A OP1   1 
ATOM   65  O  OP2   . C   A 1 4 ? 14.530  -3.663  4.352   1.00 14.84 ? 4    C   A OP2   1 
ATOM   66  O  "O5'" . C   A 1 4 ? 13.977  -5.554  5.831   1.00 12.15 ? 4    C   A "O5'" 1 
ATOM   67  C  "C5'" . C   A 1 4 ? 13.881  -6.279  7.061   1.00 13.06 ? 4    C   A "C5'" 1 
ATOM   68  C  "C4'" . C   A 1 4 ? 13.076  -7.512  6.842   1.00 11.00 ? 4    C   A "C4'" 1 
ATOM   69  O  "O4'" . C   A 1 4 ? 11.652  -7.115  6.598   1.00 10.77 ? 4    C   A "O4'" 1 
ATOM   70  C  "C3'" . C   A 1 4 ? 13.344  -8.373  5.639   1.00 10.50 ? 4    C   A "C3'" 1 
ATOM   71  O  "O3'" . C   A 1 4 ? 14.489  -9.164  5.883   1.00 10.36 ? 4    C   A "O3'" 1 
ATOM   72  C  "C2'" . C   A 1 4 ? 12.054  -9.150  5.537   1.00 12.13 ? 4    C   A "C2'" 1 
ATOM   73  O  "O2'" . C   A 1 4 ? 12.009  -10.151 6.528   1.00 9.44  ? 4    C   A "O2'" 1 
ATOM   74  C  "C1'" . C   A 1 4 ? 11.049  -8.062  5.754   1.00 10.41 ? 4    C   A "C1'" 1 
ATOM   75  N  N1    . C   A 1 4 ? 10.675  -7.409  4.462   1.00 12.33 ? 4    C   A N1    1 
ATOM   76  C  C2    . C   A 1 4 ? 9.638   -8.034  3.748   1.00 11.98 ? 4    C   A C2    1 
ATOM   77  O  O2    . C   A 1 4 ? 9.107   -9.054  4.221   1.00 12.55 ? 4    C   A O2    1 
ATOM   78  N  N3    . C   A 1 4 ? 9.247   -7.510  2.563   1.00 10.34 ? 4    C   A N3    1 
ATOM   79  C  C4    . C   A 1 4 ? 9.841   -6.420  2.083   1.00 10.65 ? 4    C   A C4    1 
ATOM   80  N  N4    . C   A 1 4 ? 9.392   -5.965  0.910   1.00 11.09 ? 4    C   A N4    1 
ATOM   81  C  C5    . C   A 1 4 ? 10.891  -5.777  2.786   1.00 11.76 ? 4    C   A C5    1 
ATOM   82  C  C6    . C   A 1 4 ? 11.277  -6.297  3.959   1.00 12.65 ? 4    C   A C6    1 
ATOM   83  P  P     . U   A 1 5 ? 15.473  -9.581  4.701   1.00 10.97 ? 5    U   A P     1 
ATOM   84  O  OP1   . U   A 1 5 ? 16.675  -10.148 5.309   1.00 12.62 ? 5    U   A OP1   1 
ATOM   85  O  OP2   . U   A 1 5 ? 15.612  -8.429  3.808   1.00 12.13 ? 5    U   A OP2   1 
ATOM   86  O  "O5'" . U   A 1 5 ? 14.718  -10.719 3.903   1.00 11.59 ? 5    U   A "O5'" 1 
ATOM   87  C  "C5'" . U   A 1 5 ? 14.271  -11.911 4.474   1.00 13.65 ? 5    U   A "C5'" 1 
ATOM   88  C  "C4'" . U   A 1 5 ? 13.238  -12.605 3.650   1.00 12.43 ? 5    U   A "C4'" 1 
ATOM   89  O  "O4'" . U   A 1 5 ? 12.104  -11.662 3.469   1.00 12.03 ? 5    U   A "O4'" 1 
ATOM   90  C  "C3'" . U   A 1 5 ? 13.539  -13.017 2.223   1.00 11.32 ? 5    U   A "C3'" 1 
ATOM   91  O  "O3'" . U   A 1 5 ? 14.260  -14.251 2.274   1.00 11.25 ? 5    U   A "O3'" 1 
ATOM   92  C  "C2'" . U   A 1 5 ? 12.171  -13.077 1.642   1.00 10.60 ? 5    U   A "C2'" 1 
ATOM   93  O  "O2'" . U   A 1 5 ? 11.469  -14.235 2.080   1.00 11.89 ? 5    U   A "O2'" 1 
ATOM   94  C  "C1'" . U   A 1 5 ? 11.484  -11.885 2.205   1.00 9.59  ? 5    U   A "C1'" 1 
ATOM   95  N  N1    . U   A 1 5 ? 11.632  -10.602 1.459   1.00 11.20 ? 5    U   A N1    1 
ATOM   96  C  C2    . U   A 1 5 ? 10.699  -10.469 0.437   1.00 11.62 ? 5    U   A C2    1 
ATOM   97  O  O2    . U   A 1 5 ? 9.882   -11.331 0.203   1.00 11.38 ? 5    U   A O2    1 
ATOM   98  N  N3    . U   A 1 5 ? 10.779  -9.302  -0.294  1.00 11.35 ? 5    U   A N3    1 
ATOM   99  C  C4    . U   A 1 5 ? 11.678  -8.277  -0.113  1.00 11.86 ? 5    U   A C4    1 
ATOM   100 O  O4    . U   A 1 5 ? 11.612  -7.295  -0.864  1.00 14.10 ? 5    U   A O4    1 
ATOM   101 C  C5    . U   A 1 5 ? 12.596  -8.485  0.959   1.00 11.25 ? 5    U   A C5    1 
ATOM   102 C  C6    . U   A 1 5 ? 12.557  -9.604  1.696   1.00 10.54 ? 5    U   A C6    1 
ATOM   103 P  P     . C   A 1 6 ? 15.256  -14.659 1.102   1.00 10.63 ? 6    C   A P     1 
ATOM   104 O  OP1   . C   A 1 6 ? 15.985  -15.845 1.561   1.00 10.76 ? 6    C   A OP1   1 
ATOM   105 O  OP2   . C   A 1 6 ? 16.006  -13.479 0.712   1.00 11.81 ? 6    C   A OP2   1 
ATOM   106 O  "O5'" . C   A 1 6 ? 14.327  -15.082 -0.110  1.00 8.53  ? 6    C   A "O5'" 1 
ATOM   107 C  "C5'" . C   A 1 6 ? 13.608  -16.306 -0.090  1.00 10.04 ? 6    C   A "C5'" 1 
ATOM   108 C  "C4'" . C   A 1 6 ? 12.689  -16.377 -1.241  1.00 9.99  ? 6    C   A "C4'" 1 
ATOM   109 O  "O4'" . C   A 1 6 ? 11.701  -15.287 -1.112  1.00 7.90  ? 6    C   A "O4'" 1 
ATOM   110 C  "C3'" . C   A 1 6 ? 13.229  -16.134 -2.641  1.00 6.78  ? 6    C   A "C3'" 1 
ATOM   111 O  "O3'" . C   A 1 6 ? 13.878  -17.325 -3.047  1.00 9.07  ? 6    C   A "O3'" 1 
ATOM   112 C  "C2'" . C   A 1 6 ? 11.983  -15.804 -3.383  1.00 6.87  ? 6    C   A "C2'" 1 
ATOM   113 O  "O2'" . C   A 1 6 ? 11.219  -16.979 -3.550  1.00 8.54  ? 6    C   A "O2'" 1 
ATOM   114 C  "C1'" . C   A 1 6 ? 11.313  -14.887 -2.449  1.00 8.49  ? 6    C   A "C1'" 1 
ATOM   115 N  N1    . C   A 1 6 ? 11.709  -13.463 -2.606  1.00 8.43  ? 6    C   A N1    1 
ATOM   116 C  C2    . C   A 1 6 ? 11.091  -12.761 -3.659  1.00 10.04 ? 6    C   A C2    1 
ATOM   117 O  O2    . C   A 1 6 ? 10.267  -13.350 -4.387  1.00 11.99 ? 6    C   A O2    1 
ATOM   118 N  N3    . C   A 1 6 ? 11.408  -11.448 -3.856  1.00 9.54  ? 6    C   A N3    1 
ATOM   119 C  C4    . C   A 1 6 ? 12.300  -10.851 -3.063  1.00 10.39 ? 6    C   A C4    1 
ATOM   120 N  N4    . C   A 1 6 ? 12.617  -9.568  -3.247  1.00 11.37 ? 6    C   A N4    1 
ATOM   121 C  C5    . C   A 1 6 ? 12.937  -11.544 -1.995  1.00 10.53 ? 6    C   A C5    1 
ATOM   122 C  C6    . C   A 1 6 ? 12.612  -12.823 -1.816  1.00 10.66 ? 6    C   A C6    1 
ATOM   123 P  P     . C   A 1 7 ? 15.063  -17.294 -4.097  1.00 10.74 ? 7    C   A P     1 
ATOM   124 O  OP1   . C   A 1 7 ? 15.513  -18.667 -4.289  1.00 12.15 ? 7    C   A OP1   1 
ATOM   125 O  OP2   . C   A 1 7 ? 16.034  -16.284 -3.663  1.00 12.08 ? 7    C   A OP2   1 
ATOM   126 O  "O5'" . C   A 1 7 ? 14.427  -16.764 -5.454  1.00 9.18  ? 7    C   A "O5'" 1 
ATOM   127 C  "C5'" . C   A 1 7 ? 13.417  -17.505 -6.131  1.00 8.70  ? 7    C   A "C5'" 1 
ATOM   128 C  "C4'" . C   A 1 7 ? 12.962  -16.745 -7.345  1.00 9.66  ? 7    C   A "C4'" 1 
ATOM   129 O  "O4'" . C   A 1 7 ? 12.247  -15.535 -6.871  1.00 7.63  ? 7    C   A "O4'" 1 
ATOM   130 C  "C3'" . C   A 1 7 ? 13.972  -16.157 -8.283  1.00 9.19  ? 7    C   A "C3'" 1 
ATOM   131 O  "O3'" . C   A 1 7 ? 14.404  -17.175 -9.187  1.00 10.82 ? 7    C   A "O3'" 1 
ATOM   132 C  "C2'" . C   A 1 7 ? 13.200  -15.059 -8.943  1.00 8.77  ? 7    C   A "C2'" 1 
ATOM   133 O  "O2'" . C   A 1 7 ? 12.414  -15.625 -9.973  1.00 8.73  ? 7    C   A "O2'" 1 
ATOM   134 C  "C1'" . C   A 1 7 ? 12.354  -14.516 -7.851  1.00 8.27  ? 7    C   A "C1'" 1 
ATOM   135 N  N1    . C   A 1 7 ? 12.965  -13.319 -7.199  1.00 7.05  ? 7    C   A N1    1 
ATOM   136 C  C2    . C   A 1 7 ? 12.747  -12.094 -7.817  1.00 8.33  ? 7    C   A C2    1 
ATOM   137 O  O2    . C   A 1 7 ? 12.062  -12.037 -8.847  1.00 9.93  ? 7    C   A O2    1 
ATOM   138 N  N3    . C   A 1 7 ? 13.272  -10.978 -7.283  1.00 12.72 ? 7    C   A N3    1 
ATOM   139 C  C4    . C   A 1 7 ? 14.008  -11.053 -6.178  1.00 12.54 ? 7    C   A C4    1 
ATOM   140 N  N4    . C   A 1 7 ? 14.508  -9.915  -5.689  1.00 13.51 ? 7    C   A N4    1 
ATOM   141 C  C5    . C   A 1 7 ? 14.251  -12.289 -5.527  1.00 12.19 ? 7    C   A C5    1 
ATOM   142 C  C6    . C   A 1 7 ? 13.730  -13.408 -6.058  1.00 10.29 ? 7    C   A C6    1 
ATOM   143 O  "O5'" . G   B 2 1 ? 11.641  -1.307  -10.265 1.00 17.12 ? 8    G   B "O5'" 1 
ATOM   144 C  "C5'" . G   B 2 1 ? 11.012  -1.205  -11.542 1.00 17.89 ? 8    G   B "C5'" 1 
ATOM   145 C  "C4'" . G   B 2 1 ? 10.747  -2.551  -12.112 1.00 15.86 ? 8    G   B "C4'" 1 
ATOM   146 O  "O4'" . G   B 2 1 ? 11.978  -3.323  -12.224 1.00 17.46 ? 8    G   B "O4'" 1 
ATOM   147 C  "C3'" . G   B 2 1 ? 9.845   -3.479  -11.282 1.00 16.61 ? 8    G   B "C3'" 1 
ATOM   148 O  "O3'" . G   B 2 1 ? 8.526   -3.074  -11.480 1.00 15.28 ? 8    G   B "O3'" 1 
ATOM   149 C  "C2'" . G   B 2 1 ? 10.226  -4.826  -11.827 1.00 17.74 ? 8    G   B "C2'" 1 
ATOM   150 O  "O2'" . G   B 2 1 ? 9.643   -5.050  -13.094 1.00 21.28 ? 8    G   B "O2'" 1 
ATOM   151 C  "C1'" . G   B 2 1 ? 11.702  -4.697  -11.928 1.00 16.43 ? 8    G   B "C1'" 1 
ATOM   152 N  N9    . G   B 2 1 ? 12.371  -5.021  -10.671 1.00 16.54 ? 8    G   B N9    1 
ATOM   153 C  C8    . G   B 2 1 ? 13.008  -4.167  -9.802  1.00 15.91 ? 8    G   B C8    1 
ATOM   154 N  N7    . G   B 2 1 ? 13.502  -4.798  -8.766  1.00 15.90 ? 8    G   B N7    1 
ATOM   155 C  C5    . G   B 2 1 ? 13.166  -6.132  -8.977  1.00 16.40 ? 8    G   B C5    1 
ATOM   156 C  C6    . G   B 2 1 ? 13.431  -7.276  -8.196  1.00 13.00 ? 8    G   B C6    1 
ATOM   157 O  O6    . G   B 2 1 ? 14.042  -7.341  -7.114  1.00 17.66 ? 8    G   B O6    1 
ATOM   158 N  N1    . G   B 2 1 ? 12.923  -8.449  -8.754  1.00 14.25 ? 8    G   B N1    1 
ATOM   159 C  C2    . G   B 2 1 ? 12.232  -8.481  -9.947  1.00 13.76 ? 8    G   B C2    1 
ATOM   160 N  N2    . G   B 2 1 ? 11.818  -9.700  -10.329 1.00 14.96 ? 8    G   B N2    1 
ATOM   161 N  N3    . G   B 2 1 ? 11.972  -7.421  -10.695 1.00 15.19 ? 8    G   B N3    1 
ATOM   162 C  C4    . G   B 2 1 ? 12.467  -6.286  -10.153 1.00 14.49 ? 8    G   B C4    1 
ATOM   163 P  P     . G   B 2 2 ? 7.367   -3.381  -10.438 1.00 17.34 ? 9    G   B P     1 
ATOM   164 O  OP1   . G   B 2 2 ? 6.141   -2.773  -10.981 1.00 24.76 ? 9    G   B OP1   1 
ATOM   165 O  OP2   . G   B 2 2 ? 7.809   -2.977  -9.117  1.00 19.33 ? 9    G   B OP2   1 
ATOM   166 O  "O5'" . G   B 2 2 ? 7.178   -4.948  -10.468 1.00 16.31 ? 9    G   B "O5'" 1 
ATOM   167 C  "C5'" . G   B 2 2 ? 6.512   -5.583  -11.581 1.00 16.21 ? 9    G   B "C5'" 1 
ATOM   168 C  "C4'" . G   B 2 2 ? 6.459   -7.054  -11.304 1.00 13.51 ? 9    G   B "C4'" 1 
ATOM   169 O  "O4'" . G   B 2 2 ? 7.860   -7.560  -11.271 1.00 17.60 ? 9    G   B "O4'" 1 
ATOM   170 C  "C3'" . G   B 2 2 ? 5.908   -7.535  -9.996  1.00 18.83 ? 9    G   B "C3'" 1 
ATOM   171 O  "O3'" . G   B 2 2 ? 4.485   -7.466  -10.047 1.00 16.77 ? 9    G   B "O3'" 1 
ATOM   172 C  "C2'" . G   B 2 2 ? 6.495   -8.920  -9.939  1.00 16.50 ? 9    G   B "C2'" 1 
ATOM   173 O  "O2'" . G   B 2 2 ? 5.883   -9.787  -10.856 1.00 18.90 ? 9    G   B "O2'" 1 
ATOM   174 C  "C1'" . G   B 2 2 ? 7.907   -8.624  -10.322 1.00 17.05 ? 9    G   B "C1'" 1 
ATOM   175 N  N9    . G   B 2 2 ? 8.694   -8.180  -9.172  1.00 15.82 ? 9    G   B N9    1 
ATOM   176 C  C8    . G   B 2 2 ? 9.111   -6.899  -8.872  1.00 17.00 ? 9    G   B C8    1 
ATOM   177 N  N7    . G   B 2 2 ? 9.802   -6.862  -7.760  1.00 16.00 ? 9    G   B N7    1 
ATOM   178 C  C5    . G   B 2 2 ? 9.824   -8.183  -7.332  1.00 13.38 ? 9    G   B C5    1 
ATOM   179 C  C6    . G   B 2 2 ? 10.424  -8.757  -6.185  1.00 13.29 ? 9    G   B C6    1 
ATOM   180 O  O6    . G   B 2 2 ? 11.071  -8.186  -5.299  1.00 13.32 ? 9    G   B O6    1 
ATOM   181 N  N1    . G   B 2 2 ? 10.198  -10.136 -6.140  1.00 11.45 ? 9    G   B N1    1 
ATOM   182 C  C2    . G   B 2 2 ? 9.495   -10.876 -7.064  1.00 11.45 ? 9    G   B C2    1 
ATOM   183 N  N2    . G   B 2 2 ? 9.394   -12.194 -6.835  1.00 12.96 ? 9    G   B N2    1 
ATOM   184 N  N3    . G   B 2 2 ? 8.930   -10.357 -8.140  1.00 12.35 ? 9    G   B N3    1 
ATOM   185 C  C4    . G   B 2 2 ? 9.145   -9.019  -8.188  1.00 13.26 ? 9    G   B C4    1 
ATOM   186 P  P     . G   B 2 3 ? 3.645   -7.394  -8.689  1.00 17.52 ? 10   G   B P     1 
ATOM   187 O  OP1   . G   B 2 3 ? 2.247   -7.213  -9.062  1.00 21.74 ? 10   G   B OP1   1 
ATOM   188 O  OP2   . G   B 2 3 ? 4.282   -6.378  -7.846  1.00 18.09 ? 10   G   B OP2   1 
ATOM   189 O  "O5'" . G   B 2 3 ? 3.831   -8.800  -8.004  1.00 19.29 ? 10   G   B "O5'" 1 
ATOM   190 C  "C5'" . G   B 2 3 ? 3.173   -9.970  -8.505  1.00 18.03 ? 10   G   B "C5'" 1 
ATOM   191 C  "C4'" . G   B 2 3 ? 3.512   -11.128 -7.656  1.00 16.77 ? 10   G   B "C4'" 1 
ATOM   192 O  "O4'" . G   B 2 3 ? 4.965   -11.338 -7.643  1.00 15.55 ? 10   G   B "O4'" 1 
ATOM   193 C  "C3'" . G   B 2 3 ? 3.222   -11.035 -6.153  1.00 14.07 ? 10   G   B "C3'" 1 
ATOM   194 O  "O3'" . G   B 2 3 ? 1.827   -11.157 -5.994  1.00 15.78 ? 10   G   B "O3'" 1 
ATOM   195 C  "C2'" . G   B 2 3 ? 4.071   -12.153 -5.644  1.00 10.82 ? 10   G   B "C2'" 1 
ATOM   196 O  "O2'" . G   B 2 3 ? 3.521   -13.409 -5.965  1.00 14.09 ? 10   G   B "O2'" 1 
ATOM   197 C  "C1'" . G   B 2 3 ? 5.348   -11.900 -6.396  1.00 13.02 ? 10   G   B "C1'" 1 
ATOM   198 N  N9    . G   B 2 3 ? 6.199   -10.959 -5.677  1.00 11.02 ? 10   G   B N9    1 
ATOM   199 C  C8    . G   B 2 3 ? 6.512   -9.660  -5.961  1.00 13.62 ? 10   G   B C8    1 
ATOM   200 N  N7    . G   B 2 3 ? 7.309   -9.124  -5.079  1.00 14.60 ? 10   G   B N7    1 
ATOM   201 C  C5    . G   B 2 3 ? 7.538   -10.124 -4.159  1.00 12.28 ? 10   G   B C5    1 
ATOM   202 C  C6    . G   B 2 3 ? 8.336   -10.093 -2.985  1.00 12.13 ? 10   G   B C6    1 
ATOM   203 O  O6    . G   B 2 3 ? 8.999   -9.156  -2.541  1.00 12.87 ? 10   G   B O6    1 
ATOM   204 N  N1    . G   B 2 3 ? 8.315   -11.307 -2.309  1.00 9.92  ? 10   G   B N1    1 
ATOM   205 C  C2    . G   B 2 3 ? 7.597   -12.401 -2.744  1.00 11.45 ? 10   G   B C2    1 
ATOM   206 N  N2    . G   B 2 3 ? 7.668   -13.505 -1.996  1.00 9.74  ? 10   G   B N2    1 
ATOM   207 N  N3    . G   B 2 3 ? 6.858   -12.439 -3.829  1.00 10.47 ? 10   G   B N3    1 
ATOM   208 C  C4    . G   B 2 3 ? 6.861   -11.271 -4.505  1.00 10.52 ? 10   G   B C4    1 
ATOM   209 P  P     . G   B 2 4 ? 1.072   -10.549 -4.730  1.00 15.62 ? 11   G   B P     1 
ATOM   210 O  OP1   . G   B 2 4 ? -0.345  -10.885 -4.881  1.00 17.10 ? 11   G   B OP1   1 
ATOM   211 O  OP2   . G   B 2 4 ? 1.434   -9.136  -4.630  1.00 17.30 ? 11   G   B OP2   1 
ATOM   212 O  "O5'" . G   B 2 4 ? 1.653   -11.304 -3.478  1.00 14.56 ? 11   G   B "O5'" 1 
ATOM   213 C  "C5'" . G   B 2 4 ? 1.370   -12.684 -3.209  1.00 11.96 ? 11   G   B "C5'" 1 
ATOM   214 C  "C4'" . G   B 2 4 ? 2.115   -13.028 -1.963  1.00 11.33 ? 11   G   B "C4'" 1 
ATOM   215 O  "O4'" . G   B 2 4 ? 3.570   -12.856 -2.168  1.00 11.00 ? 11   G   B "O4'" 1 
ATOM   216 C  "C3'" . G   B 2 4 ? 1.879   -12.150 -0.755  1.00 10.38 ? 11   G   B "C3'" 1 
ATOM   217 O  "O3'" . G   B 2 4 ? 0.637   -12.497 -0.174  1.00 11.72 ? 11   G   B "O3'" 1 
ATOM   218 C  "C2'" . G   B 2 4 ? 3.080   -12.469 0.078   1.00 10.38 ? 11   G   B "C2'" 1 
ATOM   219 O  "O2'" . G   B 2 4 ? 2.987   -13.734 0.668   1.00 12.50 ? 11   G   B "O2'" 1 
ATOM   220 C  "C1'" . G   B 2 4 ? 4.174   -12.469 -0.948  1.00 10.14 ? 11   G   B "C1'" 1 
ATOM   221 N  N9    . G   B 2 4 ? 4.751   -11.136 -1.112  1.00 10.06 ? 11   G   B N9    1 
ATOM   222 C  C8    . G   B 2 4 ? 4.532   -10.222 -2.094  1.00 8.96  ? 11   G   B C8    1 
ATOM   223 N  N7    . G   B 2 4 ? 5.216   -9.131  -1.924  1.00 8.85  ? 11   G   B N7    1 
ATOM   224 C  C5    . G   B 2 4 ? 5.939   -9.338  -0.751  1.00 7.95  ? 11   G   B C5    1 
ATOM   225 C  C6    . G   B 2 4 ? 6.857   -8.502  -0.066  1.00 9.35  ? 11   G   B C6    1 
ATOM   226 O  O6    . G   B 2 4 ? 7.188   -7.369  -0.427  1.00 11.36 ? 11   G   B O6    1 
ATOM   227 N  N1    . G   B 2 4 ? 7.347   -9.104  1.073   1.00 9.58  ? 11   G   B N1    1 
ATOM   228 C  C2    . G   B 2 4 ? 6.997   -10.364 1.505   1.00 8.65  ? 11   G   B C2    1 
ATOM   229 N  N2    . G   B 2 4 ? 7.598   -10.744 2.636   1.00 10.55 ? 11   G   B N2    1 
ATOM   230 N  N3    . G   B 2 4 ? 6.142   -11.162 0.878   1.00 9.17  ? 11   G   B N3    1 
ATOM   231 C  C4    . G   B 2 4 ? 5.656   -10.586 -0.234  1.00 8.55  ? 11   G   B C4    1 
ATOM   232 P  P     . C   B 2 5 ? -0.288  -11.433 0.537   1.00 11.59 ? 12   C   B P     1 
ATOM   233 O  OP1   . C   B 2 5 ? -1.618  -12.040 0.686   1.00 11.30 ? 12   C   B OP1   1 
ATOM   234 O  OP2   . C   B 2 5 ? -0.188  -10.156 -0.176  1.00 12.21 ? 12   C   B OP2   1 
ATOM   235 O  "O5'" . C   B 2 5 ? 0.324   -11.200 1.984   1.00 11.59 ? 12   C   B "O5'" 1 
ATOM   236 C  "C5'" . C   B 2 5 ? 0.400   -12.205 2.951   1.00 10.67 ? 12   C   B "C5'" 1 
ATOM   237 C  "C4'" . C   B 2 5 ? 1.357   -11.914 4.050   1.00 12.57 ? 12   C   B "C4'" 1 
ATOM   238 O  "O4'" . C   B 2 5 ? 2.696   -11.712 3.485   1.00 14.16 ? 12   C   B "O4'" 1 
ATOM   239 C  "C3'" . C   B 2 5 ? 1.176   -10.639 4.872   1.00 10.58 ? 12   C   B "C3'" 1 
ATOM   240 O  "O3'" . C   B 2 5 ? 0.150   -10.852 5.780   1.00 13.34 ? 12   C   B "O3'" 1 
ATOM   241 C  "C2'" . C   B 2 5 ? 2.555   -10.501 5.466   1.00 11.40 ? 12   C   B "C2'" 1 
ATOM   242 O  "O2'" . C   B 2 5 ? 2.755   -11.458 6.499   1.00 15.50 ? 12   C   B "O2'" 1 
ATOM   243 C  "C1'" . C   B 2 5 ? 3.414   -10.798 4.313   1.00 14.11 ? 12   C   B "C1'" 1 
ATOM   244 N  N1    . C   B 2 5 ? 3.721   -9.599  3.471   1.00 14.54 ? 12   C   B N1    1 
ATOM   245 C  C2    . C   B 2 5 ? 4.661   -8.715  3.995   1.00 12.90 ? 12   C   B C2    1 
ATOM   246 O  O2    . C   B 2 5 ? 5.153   -8.990  5.102   1.00 16.35 ? 12   C   B O2    1 
ATOM   247 N  N3    . C   B 2 5 ? 4.961   -7.631  3.265   1.00 13.77 ? 12   C   B N3    1 
ATOM   248 C  C4    . C   B 2 5 ? 4.379   -7.431  2.080   1.00 10.37 ? 12   C   B C4    1 
ATOM   249 N  N4    . C   B 2 5 ? 4.697   -6.343  1.381   1.00 16.02 ? 12   C   B N4    1 
ATOM   250 C  C5    . C   B 2 5 ? 3.408   -8.317  1.511   1.00 13.86 ? 12   C   B C5    1 
ATOM   251 C  C6    . C   B 2 5 ? 3.117   -9.387  2.250   1.00 12.06 ? 12   C   B C6    1 
HETATM 252 P  P     . IU  B 2 6 ? -0.791  -9.712  6.338   1.00 11.64 ? 13   IU  B P     1 
HETATM 253 O  OP1   . IU  B 2 6 ? -1.668  -10.308 7.349   1.00 14.85 ? 13   IU  B OP1   1 
HETATM 254 O  OP2   . IU  B 2 6 ? -1.409  -9.026  5.202   1.00 16.36 ? 13   IU  B OP2   1 
HETATM 255 O  "O5'" . IU  B 2 6 ? 0.175   -8.675  7.064   1.00 10.77 ? 13   IU  B "O5'" 1 
HETATM 256 C  "C5'" . IU  B 2 6 ? 0.780   -9.087  8.338   1.00 10.43 ? 13   IU  B "C5'" 1 
HETATM 257 C  "C4'" . IU  B 2 6 ? 1.789   -8.091  8.757   1.00 8.32  ? 13   IU  B "C4'" 1 
HETATM 258 O  "O4'" . IU  B 2 6 ? 2.865   -7.993  7.729   1.00 7.79  ? 13   IU  B "O4'" 1 
HETATM 259 C  "C3'" . IU  B 2 6 ? 1.362   -6.648  8.874   1.00 9.49  ? 13   IU  B "C3'" 1 
HETATM 260 O  "O3'" . IU  B 2 6 ? 0.597   -6.525  10.077  1.00 8.97  ? 13   IU  B "O3'" 1 
HETATM 261 C  "C2'" . IU  B 2 6 ? 2.673   -5.947  8.857   1.00 9.09  ? 13   IU  B "C2'" 1 
HETATM 262 O  "O2'" . IU  B 2 6 ? 3.372   -6.160  10.068  1.00 7.17  ? 13   IU  B "O2'" 1 
HETATM 263 C  "C1'" . IU  B 2 6 ? 3.338   -6.645  7.725   1.00 9.05  ? 13   IU  B "C1'" 1 
HETATM 264 N  N1    . IU  B 2 6 ? 3.023   -6.126  6.353   1.00 9.15  ? 13   IU  B N1    1 
HETATM 265 C  C2    . IU  B 2 6 ? 3.821   -5.052  6.009   1.00 9.56  ? 13   IU  B C2    1 
HETATM 266 O  O2    . IU  B 2 6 ? 4.675   -4.612  6.767   1.00 10.78 ? 13   IU  B O2    1 
HETATM 267 N  N3    . IU  B 2 6 ? 3.565   -4.550  4.757   1.00 9.95  ? 13   IU  B N3    1 
HETATM 268 C  C4    . IU  B 2 6 ? 2.619   -4.997  3.854   1.00 9.78  ? 13   IU  B C4    1 
HETATM 269 O  O4    . IU  B 2 6 ? 2.531   -4.407  2.760   1.00 10.67 ? 13   IU  B O4    1 
HETATM 270 C  C5    . IU  B 2 6 ? 1.824   -6.117  4.285   1.00 9.91  ? 13   IU  B C5    1 
HETATM 271 C  C6    . IU  B 2 6 ? 2.061   -6.623  5.500   1.00 9.07  ? 13   IU  B C6    1 
HETATM 272 I  I5    . IU  B 2 6 ? 0.379   -6.883  3.047   1.00 15.59 ? 13   IU  B I5    1 
ATOM   273 P  P     . A   B 2 7 ? -0.370  -5.273  10.251  1.00 11.72 ? 14   A   B P     1 
ATOM   274 O  OP1   . A   B 2 7 ? -0.976  -5.390  11.584  1.00 12.29 ? 14   A   B OP1   1 
ATOM   275 O  OP2   . A   B 2 7 ? -1.237  -5.201  9.084   1.00 13.24 ? 14   A   B OP2   1 
ATOM   276 O  "O5'" . A   B 2 7 ? 0.566   -3.998  10.248  1.00 9.51  ? 14   A   B "O5'" 1 
ATOM   277 C  "C5'" . A   B 2 7 ? 1.386   -3.696  11.403  1.00 11.58 ? 14   A   B "C5'" 1 
ATOM   278 C  "C4'" . A   B 2 7 ? 2.069   -2.406  11.124  1.00 10.36 ? 14   A   B "C4'" 1 
ATOM   279 O  "O4'" . A   B 2 7 ? 2.939   -2.561  9.942   1.00 9.96  ? 14   A   B "O4'" 1 
ATOM   280 C  "C3'" . A   B 2 7 ? 1.190   -1.236  10.744  1.00 9.33  ? 14   A   B "C3'" 1 
ATOM   281 O  "O3'" . A   B 2 7 ? 0.621   -0.666  11.895  1.00 11.13 ? 14   A   B "O3'" 1 
ATOM   282 C  "C2'" . A   B 2 7 ? 2.173   -0.332  10.031  1.00 9.61  ? 14   A   B "C2'" 1 
ATOM   283 O  "O2'" . A   B 2 7 ? 2.909   0.392   10.993  1.00 9.31  ? 14   A   B "O2'" 1 
ATOM   284 C  "C1'" . A   B 2 7 ? 2.986   -1.312  9.264   1.00 10.06 ? 14   A   B "C1'" 1 
ATOM   285 N  N9    . A   B 2 7 ? 2.439   -1.518  7.896   1.00 9.08  ? 14   A   B N9    1 
ATOM   286 C  C8    . A   B 2 7 ? 1.548   -2.470  7.460   1.00 9.14  ? 14   A   B C8    1 
ATOM   287 N  N7    . A   B 2 7 ? 1.255   -2.389  6.180   1.00 11.28 ? 14   A   B N7    1 
ATOM   288 C  C5    . A   B 2 7 ? 2.006   -1.294  5.748   1.00 10.83 ? 14   A   B C5    1 
ATOM   289 C  C6    . A   B 2 7 ? 2.131   -0.695  4.491   1.00 11.76 ? 14   A   B C6    1 
ATOM   290 N  N6    . A   B 2 7 ? 1.493   -1.104  3.397   1.00 12.05 ? 14   A   B N6    1 
ATOM   291 N  N1    . A   B 2 7 ? 2.956   0.366   4.419   1.00 12.11 ? 14   A   B N1    1 
ATOM   292 C  C2    . A   B 2 7 ? 3.607   0.799   5.497   1.00 11.13 ? 14   A   B C2    1 
ATOM   293 N  N3    . A   B 2 7 ? 3.573   0.313   6.753   1.00 10.92 ? 14   A   B N3    1 
ATOM   294 C  C4    . A   B 2 7 ? 2.738   -0.744  6.792   1.00 8.13  ? 14   A   B C4    1 
ATOM   295 O  "O5'" . U   C 1 1 ? -2.724  -0.443  7.011   1.00 15.04 ? 1    U   C "O5'" 1 
ATOM   296 C  "C5'" . U   C 1 1 ? -1.980  -0.640  8.211   1.00 15.41 ? 1    U   C "C5'" 1 
ATOM   297 C  "C4'" . U   C 1 1 ? -1.034  0.489   8.415   1.00 11.30 ? 1    U   C "C4'" 1 
ATOM   298 O  "O4'" . U   C 1 1 ? 0.023   0.401   7.398   1.00 12.22 ? 1    U   C "O4'" 1 
ATOM   299 C  "C3'" . U   C 1 1 ? -1.553  1.901   8.227   1.00 10.63 ? 1    U   C "C3'" 1 
ATOM   300 O  "O3'" . U   C 1 1 ? -2.252  2.246   9.395   1.00 11.45 ? 1    U   C "O3'" 1 
ATOM   301 C  "C2'" . U   C 1 1 ? -0.268  2.637   7.972   1.00 10.16 ? 1    U   C "C2'" 1 
ATOM   302 O  "O2'" . U   C 1 1 ? 0.477   2.764   9.155   1.00 10.14 ? 1    U   C "O2'" 1 
ATOM   303 C  "C1'" . U   C 1 1 ? 0.412   1.722   7.021   1.00 10.56 ? 1    U   C "C1'" 1 
ATOM   304 N  N1    . U   C 1 1 ? 0.028   1.849   5.581   1.00 10.01 ? 1    U   C N1    1 
ATOM   305 C  C2    . U   C 1 1 ? 0.561   2.965   4.973   1.00 9.45  ? 1    U   C C2    1 
ATOM   306 O  O2    . U   C 1 1 ? 1.269   3.804   5.503   1.00 11.60 ? 1    U   C O2    1 
ATOM   307 N  N3    . U   C 1 1 ? 0.244   3.133   3.652   1.00 11.92 ? 1    U   C N3    1 
ATOM   308 C  C4    . U   C 1 1 ? -0.543  2.304   2.886   1.00 11.03 ? 1    U   C C4    1 
ATOM   309 O  O4    . U   C 1 1 ? -0.779  2.531   1.698   1.00 14.68 ? 1    U   C O4    1 
ATOM   310 C  C5    . U   C 1 1 ? -1.050  1.170   3.582   1.00 8.41  ? 1    U   C C5    1 
ATOM   311 C  C6    . U   C 1 1 ? -0.766  0.976   4.866   1.00 9.68  ? 1    U   C C6    1 
ATOM   312 P  P     . A   C 1 2 ? -3.408  3.326   9.427   1.00 17.92 ? 2    A   C P     1 
ATOM   313 O  OP1   . A   C 1 2 ? -3.908  3.402   10.802  1.00 21.06 ? 2    A   C OP1   1 
ATOM   314 O  OP2   . A   C 1 2 ? -4.371  2.998   8.370   1.00 25.86 ? 2    A   C OP2   1 
ATOM   315 O  "O5'" . A   C 1 2 ? -2.715  4.699   9.061   1.00 15.68 ? 2    A   C "O5'" 1 
ATOM   316 C  "C5'" . A   C 1 2 ? -1.834  5.302   10.106  1.00 13.15 ? 2    A   C "C5'" 1 
ATOM   317 C  "C4'" . A   C 1 2 ? -1.341  6.528   9.507   1.00 13.69 ? 2    A   C "C4'" 1 
ATOM   318 O  "O4'" . A   C 1 2 ? -0.446  6.193   8.374   1.00 12.07 ? 2    A   C "O4'" 1 
ATOM   319 C  "C3'" . A   C 1 2 ? -2.390  7.439   8.842   1.00 19.09 ? 2    A   C "C3'" 1 
ATOM   320 O  "O3'" . A   C 1 2 ? -3.085  8.090   9.909   1.00 19.00 ? 2    A   C "O3'" 1 
ATOM   321 C  "C2'" . A   C 1 2 ? -1.492  8.215   7.969   1.00 17.25 ? 2    A   C "C2'" 1 
ATOM   322 O  "O2'" . A   C 1 2 ? -0.684  9.092   8.748   1.00 24.17 ? 2    A   C "O2'" 1 
ATOM   323 C  "C1'" . A   C 1 2 ? -0.599  7.189   7.369   1.00 14.78 ? 2    A   C "C1'" 1 
ATOM   324 N  N9    . A   C 1 2 ? -1.159  6.557   6.159   1.00 14.16 ? 2    A   C N9    1 
ATOM   325 C  C8    . A   C 1 2 ? -1.892  5.412   6.008   1.00 14.25 ? 2    A   C C8    1 
ATOM   326 N  N7    . A   C 1 2 ? -2.233  5.144   4.768   1.00 13.41 ? 2    A   C N7    1 
ATOM   327 C  C5    . A   C 1 2 ? -1.675  6.175   4.034   1.00 9.49  ? 2    A   C C5    1 
ATOM   328 C  C6    . A   C 1 2 ? -1.664  6.490   2.663   1.00 10.81 ? 2    A   C C6    1 
ATOM   329 N  N6    . A   C 1 2 ? -2.261  5.732   1.741   1.00 13.53 ? 2    A   C N6    1 
ATOM   330 N  N1    . A   C 1 2 ? -1.019  7.604   2.245   1.00 13.68 ? 2    A   C N1    1 
ATOM   331 C  C2    . A   C 1 2 ? -0.417  8.365   3.181   1.00 12.89 ? 2    A   C C2    1 
ATOM   332 N  N3    . A   C 1 2 ? -0.368  8.161   4.497   1.00 12.90 ? 2    A   C N3    1 
ATOM   333 C  C4    . A   C 1 2 ? -1.015  7.054   4.869   1.00 12.04 ? 2    A   C C4    1 
ATOM   334 P  P     . G   C 1 3 ? -4.581  8.595   9.723   1.00 17.95 ? 3    G   C P     1 
ATOM   335 O  OP1   . G   C 1 3 ? -4.962  9.363   10.900  1.00 18.33 ? 3    G   C OP1   1 
ATOM   336 O  OP2   . G   C 1 3 ? -5.391  7.450   9.319   1.00 20.31 ? 3    G   C OP2   1 
ATOM   337 O  "O5'" . G   C 1 3 ? -4.510  9.605   8.486   1.00 20.02 ? 3    G   C "O5'" 1 
ATOM   338 C  "C5'" . G   C 1 3 ? -3.669  10.764  8.580   1.00 18.86 ? 3    G   C "C5'" 1 
ATOM   339 C  "C4'" . G   C 1 3 ? -3.468  11.445  7.280   1.00 16.93 ? 3    G   C "C4'" 1 
ATOM   340 O  "O4'" . G   C 1 3 ? -2.797  10.508  6.343   1.00 15.05 ? 3    G   C "O4'" 1 
ATOM   341 C  "C3'" . G   C 1 3 ? -4.661  11.851  6.461   1.00 14.98 ? 3    G   C "C3'" 1 
ATOM   342 O  "O3'" . G   C 1 3 ? -5.140  13.115  6.998   1.00 18.46 ? 3    G   C "O3'" 1 
ATOM   343 C  "C2'" . G   C 1 3 ? -4.150  11.944  5.082   1.00 14.35 ? 3    G   C "C2'" 1 
ATOM   344 O  "O2'" . G   C 1 3 ? -3.456  13.186  4.871   1.00 15.41 ? 3    G   C "O2'" 1 
ATOM   345 C  "C1'" . G   C 1 3 ? -3.195  10.808  5.000   1.00 15.76 ? 3    G   C "C1'" 1 
ATOM   346 N  N9    . G   C 1 3 ? -3.813  9.613   4.426   1.00 15.20 ? 3    G   C N9    1 
ATOM   347 C  C8    . G   C 1 3 ? -4.315  8.501   5.031   1.00 16.18 ? 3    G   C C8    1 
ATOM   348 N  N7    . G   C 1 3 ? -4.799  7.624   4.172   1.00 12.07 ? 3    G   C N7    1 
ATOM   349 C  C5    . G   C 1 3 ? -4.603  8.199   2.920   1.00 12.68 ? 3    G   C C5    1 
ATOM   350 C  C6    . G   C 1 3 ? -4.902  7.769   1.596   1.00 12.22 ? 3    G   C C6    1 
ATOM   351 O  O6    . G   C 1 3 ? -5.443  6.705   1.232   1.00 12.83 ? 3    G   C O6    1 
ATOM   352 N  N1    . G   C 1 3 ? -4.522  8.688   0.603   1.00 12.68 ? 3    G   C N1    1 
ATOM   353 C  C2    . G   C 1 3 ? -3.918  9.889   0.883   1.00 10.97 ? 3    G   C C2    1 
ATOM   354 N  N2    . G   C 1 3 ? -3.602  10.681  -0.145  1.00 10.52 ? 3    G   C N2    1 
ATOM   355 N  N3    . G   C 1 3 ? -3.625  10.316  2.103   1.00 11.65 ? 3    G   C N3    1 
ATOM   356 C  C4    . G   C 1 3 ? -3.993  9.435   3.067   1.00 13.01 ? 3    G   C C4    1 
ATOM   357 P  P     . C   C 1 4 ? -6.655  13.488  6.740   1.00 16.86 ? 4    C   C P     1 
ATOM   358 O  OP1   . C   C 1 4 ? -7.019  14.568  7.650   1.00 19.89 ? 4    C   C OP1   1 
ATOM   359 O  OP2   . C   C 1 4 ? -7.438  12.244  6.800   1.00 17.52 ? 4    C   C OP2   1 
ATOM   360 O  "O5'" . C   C 1 4 ? -6.729  14.021  5.250   1.00 15.81 ? 4    C   C "O5'" 1 
ATOM   361 C  "C5'" . C   C 1 4 ? -6.148  15.285  4.892   1.00 11.18 ? 4    C   C "C5'" 1 
ATOM   362 C  "C4'" . C   C 1 4 ? -6.393  15.519  3.448   1.00 10.12 ? 4    C   C "C4'" 1 
ATOM   363 O  "O4'" . C   C 1 4 ? -5.635  14.513  2.670   1.00 12.59 ? 4    C   C "O4'" 1 
ATOM   364 C  "C3'" . C   C 1 4 ? -7.792  15.324  2.890   1.00 8.75  ? 4    C   C "C3'" 1 
ATOM   365 O  "O3'" . C   C 1 4 ? -8.574  16.459  3.213   1.00 9.84  ? 4    C   C "O3'" 1 
ATOM   366 C  "C2'" . C   C 1 4 ? -7.498  15.159  1.434   1.00 7.17  ? 4    C   C "C2'" 1 
ATOM   367 O  "O2'" . C   C 1 4 ? -7.134  16.433  0.878   1.00 9.31  ? 4    C   C "O2'" 1 
ATOM   368 C  "C1'" . C   C 1 4 ? -6.372  14.218  1.476   1.00 8.96  ? 4    C   C "C1'" 1 
ATOM   369 N  N1    . C   C 1 4 ? -6.797  12.788  1.553   1.00 10.21 ? 4    C   C N1    1 
ATOM   370 C  C2    . C   C 1 4 ? -7.106  12.171  0.332   1.00 9.75  ? 4    C   C C2    1 
ATOM   371 O  O2    . C   C 1 4 ? -7.025  12.798  -0.741  1.00 9.81  ? 4    C   C O2    1 
ATOM   372 N  N3    . C   C 1 4 ? -7.497  10.876  0.327   1.00 11.60 ? 4    C   C N3    1 
ATOM   373 C  C4    . C   C 1 4 ? -7.594  10.187  1.465   1.00 9.34  ? 4    C   C C4    1 
ATOM   374 N  N4    . C   C 1 4 ? -7.990  8.909   1.373   1.00 15.88 ? 4    C   C N4    1 
ATOM   375 C  C5    . C   C 1 4 ? -7.284  10.810  2.697   1.00 10.64 ? 4    C   C C5    1 
ATOM   376 C  C6    . C   C 1 4 ? -6.891  12.092  2.730   1.00 11.32 ? 4    C   C C6    1 
ATOM   377 P  P     . U   C 1 5 ? -10.147 16.339  3.404   1.00 10.54 ? 5    U   C P     1 
ATOM   378 O  OP1   . U   C 1 5 ? -10.659 17.680  3.692   1.00 13.63 ? 5    U   C OP1   1 
ATOM   379 O  OP2   . U   C 1 5 ? -10.426 15.257  4.338   1.00 12.40 ? 5    U   C OP2   1 
ATOM   380 O  "O5'" . U   C 1 5 ? -10.701 15.908  1.974   1.00 10.89 ? 5    U   C "O5'" 1 
ATOM   381 C  "C5'" . U   C 1 5 ? -10.566 16.817  0.860   1.00 10.78 ? 5    U   C "C5'" 1 
ATOM   382 C  "C4'" . U   C 1 5 ? -10.912 16.108  -0.407  1.00 10.44 ? 5    U   C "C4'" 1 
ATOM   383 O  "O4'" . U   C 1 5 ? -10.014 14.946  -0.574  1.00 11.64 ? 5    U   C "O4'" 1 
ATOM   384 C  "C3'" . U   C 1 5 ? -12.276 15.450  -0.547  1.00 11.34 ? 5    U   C "C3'" 1 
ATOM   385 O  "O3'" . U   C 1 5 ? -13.199 16.445  -0.860  1.00 11.54 ? 5    U   C "O3'" 1 
ATOM   386 C  "C2'" . U   C 1 5 ? -12.028 14.445  -1.643  1.00 9.62  ? 5    U   C "C2'" 1 
ATOM   387 O  "O2'" . U   C 1 5 ? -11.970 15.055  -2.905  1.00 10.98 ? 5    U   C "O2'" 1 
ATOM   388 C  "C1'" . U   C 1 5 ? -10.697 13.895  -1.223  1.00 12.28 ? 5    U   C "C1'" 1 
ATOM   389 N  N1    . U   C 1 5 ? -10.765 12.768  -0.237  1.00 11.31 ? 5    U   C N1    1 
ATOM   390 C  C2    . U   C 1 5 ? -11.027 11.553  -0.855  1.00 10.42 ? 5    U   C C2    1 
ATOM   391 O  O2    . U   C 1 5 ? -11.169 11.471  -2.066  1.00 10.72 ? 5    U   C O2    1 
ATOM   392 N  N3    . U   C 1 5 ? -11.106 10.455  -0.023  1.00 9.54  ? 5    U   C N3    1 
ATOM   393 C  C4    . U   C 1 5 ? -10.963 10.468  1.348   1.00 10.47 ? 5    U   C C4    1 
ATOM   394 O  O4    . U   C 1 5 ? -11.066 9.397   1.955   1.00 12.23 ? 5    U   C O4    1 
ATOM   395 C  C5    . U   C 1 5 ? -10.704 11.756  1.914   1.00 10.55 ? 5    U   C C5    1 
ATOM   396 C  C6    . U   C 1 5 ? -10.615 12.832  1.121   1.00 10.02 ? 5    U   C C6    1 
ATOM   397 P  P     . C   C 1 6 ? -14.755 16.286  -0.704  1.00 11.71 ? 6    C   C P     1 
ATOM   398 O  OP1   . C   C 1 6 ? -15.383 17.578  -1.013  1.00 17.49 ? 6    C   C OP1   1 
ATOM   399 O  OP2   . C   C 1 6 ? -15.046 15.704  0.615   1.00 13.56 ? 6    C   C OP2   1 
ATOM   400 O  "O5'" . C   C 1 6 ? -15.224 15.239  -1.791  1.00 10.72 ? 6    C   C "O5'" 1 
ATOM   401 C  "C5'" . C   C 1 6 ? -15.327 15.612  -3.174  1.00 12.92 ? 6    C   C "C5'" 1 
ATOM   402 C  "C4'" . C   C 1 6 ? -15.808 14.454  -3.977  1.00 12.58 ? 6    C   C "C4'" 1 
ATOM   403 O  "O4'" . C   C 1 6 ? -14.817 13.376  -3.947  1.00 13.68 ? 6    C   C "O4'" 1 
ATOM   404 C  "C3'" . C   C 1 6 ? -17.050 13.742  -3.490  1.00 13.00 ? 6    C   C "C3'" 1 
ATOM   405 O  "O3'" . C   C 1 6 ? -18.165 14.513  -3.910  1.00 11.75 ? 6    C   C "O3'" 1 
ATOM   406 C  "C2'" . C   C 1 6 ? -16.927 12.401  -4.131  1.00 12.88 ? 6    C   C "C2'" 1 
ATOM   407 O  "O2'" . C   C 1 6 ? -17.256 12.440  -5.515  1.00 16.93 ? 6    C   C "O2'" 1 
ATOM   408 C  "C1'" . C   C 1 6 ? -15.481 12.120  -3.931  1.00 11.42 ? 6    C   C "C1'" 1 
ATOM   409 N  N1    . C   C 1 6 ? -15.205 11.459  -2.627  1.00 11.04 ? 6    C   C N1    1 
ATOM   410 C  C2    . C   C 1 6 ? -15.458 10.075  -2.593  1.00 11.32 ? 6    C   C C2    1 
ATOM   411 O  O2    . C   C 1 6 ? -15.875 9.574   -3.642  1.00 16.05 ? 6    C   C O2    1 
ATOM   412 N  N3    . C   C 1 6 ? -15.238 9.392   -1.466  1.00 9.85  ? 6    C   C N3    1 
ATOM   413 C  C4    . C   C 1 6 ? -14.786 9.974   -0.362  1.00 11.09 ? 6    C   C C4    1 
ATOM   414 N  N4    . C   C 1 6 ? -14.595 9.217   0.726   1.00 10.61 ? 6    C   C N4    1 
ATOM   415 C  C5    . C   C 1 6 ? -14.521 11.374  -0.362  1.00 9.20  ? 6    C   C C5    1 
ATOM   416 C  C6    . C   C 1 6 ? -14.745 12.071  -1.505  1.00 11.33 ? 6    C   C C6    1 
ATOM   417 P  P     . C   C 1 7 ? -19.517 14.483  -3.090  1.00 13.21 ? 7    C   C P     1 
ATOM   418 O  OP1   . C   C 1 7 ? -20.448 15.392  -3.767  1.00 15.70 ? 7    C   C OP1   1 
ATOM   419 O  OP2   . C   C 1 7 ? -19.216 14.750  -1.684  1.00 11.84 ? 7    C   C OP2   1 
ATOM   420 O  "O5'" . C   C 1 7 ? -20.071 13.005  -3.212  1.00 13.05 ? 7    C   C "O5'" 1 
ATOM   421 C  "C5'" . C   C 1 7 ? -20.709 12.534  -4.380  1.00 14.16 ? 7    C   C "C5'" 1 
ATOM   422 C  "C4'" . C   C 1 7 ? -20.981 11.066  -4.314  1.00 12.93 ? 7    C   C "C4'" 1 
ATOM   423 O  "O4'" . C   C 1 7 ? -19.739 10.320  -4.019  1.00 12.30 ? 7    C   C "O4'" 1 
ATOM   424 C  "C3'" . C   C 1 7 ? -21.916 10.582  -3.224  1.00 11.40 ? 7    C   C "C3'" 1 
ATOM   425 O  "O3'" . C   C 1 7 ? -23.251 10.905  -3.615  1.00 16.26 ? 7    C   C "O3'" 1 
ATOM   426 C  "C2'" . C   C 1 7 ? -21.589 9.122   -3.151  1.00 14.98 ? 7    C   C "C2'" 1 
ATOM   427 O  "O2'" . C   C 1 7 ? -22.181 8.406   -4.225  1.00 16.62 ? 7    C   C "O2'" 1 
ATOM   428 C  "C1'" . C   C 1 7 ? -20.117 9.133   -3.282  1.00 14.92 ? 7    C   C "C1'" 1 
ATOM   429 N  N1    . C   C 1 7 ? -19.401 9.191   -1.979  1.00 17.16 ? 7    C   C N1    1 
ATOM   430 C  C2    . C   C 1 7 ? -19.215 7.981   -1.315  1.00 15.60 ? 7    C   C C2    1 
ATOM   431 O  O2    . C   C 1 7 ? -19.657 6.936   -1.831  1.00 19.28 ? 7    C   C O2    1 
ATOM   432 N  N3    . C   C 1 7 ? -18.567 7.990   -0.129  1.00 16.67 ? 7    C   C N3    1 
ATOM   433 C  C4    . C   C 1 7 ? -18.110 9.121   0.400   1.00 17.81 ? 7    C   C C4    1 
ATOM   434 N  N4    . C   C 1 7 ? -17.473 9.071   1.580   1.00 16.93 ? 7    C   C N4    1 
ATOM   435 C  C5    . C   C 1 7 ? -18.279 10.370  -0.256  1.00 18.17 ? 7    C   C C5    1 
ATOM   436 C  C6    . C   C 1 7 ? -18.921 10.353  -1.429  1.00 15.85 ? 7    C   C C6    1 
ATOM   437 O  "O5'" . G   D 2 1 ? -15.363 -0.418  4.933   1.00 15.50 ? 8    G   D "O5'" 1 
ATOM   438 C  "C5'" . G   D 2 1 ? -16.022 -1.653  4.584   1.00 12.97 ? 8    G   D "C5'" 1 
ATOM   439 C  "C4'" . G   D 2 1 ? -16.947 -1.373  3.447   1.00 10.83 ? 8    G   D "C4'" 1 
ATOM   440 O  "O4'" . G   D 2 1 ? -17.936 -0.351  3.852   1.00 11.33 ? 8    G   D "O4'" 1 
ATOM   441 C  "C3'" . G   D 2 1 ? -16.349 -0.781  2.191   1.00 12.89 ? 8    G   D "C3'" 1 
ATOM   442 O  "O3'" . G   D 2 1 ? -15.760 -1.875  1.482   1.00 16.26 ? 8    G   D "O3'" 1 
ATOM   443 C  "C2'" . G   D 2 1 ? -17.534 -0.149  1.582   1.00 10.67 ? 8    G   D "C2'" 1 
ATOM   444 O  "O2'" . G   D 2 1 ? -18.414 -1.178  1.066   1.00 10.27 ? 8    G   D "O2'" 1 
ATOM   445 C  "C1'" . G   D 2 1 ? -18.205 0.515   2.697   1.00 9.80  ? 8    G   D "C1'" 1 
ATOM   446 N  N9    . G   D 2 1 ? -17.717 1.841   3.024   1.00 10.99 ? 8    G   D N9    1 
ATOM   447 C  C8    . G   D 2 1 ? -16.950 2.278   4.065   1.00 13.41 ? 8    G   D C8    1 
ATOM   448 N  N7    . G   D 2 1 ? -16.716 3.567   4.020   1.00 14.99 ? 8    G   D N7    1 
ATOM   449 C  C5    . G   D 2 1 ? -17.370 4.033   2.876   1.00 12.56 ? 8    G   D C5    1 
ATOM   450 C  C6    . G   D 2 1 ? -17.464 5.346   2.323   1.00 13.81 ? 8    G   D C6    1 
ATOM   451 O  O6    . G   D 2 1 ? -16.978 6.404   2.735   1.00 18.32 ? 8    G   D O6    1 
ATOM   452 N  N1    . G   D 2 1 ? -18.223 5.383   1.149   1.00 16.03 ? 8    G   D N1    1 
ATOM   453 C  C2    . G   D 2 1 ? -18.805 4.235   0.619   1.00 13.92 ? 8    G   D C2    1 
ATOM   454 N  N2    . G   D 2 1 ? -19.498 4.446   -0.510  1.00 16.92 ? 8    G   D N2    1 
ATOM   455 N  N3    . G   D 2 1 ? -18.718 3.014   1.128   1.00 12.18 ? 8    G   D N3    1 
ATOM   456 C  C4    . G   D 2 1 ? -17.991 2.969   2.259   1.00 11.65 ? 8    G   D C4    1 
ATOM   457 P  P     . G   D 2 2 ? -14.558 -1.631  0.485   1.00 13.82 ? 9    G   D P     1 
ATOM   458 O  OP1   . G   D 2 2 ? -14.100 -2.928  -0.024  1.00 19.59 ? 9    G   D OP1   1 
ATOM   459 O  OP2   . G   D 2 2 ? -13.566 -0.781  1.158   1.00 14.62 ? 9    G   D OP2   1 
ATOM   460 O  "O5'" . G   D 2 2 ? -15.146 -0.805  -0.728  1.00 18.33 ? 9    G   D "O5'" 1 
ATOM   461 C  "C5'" . G   D 2 2 ? -16.174 -1.354  -1.562  1.00 15.41 ? 9    G   D "C5'" 1 
ATOM   462 C  "C4'" . G   D 2 2 ? -16.654 -0.349  -2.544  1.00 14.22 ? 9    G   D "C4'" 1 
ATOM   463 O  "O4'" . G   D 2 2 ? -17.488 0.665   -1.823  1.00 13.72 ? 9    G   D "O4'" 1 
ATOM   464 C  "C3'" . G   D 2 2 ? -15.656 0.524   -3.236  1.00 15.03 ? 9    G   D "C3'" 1 
ATOM   465 O  "O3'" . G   D 2 2 ? -15.048 -0.205  -4.311  1.00 19.11 ? 9    G   D "O3'" 1 
ATOM   466 C  "C2'" . G   D 2 2 ? -16.503 1.666   -3.690  1.00 16.35 ? 9    G   D "C2'" 1 
ATOM   467 O  "O2'" . G   D 2 2 ? -17.368 1.277   -4.708  1.00 16.87 ? 9    G   D "O2'" 1 
ATOM   468 C  "C1'" . G   D 2 2 ? -17.255 1.938   -2.426  1.00 14.15 ? 9    G   D "C1'" 1 
ATOM   469 N  N9    . G   D 2 2 ? -16.481 2.767   -1.514  1.00 15.43 ? 9    G   D N9    1 
ATOM   470 C  C8    . G   D 2 2 ? -15.803 2.395   -0.369  1.00 14.78 ? 9    G   D C8    1 
ATOM   471 N  N7    . G   D 2 2 ? -15.210 3.407   0.213   1.00 13.34 ? 9    G   D N7    1 
ATOM   472 C  C5    . G   D 2 2 ? -15.520 4.490   -0.598  1.00 15.16 ? 9    G   D C5    1 
ATOM   473 C  C6    . G   D 2 2 ? -15.165 5.862   -0.489  1.00 11.96 ? 9    G   D C6    1 
ATOM   474 O  O6    . G   D 2 2 ? -14.470 6.346   0.412   1.00 15.99 ? 9    G   D O6    1 
ATOM   475 N  N1    . G   D 2 2 ? -15.698 6.611   -1.533  1.00 14.16 ? 9    G   D N1    1 
ATOM   476 C  C2    . G   D 2 2 ? -16.472 6.137   -2.560  1.00 17.39 ? 9    G   D C2    1 
ATOM   477 N  N2    . G   D 2 2 ? -16.917 6.991   -3.501  1.00 17.97 ? 9    G   D N2    1 
ATOM   478 N  N3    . G   D 2 2 ? -16.811 4.859   -2.671  1.00 18.19 ? 9    G   D N3    1 
ATOM   479 C  C4    . G   D 2 2 ? -16.302 4.117   -1.665  1.00 14.30 ? 9    G   D C4    1 
ATOM   480 P  P     . G   D 2 3 ? -13.600 0.249   -4.803  1.00 19.36 ? 10   G   D P     1 
ATOM   481 O  OP1   . G   D 2 3 ? -13.269 -0.567  -5.972  1.00 22.66 ? 10   G   D OP1   1 
ATOM   482 O  OP2   . G   D 2 3 ? -12.715 0.262   -3.654  1.00 19.88 ? 10   G   D OP2   1 
ATOM   483 O  "O5'" . G   D 2 3 ? -13.794 1.745   -5.310  1.00 21.52 ? 10   G   D "O5'" 1 
ATOM   484 C  "C5'" . G   D 2 3 ? -14.209 1.907   -6.719  1.00 18.67 ? 10   G   D "C5'" 1 
ATOM   485 C  "C4'" . G   D 2 3 ? -14.010 3.293   -7.066  1.00 18.92 ? 10   G   D "C4'" 1 
ATOM   486 O  "O4'" . G   D 2 3 ? -14.775 4.164   -6.124  1.00 17.94 ? 10   G   D "O4'" 1 
ATOM   487 C  "C3'" . G   D 2 3 ? -12.587 3.926   -6.938  1.00 18.96 ? 10   G   D "C3'" 1 
ATOM   488 O  "O3'" . G   D 2 3 ? -11.789 3.276   -7.882  1.00 20.30 ? 10   G   D "O3'" 1 
ATOM   489 C  "C2'" . G   D 2 3 ? -13.029 5.323   -7.147  1.00 15.43 ? 10   G   D "C2'" 1 
ATOM   490 O  "O2'" . G   D 2 3 ? -13.604 5.568   -8.394  1.00 25.30 ? 10   G   D "O2'" 1 
ATOM   491 C  "C1'" . G   D 2 3 ? -14.158 5.428   -6.126  1.00 16.61 ? 10   G   D "C1'" 1 
ATOM   492 N  N9    . G   D 2 3 ? -13.623 5.737   -4.813  1.00 15.17 ? 10   G   D N9    1 
ATOM   493 C  C8    . G   D 2 3 ? -13.417 4.913   -3.736  1.00 12.90 ? 10   G   D C8    1 
ATOM   494 N  N7    . G   D 2 3 ? -12.915 5.585   -2.733  1.00 12.35 ? 10   G   D N7    1 
ATOM   495 C  C5    . G   D 2 3 ? -12.790 6.886   -3.169  1.00 10.26 ? 10   G   D C5    1 
ATOM   496 C  C6    . G   D 2 3 ? -12.308 8.037   -2.515  1.00 8.86  ? 10   G   D C6    1 
ATOM   497 O  O6    . G   D 2 3 ? -11.886 8.086   -1.359  1.00 9.88  ? 10   G   D O6    1 
ATOM   498 N  N1    . G   D 2 3 ? -12.353 9.173   -3.321  1.00 8.53  ? 10   G   D N1    1 
ATOM   499 C  C2    . G   D 2 3 ? -12.806 9.208   -4.622  1.00 9.93  ? 10   G   D C2    1 
ATOM   500 N  N2    . G   D 2 3 ? -12.808 10.362  -5.329  1.00 10.91 ? 10   G   D N2    1 
ATOM   501 N  N3    . G   D 2 3 ? -13.262 8.118   -5.235  1.00 13.86 ? 10   G   D N3    1 
ATOM   502 C  C4    . G   D 2 3 ? -13.222 7.017   -4.456  1.00 13.36 ? 10   G   D C4    1 
ATOM   503 P  P     . G   D 2 4 ? -10.209 3.238   -7.869  1.00 16.96 ? 11   G   D P     1 
ATOM   504 O  OP1   . G   D 2 4 ? -9.773  2.657   -9.147  1.00 17.66 ? 11   G   D OP1   1 
ATOM   505 O  OP2   . G   D 2 4 ? -9.757  2.605   -6.638  1.00 23.35 ? 11   G   D OP2   1 
ATOM   506 O  "O5'" . G   D 2 4 ? -9.737  4.758   -7.842  1.00 11.76 ? 11   G   D "O5'" 1 
ATOM   507 C  "C5'" . G   D 2 4 ? -9.850  5.563   -9.016  1.00 12.63 ? 11   G   D "C5'" 1 
ATOM   508 C  "C4'" . G   D 2 4 ? -9.532  6.970   -8.732  1.00 11.05 ? 11   G   D "C4'" 1 
ATOM   509 O  "O4'" . G   D 2 4 ? -10.431 7.489   -7.684  1.00 8.87  ? 11   G   D "O4'" 1 
ATOM   510 C  "C3'" . G   D 2 4 ? -8.157  7.285   -8.146  1.00 10.10 ? 11   G   D "C3'" 1 
ATOM   511 O  "O3'" . G   D 2 4 ? -7.225  7.179   -9.216  1.00 10.07 ? 11   G   D "O3'" 1 
ATOM   512 C  "C2'" . G   D 2 4 ? -8.415  8.642   -7.612  1.00 9.55  ? 11   G   D "C2'" 1 
ATOM   513 O  "O2'" . G   D 2 4 ? -8.518  9.563   -8.674  1.00 11.03 ? 11   G   D "O2'" 1 
ATOM   514 C  "C1'" . G   D 2 4 ? -9.740  8.458   -6.918  1.00 8.82  ? 11   G   D "C1'" 1 
ATOM   515 N  N9    . G   D 2 4 ? -9.541  7.970   -5.562  1.00 8.57  ? 11   G   D N9    1 
ATOM   516 C  C8    . G   D 2 4 ? -9.713  6.689   -5.078  1.00 10.86 ? 11   G   D C8    1 
ATOM   517 N  N7    . G   D 2 4 ? -9.444  6.590   -3.807  1.00 11.93 ? 11   G   D N7    1 
ATOM   518 C  C5    . G   D 2 4 ? -9.072  7.877   -3.429  1.00 9.76  ? 11   G   D C5    1 
ATOM   519 C  C6    . G   D 2 4 ? -8.672  8.380   -2.175  1.00 10.19 ? 11   G   D C6    1 
ATOM   520 O  O6    . G   D 2 4 ? -8.595  7.690   -1.164  1.00 12.10 ? 11   G   D O6    1 
ATOM   521 N  N1    . G   D 2 4 ? -8.387  9.736   -2.246  1.00 13.10 ? 11   G   D N1    1 
ATOM   522 C  C2    . G   D 2 4 ? -8.474  10.512  -3.381  1.00 11.43 ? 11   G   D C2    1 
ATOM   523 N  N2    . G   D 2 4 ? -8.145  11.797  -3.201  1.00 9.51  ? 11   G   D N2    1 
ATOM   524 N  N3    . G   D 2 4 ? -8.851  10.048  -4.572  1.00 8.90  ? 11   G   D N3    1 
ATOM   525 C  C4    . G   D 2 4 ? -9.127  8.735   -4.505  1.00 7.27  ? 11   G   D C4    1 
ATOM   526 P  P     . C   D 2 5 ? -5.732  6.725   -8.968  1.00 11.35 ? 12   C   D P     1 
ATOM   527 O  OP1   . C   D 2 5 ? -5.081  6.588   -10.276 1.00 15.71 ? 12   C   D OP1   1 
ATOM   528 O  OP2   . C   D 2 5 ? -5.747  5.542   -8.100  1.00 15.12 ? 12   C   D OP2   1 
ATOM   529 O  "O5'" . C   D 2 5 ? -5.031  7.899   -8.180  1.00 9.94  ? 12   C   D "O5'" 1 
ATOM   530 C  "C5'" . C   D 2 5 ? -5.021  9.244   -8.691  1.00 11.08 ? 12   C   D "C5'" 1 
ATOM   531 C  "C4'" . C   D 2 5 ? -4.755  10.198  -7.565  1.00 9.60  ? 12   C   D "C4'" 1 
ATOM   532 O  "O4'" . C   D 2 5 ? -5.794  10.029  -6.525  1.00 8.27  ? 12   C   D "O4'" 1 
ATOM   533 C  "C3'" . C   D 2 5 ? -3.468  10.045  -6.776  1.00 9.24  ? 12   C   D "C3'" 1 
ATOM   534 O  "O3'" . C   D 2 5 ? -2.412  10.657  -7.501  1.00 10.60 ? 12   C   D "O3'" 1 
ATOM   535 C  "C2'" . C   D 2 5 ? -3.815  10.697  -5.473  1.00 10.86 ? 12   C   D "C2'" 1 
ATOM   536 O  "O2'" . C   D 2 5 ? -3.702  12.105  -5.552  1.00 11.57 ? 12   C   D "O2'" 1 
ATOM   537 C  "C1'" . C   D 2 5 ? -5.249  10.307  -5.259  1.00 8.30  ? 12   C   D "C1'" 1 
ATOM   538 N  N1    . C   D 2 5 ? -5.373  9.093   -4.404  1.00 8.84  ? 12   C   D N1    1 
ATOM   539 C  C2    . C   D 2 5 ? -5.125  9.259   -3.045  1.00 6.90  ? 12   C   D C2    1 
ATOM   540 O  O2    . C   D 2 5 ? -4.825  10.380  -2.635  1.00 7.93  ? 12   C   D O2    1 
ATOM   541 N  N3    . C   D 2 5 ? -5.224  8.187   -2.206  1.00 8.79  ? 12   C   D N3    1 
ATOM   542 C  C4    . C   D 2 5 ? -5.551  6.984   -2.682  1.00 10.26 ? 12   C   D C4    1 
ATOM   543 N  N4    . C   D 2 5 ? -5.621  5.990   -1.786  1.00 10.76 ? 12   C   D N4    1 
ATOM   544 C  C5    . C   D 2 5 ? -5.807  6.800   -4.069  1.00 12.04 ? 12   C   D C5    1 
ATOM   545 C  C6    . C   D 2 5 ? -5.707  7.855   -4.884  1.00 9.77  ? 12   C   D C6    1 
HETATM 546 P  P     . IU  D 2 6 ? -0.892  10.248  -7.279  1.00 12.39 ? 13   IU  D P     1 
HETATM 547 O  OP1   . IU  D 2 6 ? -0.113  10.963  -8.298  1.00 14.44 ? 13   IU  D OP1   1 
HETATM 548 O  OP2   . IU  D 2 6 ? -0.807  8.794   -7.242  1.00 12.67 ? 13   IU  D OP2   1 
HETATM 549 O  "O5'" . IU  D 2 6 ? -0.492  10.814  -5.860  1.00 11.45 ? 13   IU  D "O5'" 1 
HETATM 550 C  "C5'" . IU  D 2 6 ? -0.330  12.216  -5.630  1.00 14.12 ? 13   IU  D "C5'" 1 
HETATM 551 C  "C4'" . IU  D 2 6 ? 0.173   12.439  -4.249  1.00 13.43 ? 13   IU  D "C4'" 1 
HETATM 552 O  "O4'" . IU  D 2 6 ? -0.876  12.094  -3.267  1.00 14.01 ? 13   IU  D "O4'" 1 
HETATM 553 C  "C3'" . IU  D 2 6 ? 1.317   11.576  -3.778  1.00 13.25 ? 13   IU  D "C3'" 1 
HETATM 554 O  "O3'" . IU  D 2 6 ? 2.521   12.054  -4.342  1.00 14.30 ? 13   IU  D "O3'" 1 
HETATM 555 C  "C2'" . IU  D 2 6 ? 1.237   11.751  -2.290  1.00 13.18 ? 13   IU  D "C2'" 1 
HETATM 556 O  "O2'" . IU  D 2 6 ? 1.689   13.052  -1.972  1.00 11.35 ? 13   IU  D "O2'" 1 
HETATM 557 C  "C1'" . IU  D 2 6 ? -0.201  11.594  -2.075  1.00 12.78 ? 13   IU  D "C1'" 1 
HETATM 558 N  N1    . IU  D 2 6 ? -0.738  10.202  -1.940  1.00 12.43 ? 13   IU  D N1    1 
HETATM 559 C  C2    . IU  D 2 6 ? -0.770  9.777   -0.625  1.00 11.29 ? 13   IU  D C2    1 
HETATM 560 O  O2    . IU  D 2 6 ? -0.385  10.511  0.258   1.00 13.61 ? 13   IU  D O2    1 
HETATM 561 N  N3    . IU  D 2 6 ? -1.259  8.508   -0.418  1.00 10.71 ? 13   IU  D N3    1 
HETATM 562 C  C4    . IU  D 2 6 ? -1.708  7.639   -1.378  1.00 9.36  ? 13   IU  D C4    1 
HETATM 563 O  O4    . IU  D 2 6 ? -2.126  6.504   -1.090  1.00 11.48 ? 13   IU  D O4    1 
HETATM 564 C  C5    . IU  D 2 6 ? -1.635  8.168   -2.705  1.00 9.99  ? 13   IU  D C5    1 
HETATM 565 C  C6    . IU  D 2 6 ? -1.173  9.393   -2.974  1.00 12.00 ? 13   IU  D C6    1 
HETATM 566 I  I5    . IU  D 2 6 ? -2.267  6.949   -4.191  1.00 13.19 ? 13   IU  D I5    1 
ATOM   567 P  P     . A   D 2 7 ? 3.763   11.054  -4.516  1.00 12.52 ? 14   A   D P     1 
ATOM   568 O  OP1   . A   D 2 7 ? 4.809   11.823  -5.186  1.00 12.70 ? 14   A   D OP1   1 
ATOM   569 O  OP2   . A   D 2 7 ? 3.257   9.845   -5.162  1.00 14.00 ? 14   A   D OP2   1 
ATOM   570 O  "O5'" . A   D 2 7 ? 4.227   10.692  -3.055  1.00 12.52 ? 14   A   D "O5'" 1 
ATOM   571 C  "C5'" . A   D 2 7 ? 4.790   11.650  -2.170  1.00 12.00 ? 14   A   D "C5'" 1 
ATOM   572 C  "C4'" . A   D 2 7 ? 4.995   11.058  -0.824  1.00 13.65 ? 14   A   D "C4'" 1 
ATOM   573 O  "O4'" . A   D 2 7 ? 3.665   10.681  -0.267  1.00 16.20 ? 14   A   D "O4'" 1 
ATOM   574 C  "C3'" . A   D 2 7 ? 5.745   9.763   -0.692  1.00 13.81 ? 14   A   D "C3'" 1 
ATOM   575 O  "O3'" . A   D 2 7 ? 7.146   10.047  -0.770  1.00 16.32 ? 14   A   D "O3'" 1 
ATOM   576 C  "C2'" . A   D 2 7 ? 5.285   9.269   0.638   1.00 13.57 ? 14   A   D "C2'" 1 
ATOM   577 O  "O2'" . A   D 2 7 ? 5.980   9.927   1.678   1.00 15.63 ? 14   A   D "O2'" 1 
ATOM   578 C  "C1'" . A   D 2 7 ? 3.828   9.626   0.644   1.00 14.82 ? 14   A   D "C1'" 1 
ATOM   579 N  N9    . A   D 2 7 ? 3.002   8.475   0.204   1.00 12.30 ? 14   A   D N9    1 
ATOM   580 C  C8    . A   D 2 7 ? 2.556   8.164   -1.063  1.00 12.97 ? 14   A   D C8    1 
ATOM   581 N  N7    . A   D 2 7 ? 1.836   7.059   -1.102  1.00 12.42 ? 14   A   D N7    1 
ATOM   582 C  C5    . A   D 2 7 ? 1.822   6.626   0.218   1.00 9.73  ? 14   A   D C5    1 
ATOM   583 C  C6    . A   D 2 7 ? 1.232   5.528   0.860   1.00 9.33  ? 14   A   D C6    1 
ATOM   584 N  N6    . A   D 2 7 ? 0.529   4.638   0.170   1.00 12.29 ? 14   A   D N6    1 
ATOM   585 N  N1    . A   D 2 7 ? 1.389   5.366   2.193   1.00 11.79 ? 14   A   D N1    1 
ATOM   586 C  C2    . A   D 2 7 ? 2.111   6.292   2.842   1.00 11.52 ? 14   A   D C2    1 
ATOM   587 N  N3    . A   D 2 7 ? 2.711   7.379   2.352   1.00 10.72 ? 14   A   D N3    1 
ATOM   588 C  C4    . A   D 2 7 ? 2.526   7.483   1.031   1.00 10.45 ? 14   A   D C4    1 
HETATM 589 SR SR    . SR  E 3 . ? 2.048   1.107   13.374  1.00 9.70  ? 101  SR  B SR    1 
HETATM 590 NA NA    . NA  F 4 . ? 6.842   -4.225  -4.163  1.00 9.95  ? 102  NA  B NA    1 
HETATM 591 O  O     . HOH G 5 . ? 11.531  -19.724 -2.930  1.00 14.32 ? 1002 HOH A O     1 
HETATM 592 O  O     . HOH G 5 . ? 17.251  -8.813  7.777   1.00 13.99 ? 1003 HOH A O     1 
HETATM 593 O  O     . HOH G 5 . ? 17.697  -5.840  7.469   1.00 24.60 ? 1006 HOH A O     1 
HETATM 594 O  O     . HOH G 5 . ? 16.153  -13.538 -2.597  1.00 21.24 ? 1007 HOH A O     1 
HETATM 595 O  O     . HOH G 5 . ? 7.244   -3.170  0.195   1.00 20.43 ? 1011 HOH A O     1 
HETATM 596 O  O     . HOH G 5 . ? 11.448  -13.429 -11.141 1.00 14.97 ? 1017 HOH A O     1 
HETATM 597 O  O     . HOH G 5 . ? 9.719   -1.489  1.152   1.00 16.67 ? 1024 HOH A O     1 
HETATM 598 O  O     . HOH G 5 . ? 5.121   3.861   5.477   1.00 21.44 ? 1030 HOH A O     1 
HETATM 599 O  O     . HOH G 5 . ? 14.790  -8.323  -1.795  1.00 17.76 ? 1033 HOH A O     1 
HETATM 600 O  O     . HOH G 5 . ? 19.249  -9.024  4.619   1.00 17.71 ? 1038 HOH A O     1 
HETATM 601 O  O     . HOH G 5 . ? 9.315   7.483   1.640   1.00 22.35 ? 1040 HOH A O     1 
HETATM 602 O  O     . HOH G 5 . ? 18.419  -16.785 1.073   1.00 26.28 ? 1046 HOH A O     1 
HETATM 603 O  O     . HOH G 5 . ? 7.236   2.448   -3.315  1.00 23.56 ? 1055 HOH A O     1 
HETATM 604 O  O     . HOH G 5 . ? 12.986  -3.064  2.361   1.00 21.39 ? 1059 HOH A O     1 
HETATM 605 O  O     . HOH G 5 . ? 14.010  -4.357  9.905   1.00 22.70 ? 1062 HOH A O     1 
HETATM 606 O  O     . HOH G 5 . ? 7.162   1.799   9.130   1.00 22.40 ? 1065 HOH A O     1 
HETATM 607 O  O     . HOH G 5 . ? 19.249  -19.869 3.829   1.00 26.22 ? 1068 HOH A O     1 
HETATM 608 O  O     . HOH G 5 . ? 3.556   4.366   -4.041  1.00 26.04 ? 1069 HOH A O     1 
HETATM 609 O  O     . HOH G 5 . ? 16.385  -10.019 -3.218  1.00 20.72 ? 1072 HOH A O     1 
HETATM 610 O  O     . HOH G 5 . ? 9.180   0.214   -1.256  1.00 29.01 ? 1073 HOH A O     1 
HETATM 611 O  O     . HOH G 5 . ? 15.315  -6.091  -0.071  1.00 14.70 ? 1077 HOH A O     1 
HETATM 612 O  O     . HOH G 5 . ? 7.873   0.106   7.423   1.00 20.45 ? 1083 HOH A O     1 
HETATM 613 O  O     . HOH G 5 . ? 18.124  -12.337 2.120   1.00 21.91 ? 1084 HOH A O     1 
HETATM 614 O  O     . HOH G 5 . ? 16.787  -19.582 -6.470  1.00 28.31 ? 1086 HOH A O     1 
HETATM 615 O  O     . HOH G 5 . ? 4.240   -1.609  -2.832  1.00 17.21 ? 1090 HOH A O     1 
HETATM 616 O  O     . HOH G 5 . ? 8.420   -15.940 -9.159  1.00 22.26 ? 1092 HOH A O     1 
HETATM 617 O  O     . HOH G 5 . ? 2.564   -2.177  -0.984  1.00 25.81 ? 1098 HOH A O     1 
HETATM 618 O  O     . HOH G 5 . ? 18.421  -16.693 -6.418  1.00 30.59 ? 1100 HOH A O     1 
HETATM 619 O  O     . HOH G 5 . ? 12.763  0.078   -0.469  1.00 25.37 ? 1101 HOH A O     1 
HETATM 620 O  O     . HOH G 5 . ? 10.564  -3.656  -0.506  1.00 24.99 ? 1106 HOH A O     1 
HETATM 621 O  O     . HOH G 5 . ? 14.940  -6.261  2.449   1.00 22.51 ? 1112 HOH A O     1 
HETATM 622 O  O     . HOH G 5 . ? 13.161  3.184   -0.820  1.00 22.28 ? 1120 HOH A O     1 
HETATM 623 O  O     . HOH G 5 . ? 17.191  -17.138 -9.036  1.00 21.85 ? 1121 HOH A O     1 
HETATM 624 O  O     . HOH G 5 . ? 15.919  -1.219  4.139   1.00 29.71 ? 1123 HOH A O     1 
HETATM 625 O  O     . HOH G 5 . ? 5.557   0.032   -1.064  1.00 39.67 ? 1124 HOH A O     1 
HETATM 626 O  O     . HOH G 5 . ? 18.780  -21.792 1.541   1.00 23.44 ? 1126 HOH A O     1 
HETATM 627 O  O     . HOH G 5 . ? 14.552  -2.128  9.804   1.00 27.44 ? 1128 HOH A O     1 
HETATM 628 O  O     . HOH G 5 . ? 6.732   5.859   4.417   1.00 20.56 ? 1129 HOH A O     1 
HETATM 629 O  O     . HOH G 5 . ? 12.238  -20.118 -6.570  1.00 39.52 ? 1133 HOH A O     1 
HETATM 630 O  O     . HOH G 5 . ? 20.336  -17.958 -6.336  0.50 17.40 ? 1138 HOH A O     1 
HETATM 631 O  O     . HOH G 5 . ? 17.115  -9.108  1.469   1.00 27.40 ? 1140 HOH A O     1 
HETATM 632 O  O     . HOH G 5 . ? 19.635  -8.331  -2.058  1.00 28.60 ? 1141 HOH A O     1 
HETATM 633 O  O     . HOH G 5 . ? 18.915  -1.528  5.181   1.00 35.02 ? 1144 HOH A O     1 
HETATM 634 O  O     . HOH G 5 . ? 17.972  -1.680  12.477  1.00 29.99 ? 1150 HOH A O     1 
HETATM 635 O  O     . HOH G 5 . ? 20.901  -12.266 0.922   1.00 38.05 ? 1153 HOH A O     1 
HETATM 636 O  O     . HOH G 5 . ? 9.747   -11.921 5.677   1.00 25.05 ? 1154 HOH A O     1 
HETATM 637 O  O     . HOH G 5 . ? 14.054  -20.435 -4.416  1.00 30.01 ? 1155 HOH A O     1 
HETATM 638 O  O     . HOH H 5 . ? 2.849   -7.313  12.435  1.00 17.97 ? 1001 HOH B O     1 
HETATM 639 O  O     . HOH H 5 . ? -3.216  -9.656  3.516   1.00 13.56 ? 1009 HOH B O     1 
HETATM 640 O  O     . HOH H 5 . ? -1.098  -11.717 9.415   1.00 13.96 ? 1012 HOH B O     1 
HETATM 641 O  O     . HOH H 5 . ? 0.727   -6.270  13.810  1.00 26.45 ? 1013 HOH B O     1 
HETATM 642 O  O     . HOH H 5 . ? 8.238   -6.318  -4.994  1.00 24.86 ? 1014 HOH B O     1 
HETATM 643 O  O     . HOH H 5 . ? -1.826  -0.913  11.902  1.00 16.08 ? 1015 HOH B O     1 
HETATM 644 O  O     . HOH H 5 . ? -2.254  -12.698 -4.201  1.00 20.01 ? 1016 HOH B O     1 
HETATM 645 O  O     . HOH H 5 . ? 4.284   2.112   9.310   1.00 12.04 ? 1018 HOH B O     1 
HETATM 646 O  O     . HOH H 5 . ? 1.301   -8.344  -1.640  1.00 17.81 ? 1019 HOH B O     1 
HETATM 647 O  O     . HOH H 5 . ? 1.702   -9.940  12.121  1.00 16.28 ? 1022 HOH B O     1 
HETATM 648 O  O     . HOH H 5 . ? 8.761   -14.266 0.561   1.00 15.10 ? 1026 HOH B O     1 
HETATM 649 O  O     . HOH H 5 . ? -1.555  -6.278  6.384   1.00 22.76 ? 1032 HOH B O     1 
HETATM 650 O  O     . HOH H 5 . ? -5.834  -11.112 10.225  1.00 41.51 ? 1042 HOH B O     1 
HETATM 651 O  O     . HOH H 5 . ? 6.846   -4.119  -6.674  1.00 26.92 ? 1045 HOH B O     1 
HETATM 652 O  O     . HOH H 5 . ? 6.491   -1.362  -13.531 1.00 26.36 ? 1047 HOH B O     1 
HETATM 653 O  O     . HOH H 5 . ? 5.002   -15.209 -7.006  1.00 23.52 ? 1048 HOH B O     1 
HETATM 654 O  O     . HOH H 5 . ? 7.460   -15.009 -5.326  1.00 15.24 ? 1056 HOH B O     1 
HETATM 655 O  O     . HOH H 5 . ? 4.893   -14.217 2.275   1.00 28.37 ? 1058 HOH B O     1 
HETATM 656 O  O     . HOH H 5 . ? 0.862   -14.425 -6.808  1.00 22.82 ? 1060 HOH B O     1 
HETATM 657 O  O     . HOH H 5 . ? -3.656  -4.236  8.465   1.00 28.83 ? 1063 HOH B O     1 
HETATM 658 O  O     . HOH H 5 . ? -5.238  -12.854 8.851   1.00 34.58 ? 1064 HOH B O     1 
HETATM 659 O  O     . HOH H 5 . ? 2.894   -10.594 -12.571 1.00 38.84 ? 1071 HOH B O     1 
HETATM 660 O  O     . HOH H 5 . ? 1.364   -12.628 8.860   1.00 26.19 ? 1074 HOH B O     1 
HETATM 661 O  O     . HOH H 5 . ? 1.486   -7.172  -11.377 1.00 35.80 ? 1076 HOH B O     1 
HETATM 662 O  O     . HOH H 5 . ? -2.773  -3.437  12.689  1.00 28.95 ? 1085 HOH B O     1 
HETATM 663 O  O     . HOH H 5 . ? 9.517   -11.880 -10.459 1.00 25.47 ? 1087 HOH B O     1 
HETATM 664 O  O     . HOH H 5 . ? -1.123  -14.815 -5.602  1.00 20.64 ? 1088 HOH B O     1 
HETATM 665 O  O     . HOH H 5 . ? 12.554  -1.121  -5.907  1.00 32.30 ? 1095 HOH B O     1 
HETATM 666 O  O     . HOH H 5 . ? 1.495   -5.038  -10.522 1.00 28.57 ? 1097 HOH B O     1 
HETATM 667 O  O     . HOH H 5 . ? -0.158  -8.654  -8.795  1.00 29.35 ? 1102 HOH B O     1 
HETATM 668 O  O     . HOH H 5 . ? -0.865  -2.888  2.756   1.00 17.15 ? 1104 HOH B O     1 
HETATM 669 O  O     . HOH H 5 . ? 7.131   0.433   -11.004 1.00 31.33 ? 1105 HOH B O     1 
HETATM 670 O  O     . HOH H 5 . ? 3.501   -5.789  -1.250  1.00 20.53 ? 1109 HOH B O     1 
HETATM 671 O  O     . HOH H 5 . ? -3.230  -7.799  8.682   1.00 37.62 ? 1110 HOH B O     1 
HETATM 672 O  O     . HOH H 5 . ? 7.074   -13.055 4.182   1.00 36.31 ? 1113 HOH B O     1 
HETATM 673 O  O     . HOH H 5 . ? -0.309  0.560   14.455  1.00 18.36 ? 1115 HOH B O     1 
HETATM 674 O  O     . HOH H 5 . ? 3.954   2.831   12.646  1.00 12.13 ? 1116 HOH B O     1 
HETATM 675 O  O     . HOH H 5 . ? 3.830   -0.609  13.557  1.00 20.13 ? 1118 HOH B O     1 
HETATM 676 O  O     . HOH H 5 . ? -2.534  -8.693  -11.383 1.00 27.35 ? 1122 HOH B O     1 
HETATM 677 O  O     . HOH H 5 . ? 8.779   -3.235  -4.998  1.00 27.32 ? 1131 HOH B O     1 
HETATM 678 O  O     . HOH H 5 . ? -7.319  -7.474  9.613   1.00 34.18 ? 1132 HOH B O     1 
HETATM 679 O  O     . HOH H 5 . ? -1.299  -10.650 -7.686  1.00 31.39 ? 1134 HOH B O     1 
HETATM 680 O  O     . HOH H 5 . ? 4.537   -4.751  -6.243  0.50 26.25 ? 1136 HOH B O     1 
HETATM 681 O  O     . HOH H 5 . ? -9.961  -5.089  10.849  1.00 22.89 ? 1142 HOH B O     1 
HETATM 682 O  O     . HOH H 5 . ? 3.641   -7.113  -4.747  1.00 35.82 ? 1143 HOH B O     1 
HETATM 683 O  O     . HOH H 5 . ? 15.224  -3.324  -7.492  1.00 30.54 ? 1145 HOH B O     1 
HETATM 684 O  O     . HOH H 5 . ? 4.813   -13.196 -10.479 1.00 35.68 ? 1149 HOH B O     1 
HETATM 685 O  O     . HOH H 5 . ? -4.684  -9.382  6.748   1.00 30.43 ? 1151 HOH B O     1 
HETATM 686 O  O     . HOH H 5 . ? 4.341   -14.160 5.651   1.00 28.67 ? 1152 HOH B O     1 
HETATM 687 O  O     . HOH I 5 . ? -11.132 12.732  -4.474  1.00 13.34 ? 1004 HOH C O     1 
HETATM 688 O  O     . HOH I 5 . ? 2.647   4.441   9.324   1.00 9.80  ? 1005 HOH C O     1 
HETATM 689 O  O     . HOH I 5 . ? -14.094 9.533   3.544   1.00 18.32 ? 1020 HOH C O     1 
HETATM 690 O  O     . HOH I 5 . ? -14.056 13.801  2.070   1.00 19.60 ? 1021 HOH C O     1 
HETATM 691 O  O     . HOH I 5 . ? -3.194  13.339  -0.584  1.00 10.34 ? 1023 HOH C O     1 
HETATM 692 O  O     . HOH I 5 . ? -21.162 14.512  0.010   1.00 22.90 ? 1031 HOH C O     1 
HETATM 693 O  O     . HOH I 5 . ? -3.885  3.398   3.672   1.00 23.51 ? 1035 HOH C O     1 
HETATM 694 O  O     . HOH I 5 . ? -10.064 12.759  5.240   1.00 17.69 ? 1039 HOH C O     1 
HETATM 695 O  O     . HOH I 5 . ? -17.384 11.644  2.070   1.00 24.20 ? 1044 HOH C O     1 
HETATM 696 O  O     . HOH I 5 . ? 3.053   5.720   6.695   1.00 15.16 ? 1049 HOH C O     1 
HETATM 697 O  O     . HOH I 5 . ? -6.485  4.232   1.996   1.00 25.05 ? 1052 HOH C O     1 
HETATM 698 O  O     . HOH I 5 . ? -18.801 17.548  -4.782  1.00 18.49 ? 1057 HOH C O     1 
HETATM 699 O  O     . HOH I 5 . ? -6.159  13.839  10.471  1.00 23.30 ? 1061 HOH C O     1 
HETATM 700 O  O     . HOH I 5 . ? -7.736  9.603   5.902   1.00 20.41 ? 1066 HOH C O     1 
HETATM 701 O  O     . HOH I 5 . ? -16.984 18.891  1.786   1.00 36.27 ? 1067 HOH C O     1 
HETATM 702 O  O     . HOH I 5 . ? -2.771  12.994  2.418   1.00 25.66 ? 1070 HOH C O     1 
HETATM 703 O  O     . HOH I 5 . ? -6.650  14.938  -3.102  1.00 17.08 ? 1075 HOH C O     1 
HETATM 704 O  O     . HOH I 5 . ? -22.495 16.919  0.153   1.00 34.96 ? 1078 HOH C O     1 
HETATM 705 O  O     . HOH I 5 . ? -17.215 13.977  0.438   1.00 19.95 ? 1080 HOH C O     1 
HETATM 706 O  O     . HOH I 5 . ? -7.819  15.536  12.855  1.00 31.42 ? 1081 HOH C O     1 
HETATM 707 O  O     . HOH I 5 . ? -17.225 18.862  -1.506  1.00 30.00 ? 1082 HOH C O     1 
HETATM 708 O  O     . HOH I 5 . ? -10.109 9.737   5.119   1.00 38.25 ? 1093 HOH C O     1 
HETATM 709 O  O     . HOH I 5 . ? -5.083  0.573   7.268   1.00 22.87 ? 1107 HOH C O     1 
HETATM 710 O  O     . HOH I 5 . ? -7.063  6.413   4.497   1.00 31.64 ? 1108 HOH C O     1 
HETATM 711 O  O     . HOH I 5 . ? 0.333   2.521   11.914  1.00 13.09 ? 1117 HOH C O     1 
HETATM 712 O  O     . HOH I 5 . ? -23.853 17.213  2.949   1.00 32.34 ? 1125 HOH C O     1 
HETATM 713 O  O     . HOH I 5 . ? -19.880 20.332  -4.289  1.00 35.17 ? 1130 HOH C O     1 
HETATM 714 O  O     . HOH I 5 . ? -5.451  5.307   7.343   1.00 25.06 ? 1146 HOH C O     1 
HETATM 715 O  O     . HOH J 5 . ? 1.355   7.993   -5.316  1.00 16.14 ? 1008 HOH D O     1 
HETATM 716 O  O     . HOH J 5 . ? -20.402 -0.615  -0.710  1.00 12.20 ? 1010 HOH D O     1 
HETATM 717 O  O     . HOH J 5 . ? 1.709   6.032   -3.576  1.00 15.92 ? 1025 HOH D O     1 
HETATM 718 O  O     . HOH J 5 . ? 5.059   7.808   -5.030  1.00 22.30 ? 1027 HOH D O     1 
HETATM 719 O  O     . HOH J 5 . ? -6.724  3.462   -2.533  1.00 21.34 ? 1028 HOH D O     1 
HETATM 720 O  O     . HOH J 5 . ? -13.428 5.506   3.523   1.00 25.92 ? 1029 HOH D O     1 
HETATM 721 O  O     . HOH J 5 . ? -4.414  13.088  -3.147  1.00 12.55 ? 1034 HOH D O     1 
HETATM 722 O  O     . HOH J 5 . ? -2.365  7.048   -10.633 1.00 25.53 ? 1036 HOH D O     1 
HETATM 723 O  O     . HOH J 5 . ? -12.921 -3.673  -2.050  1.00 20.54 ? 1037 HOH D O     1 
HETATM 724 O  O     . HOH J 5 . ? -15.929 -4.844  -0.130  1.00 22.41 ? 1041 HOH D O     1 
HETATM 725 O  O     . HOH J 5 . ? -3.227  5.130   -6.757  1.00 17.02 ? 1043 HOH D O     1 
HETATM 726 O  O     . HOH J 5 . ? -20.708 2.021   -1.542  1.00 13.79 ? 1050 HOH D O     1 
HETATM 727 O  O     . HOH J 5 . ? -4.259  3.223   -4.386  1.00 21.63 ? 1051 HOH D O     1 
HETATM 728 O  O     . HOH J 5 . ? -12.827 -0.059  3.425   1.00 28.13 ? 1053 HOH D O     1 
HETATM 729 O  O     . HOH J 5 . ? -1.551  6.233   -8.091  1.00 19.48 ? 1054 HOH D O     1 
HETATM 730 O  O     . HOH J 5 . ? -10.583 2.842   -1.125  1.00 20.30 ? 1079 HOH D O     1 
HETATM 731 O  O     . HOH J 5 . ? -16.671 -7.752  -0.368  1.00 29.76 ? 1089 HOH D O     1 
HETATM 732 O  O     . HOH J 5 . ? -14.841 7.144   4.296   1.00 39.31 ? 1091 HOH D O     1 
HETATM 733 O  O     . HOH J 5 . ? -10.876 -1.810  8.335   1.00 25.74 ? 1094 HOH D O     1 
HETATM 734 O  O     . HOH J 5 . ? -11.731 6.514   1.064   1.00 23.96 ? 1096 HOH D O     1 
HETATM 735 O  O     . HOH J 5 . ? -10.814 -1.169  -7.032  1.00 27.87 ? 1099 HOH D O     1 
HETATM 736 O  O     . HOH J 5 . ? -6.976  4.119   -5.806  1.00 16.97 ? 1103 HOH D O     1 
HETATM 737 O  O     . HOH J 5 . ? 0.097   4.130   -3.007  1.00 25.86 ? 1111 HOH D O     1 
HETATM 738 O  O     . HOH J 5 . ? -12.043 -3.458  4.585   1.00 31.38 ? 1114 HOH D O     1 
HETATM 739 O  O     . HOH J 5 . ? -9.230  4.076   -2.503  1.00 21.34 ? 1119 HOH D O     1 
HETATM 740 O  O     . HOH J 5 . ? 2.871   8.765   4.539   1.00 26.31 ? 1127 HOH D O     1 
HETATM 741 O  O     . HOH J 5 . ? 5.009   8.422   3.695   1.00 26.11 ? 1135 HOH D O     1 
HETATM 742 O  O     . HOH J 5 . ? -1.298  10.454  -11.054 1.00 28.38 ? 1137 HOH D O     1 
HETATM 743 O  O     . HOH J 5 . ? -13.023 -3.021  8.933   1.00 40.09 ? 1139 HOH D O     1 
HETATM 744 O  O     . HOH J 5 . ? -12.875 0.963   7.696   1.00 35.53 ? 1147 HOH D O     1 
HETATM 745 O  O     . HOH J 5 . ? -9.287  -0.867  2.633   1.00 29.68 ? 1148 HOH D O     1 
# 
loop_
_atom_site_anisotrop.id 
_atom_site_anisotrop.type_symbol 
_atom_site_anisotrop.pdbx_label_atom_id 
_atom_site_anisotrop.pdbx_label_alt_id 
_atom_site_anisotrop.pdbx_label_comp_id 
_atom_site_anisotrop.pdbx_label_asym_id 
_atom_site_anisotrop.pdbx_label_seq_id 
_atom_site_anisotrop.pdbx_PDB_ins_code 
_atom_site_anisotrop.U[1][1] 
_atom_site_anisotrop.U[2][2] 
_atom_site_anisotrop.U[3][3] 
_atom_site_anisotrop.U[1][2] 
_atom_site_anisotrop.U[1][3] 
_atom_site_anisotrop.U[2][3] 
_atom_site_anisotrop.pdbx_auth_seq_id 
_atom_site_anisotrop.pdbx_auth_comp_id 
_atom_site_anisotrop.pdbx_auth_asym_id 
_atom_site_anisotrop.pdbx_auth_atom_id 
1   O  "O5'" . U   A 1 ? 0.2934 0.2989 0.1283 -0.0145 0.0485  0.0881  1    U   A "O5'" 
2   C  "C5'" . U   A 1 ? 0.1341 0.2485 0.1745 0.0375  0.0410  0.1368  1    U   A "C5'" 
3   C  "C4'" . U   A 1 ? 0.1963 0.2056 0.1548 0.1057  0.0872  0.0498  1    U   A "C4'" 
4   O  "O4'" . U   A 1 ? 0.1517 0.1846 0.1370 0.0891  0.0305  0.0416  1    U   A "O4'" 
5   C  "C3'" . U   A 1 ? 0.1465 0.1397 0.1693 0.0382  0.0649  0.0836  1    U   A "C3'" 
6   O  "O3'" . U   A 1 ? 0.1574 0.1347 0.2261 0.0333  0.0841  0.0907  1    U   A "O3'" 
7   C  "C2'" . U   A 1 ? 0.1068 0.1674 0.1704 0.0553  0.0383  0.0490  1    U   A "C2'" 
8   O  "O2'" . U   A 1 ? 0.1180 0.1822 0.1960 -0.0004 0.0157  0.0694  1    U   A "O2'" 
9   C  "C1'" . U   A 1 ? 0.1071 0.2312 0.1303 0.0404  0.0135  0.0437  1    U   A "C1'" 
10  N  N1    . U   A 1 ? 0.1101 0.1729 0.1495 0.0758  0.0018  0.0276  1    U   A N1    
11  C  C2    . U   A 1 ? 0.0997 0.2055 0.1384 0.0406  0.0206  0.0148  1    U   A C2    
12  O  O2    . U   A 1 ? 0.2007 0.1718 0.1332 -0.0399 0.0110  0.0558  1    U   A O2    
13  N  N3    . U   A 1 ? 0.0879 0.2476 0.1286 0.0082  -0.0042 0.0127  1    U   A N3    
14  C  C4    . U   A 1 ? 0.1504 0.2596 0.1088 0.0129  0.0195  -0.0094 1    U   A C4    
15  O  O4    . U   A 1 ? 0.1293 0.2485 0.1410 0.0210  -0.0186 -0.0022 1    U   A O4    
16  C  C5    . U   A 1 ? 0.1601 0.2841 0.1173 0.0104  0.0328  -0.0074 1    U   A C5    
17  C  C6    . U   A 1 ? 0.1279 0.1882 0.1520 0.0986  -0.0044 0.0120  1    U   A C6    
18  P  P     . A   A 2 ? 0.1250 0.1274 0.2041 0.0207  0.0138  0.0374  2    A   A P     
19  O  OP1   . A   A 2 ? 0.1090 0.2483 0.2311 -0.0226 -0.0111 0.0680  2    A   A OP1   
20  O  OP2   . A   A 2 ? 0.1316 0.1138 0.2189 0.0078  -0.0027 0.0721  2    A   A OP2   
21  O  "O5'" . A   A 2 ? 0.1177 0.1101 0.2306 -0.0181 0.0093  0.0600  2    A   A "O5'" 
22  C  "C5'" . A   A 2 ? 0.1296 0.1114 0.2269 0.0619  -0.0345 0.0460  2    A   A "C5'" 
23  C  "C4'" . A   A 2 ? 0.1255 0.0765 0.2430 0.0071  -0.0580 0.0409  2    A   A "C4'" 
24  O  "O4'" . A   A 2 ? 0.1070 0.1234 0.2616 0.0563  -0.0370 0.0405  2    A   A "O4'" 
25  C  "C3'" . A   A 2 ? 0.1123 0.0776 0.1829 0.0295  -0.0217 0.0195  2    A   A "C3'" 
26  O  "O3'" . A   A 2 ? 0.1198 0.1029 0.2710 0.0209  -0.0570 0.0079  2    A   A "O3'" 
27  C  "C2'" . A   A 2 ? 0.1358 0.1627 0.1713 0.0533  -0.0248 0.0668  2    A   A "C2'" 
28  O  "O2'" . A   A 2 ? 0.1225 0.1702 0.1996 0.0247  -0.0014 0.0445  2    A   A "O2'" 
29  C  "C1'" . A   A 2 ? 0.1220 0.1344 0.1866 0.0522  -0.0189 0.0516  2    A   A "C1'" 
30  N  N9    . A   A 2 ? 0.1476 0.1675 0.2059 0.0203  -0.0335 0.0578  2    A   A N9    
31  C  C8    . A   A 2 ? 0.0901 0.1722 0.1893 0.0192  -0.0082 0.0230  2    A   A C8    
32  N  N7    . A   A 2 ? 0.1312 0.1026 0.1761 0.0330  0.0129  0.0255  2    A   A N7    
33  C  C5    . A   A 2 ? 0.1044 0.1591 0.1713 0.0355  0.0047  0.0364  2    A   A C5    
34  C  C6    . A   A 2 ? 0.0924 0.2056 0.1738 0.0012  0.0399  0.0400  2    A   A C6    
35  N  N6    . A   A 2 ? 0.1461 0.1322 0.1446 0.0139  0.0530  0.0469  2    A   A N6    
36  N  N1    . A   A 2 ? 0.1283 0.2045 0.1669 -0.0054 0.0339  0.0156  2    A   A N1    
37  C  C2    . A   A 2 ? 0.1373 0.2148 0.1598 -0.0236 0.0904  -0.0361 2    A   A C2    
38  N  N3    . A   A 2 ? 0.1197 0.1622 0.1746 0.0242  0.0064  0.0284  2    A   A N3    
39  C  C4    . A   A 2 ? 0.0778 0.1841 0.1788 0.0361  -0.0079 0.0420  2    A   A C4    
40  P  P     . G   A 3 ? 0.1143 0.1284 0.2547 0.0222  -0.0021 0.0444  3    G   A P     
41  O  OP1   . G   A 3 ? 0.1254 0.1414 0.3158 -0.0128 0.0770  -0.0299 3    G   A OP1   
42  O  OP2   . G   A 3 ? 0.1831 0.1210 0.2073 0.0138  0.0372  0.0403  3    G   A OP2   
43  O  "O5'" . G   A 3 ? 0.1246 0.1230 0.2192 0.0198  -0.0545 0.0587  3    G   A "O5'" 
44  C  "C5'" . G   A 3 ? 0.1123 0.1069 0.2481 -0.0116 -0.0725 0.0506  3    G   A "C5'" 
45  C  "C4'" . G   A 3 ? 0.1574 0.1075 0.1996 -0.0244 -0.0336 0.0229  3    G   A "C4'" 
46  O  "O4'" . G   A 3 ? 0.1441 0.0833 0.2323 -0.0183 -0.0187 -0.0255 3    G   A "O4'" 
47  C  "C3'" . G   A 3 ? 0.1538 0.0955 0.1198 -0.0252 -0.0488 0.0109  3    G   A "C3'" 
48  O  "O3'" . G   A 3 ? 0.1687 0.1278 0.1918 -0.0091 -0.0240 0.0198  3    G   A "O3'" 
49  C  "C2'" . G   A 3 ? 0.1673 0.1299 0.1544 -0.0017 -0.0409 0.0941  3    G   A "C2'" 
50  O  "O2'" . G   A 3 ? 0.2107 0.1927 0.1536 0.0122  -0.0164 0.0516  3    G   A "O2'" 
51  C  "C1'" . G   A 3 ? 0.1611 0.0690 0.1669 -0.0136 -0.0306 -0.0031 3    G   A "C1'" 
52  N  N9    . G   A 3 ? 0.0977 0.0790 0.2111 0.0011  -0.0470 0.0002  3    G   A N9    
53  C  C8    . G   A 3 ? 0.1292 0.0983 0.1962 0.0077  -0.0324 0.0135  3    G   A C8    
54  N  N7    . G   A 3 ? 0.1647 0.1021 0.1865 0.0152  -0.0065 -0.0086 3    G   A N7    
55  C  C5    . G   A 3 ? 0.1069 0.1613 0.1611 -0.0178 -0.0105 -0.0237 3    G   A C5    
56  C  C6    . G   A 3 ? 0.0306 0.1662 0.1901 0.0324  -0.0228 -0.0281 3    G   A C6    
57  O  O6    . G   A 3 ? 0.1301 0.1622 0.2011 0.0180  -0.0552 -0.0535 3    G   A O6    
58  N  N1    . G   A 3 ? 0.0972 0.1666 0.1876 -0.0140 -0.0264 -0.0536 3    G   A N1    
59  C  C2    . G   A 3 ? 0.1101 0.1237 0.2167 -0.0138 -0.0540 -0.0111 3    G   A C2    
60  N  N2    . G   A 3 ? 0.1976 0.1539 0.1744 -0.0754 0.0691  -0.0845 3    G   A N2    
61  N  N3    . G   A 3 ? 0.1019 0.1376 0.1770 -0.0344 -0.0147 -0.0166 3    G   A N3    
62  C  C4    . G   A 3 ? 0.1515 0.0910 0.1553 -0.0125 0.0014  -0.0389 3    G   A C4    
63  P  P     . C   A 4 ? 0.1637 0.1434 0.1832 0.0016  -0.0265 0.0284  4    C   A P     
64  O  OP1   . C   A 4 ? 0.1588 0.2057 0.3360 0.0205  -0.0595 0.0849  4    C   A OP1   
65  O  OP2   . C   A 4 ? 0.1442 0.1892 0.2305 0.0871  0.0242  0.0998  4    C   A OP2   
66  O  "O5'" . C   A 4 ? 0.1781 0.1156 0.1679 0.0195  0.0065  0.0231  4    C   A "O5'" 
67  C  "C5'" . C   A 4 ? 0.1534 0.2038 0.1389 -0.0148 0.0203  0.0136  4    C   A "C5'" 
68  C  "C4'" . C   A 4 ? 0.1508 0.1668 0.1005 0.0150  0.0388  0.0490  4    C   A "C4'" 
69  O  "O4'" . C   A 4 ? 0.1508 0.1043 0.1538 0.0019  -0.0355 0.0305  4    C   A "O4'" 
70  C  "C3'" . C   A 4 ? 0.1561 0.1526 0.0904 0.0016  0.0116  0.0572  4    C   A "C3'" 
71  O  "O3'" . C   A 4 ? 0.1735 0.1112 0.1089 0.0150  -0.0072 0.0318  4    C   A "O3'" 
72  C  "C2'" . C   A 4 ? 0.1518 0.1141 0.1951 0.0132  0.0484  0.0414  4    C   A "C2'" 
73  O  "O2'" . C   A 4 ? 0.1324 0.1212 0.1050 0.0161  -0.0201 0.0180  4    C   A "O2'" 
74  C  "C1'" . C   A 4 ? 0.1707 0.1226 0.1022 0.0277  0.0068  0.0081  4    C   A "C1'" 
75  N  N1    . C   A 4 ? 0.1883 0.1406 0.1394 -0.0004 -0.0174 0.0403  4    C   A N1    
76  C  C2    . C   A 4 ? 0.1238 0.1531 0.1786 0.0108  -0.0065 0.0474  4    C   A C2    
77  O  O2    . C   A 4 ? 0.2612 0.1045 0.1112 -0.0270 0.0077  0.0068  4    C   A O2    
78  N  N3    . C   A 4 ? 0.1335 0.1168 0.1427 0.0414  0.0293  0.0190  4    C   A N3    
79  C  C4    . C   A 4 ? 0.1086 0.1211 0.1749 0.0566  0.0524  0.0141  4    C   A C4    
80  N  N4    . C   A 4 ? 0.1584 0.1038 0.1590 -0.0190 0.0516  0.0237  4    C   A N4    
81  C  C5    . C   A 4 ? 0.1751 0.1027 0.1690 0.0327  0.0322  0.0227  4    C   A C5    
82  C  C6    . C   A 4 ? 0.1638 0.1088 0.2080 0.0327  -0.0015 0.0498  4    C   A C6    
83  P  P     . U   A 5 ? 0.1597 0.1432 0.1141 0.0164  -0.0172 0.0095  5    U   A P     
84  O  OP1   . U   A 5 ? 0.1696 0.1355 0.1744 0.0176  -0.0304 0.0089  5    U   A OP1   
85  O  OP2   . U   A 5 ? 0.1527 0.1912 0.1169 -0.0044 -0.0307 0.0477  5    U   A OP2   
86  O  "O5'" . U   A 5 ? 0.1639 0.1268 0.1496 0.0460  -0.0219 -0.0060 5    U   A "O5'" 
87  C  "C5'" . U   A 5 ? 0.1750 0.1566 0.1870 -0.0151 -0.0286 0.0003  5    U   A "C5'" 
88  C  "C4'" . U   A 5 ? 0.1069 0.2137 0.1516 0.0194  0.0017  -0.0690 5    U   A "C4'" 
89  O  "O4'" . U   A 5 ? 0.1619 0.2009 0.0941 0.0330  0.0412  -0.0156 5    U   A "O4'" 
90  C  "C3'" . U   A 5 ? 0.0740 0.2067 0.1493 0.0338  0.0102  -0.0219 5    U   A "C3'" 
91  O  "O3'" . U   A 5 ? 0.1394 0.1636 0.1244 0.0299  -0.0293 -0.0286 5    U   A "O3'" 
92  C  "C2'" . U   A 5 ? 0.0655 0.1687 0.1688 0.0032  0.0084  -0.0401 5    U   A "C2'" 
93  O  "O2'" . U   A 5 ? 0.1739 0.1173 0.1606 -0.0180 -0.0645 -0.0479 5    U   A "O2'" 
94  C  "C1'" . U   A 5 ? 0.0930 0.1360 0.1356 0.0007  0.0222  -0.0259 5    U   A "C1'" 
95  N  N1    . U   A 5 ? 0.1383 0.1709 0.1162 -0.0028 0.0157  -0.0216 5    U   A N1    
96  C  C2    . U   A 5 ? 0.0736 0.2225 0.1454 0.0131  0.0352  0.0339  5    U   A C2    
97  O  O2    . U   A 5 ? 0.1131 0.1730 0.1464 0.0150  0.0251  -0.0231 5    U   A O2    
98  N  N3    . U   A 5 ? 0.1134 0.1707 0.1472 0.0230  0.0411  -0.0055 5    U   A N3    
99  C  C4    . U   A 5 ? 0.2025 0.1608 0.0872 0.0131  -0.0027 -0.0231 5    U   A C4    
100 O  O4    . U   A 5 ? 0.1813 0.1842 0.1703 0.0475  0.0106  0.0474  5    U   A O4    
101 C  C5    . U   A 5 ? 0.1579 0.1249 0.1445 0.0601  -0.0155 -0.0089 5    U   A C5    
102 C  C6    . U   A 5 ? 0.1831 0.1615 0.0558 -0.0315 0.0366  -0.0136 5    U   A C6    
103 P  P     . C   A 6 ? 0.1166 0.1509 0.1365 0.0137  -0.0197 -0.0182 6    C   A P     
104 O  OP1   . C   A 6 ? 0.1024 0.1917 0.1150 0.0269  -0.0091 -0.0003 6    C   A OP1   
105 O  OP2   . C   A 6 ? 0.0587 0.1486 0.2415 0.0155  -0.0169 -0.0330 6    C   A OP2   
106 O  "O5'" . C   A 6 ? 0.0923 0.1376 0.0941 0.0167  -0.0005 0.0273  6    C   A "O5'" 
107 C  "C5'" . C   A 6 ? 0.1912 0.1066 0.0837 0.0245  -0.0399 -0.0080 6    C   A "C5'" 
108 C  "C4'" . C   A 6 ? 0.1404 0.1742 0.0649 0.0555  -0.0177 -0.0165 6    C   A "C4'" 
109 O  "O4'" . C   A 6 ? 0.1187 0.0952 0.0862 -0.0117 0.0081  0.0263  6    C   A "O4'" 
110 C  "C3'" . C   A 6 ? 0.1134 0.0728 0.0713 0.0341  -0.0377 -0.0033 6    C   A "C3'" 
111 O  "O3'" . C   A 6 ? 0.1589 0.1026 0.0833 0.0307  0.0112  0.0018  6    C   A "O3'" 
112 C  "C2'" . C   A 6 ? 0.0688 0.1003 0.0918 -0.0118 -0.0042 0.0342  6    C   A "C2'" 
113 O  "O2'" . C   A 6 ? 0.0856 0.1445 0.0941 -0.0264 -0.0153 -0.0057 6    C   A "O2'" 
114 C  "C1'" . C   A 6 ? 0.1276 0.1096 0.0853 0.0200  -0.0092 0.0264  6    C   A "C1'" 
115 N  N1    . C   A 6 ? 0.1360 0.1120 0.0721 0.0131  0.0147  0.0424  6    C   A N1    
116 C  C2    . C   A 6 ? 0.0960 0.1389 0.1463 0.0275  0.0298  0.0750  6    C   A C2    
117 O  O2    . C   A 6 ? 0.1248 0.2118 0.1189 0.0111  -0.0108 0.0734  6    C   A O2    
118 N  N3    . C   A 6 ? 0.0895 0.1399 0.1330 0.0437  0.0327  0.0822  6    C   A N3    
119 C  C4    . C   A 6 ? 0.0953 0.1739 0.1253 -0.0041 0.0607  0.0627  6    C   A C4    
120 N  N4    . C   A 6 ? 0.1618 0.1314 0.1390 0.0239  0.0141  0.0331  6    C   A N4    
121 C  C5    . C   A 6 ? 0.1717 0.1549 0.0733 -0.0407 0.0394  0.0566  6    C   A C5    
122 C  C6    . C   A 6 ? 0.1452 0.1329 0.1270 -0.0217 0.0272  0.0089  6    C   A C6    
123 P  P     . C   A 7 ? 0.1450 0.1558 0.1071 0.0487  0.0180  -0.0164 7    C   A P     
124 O  OP1   . C   A 7 ? 0.1867 0.1546 0.1205 0.0463  0.0420  0.0186  7    C   A OP1   
125 O  OP2   . C   A 7 ? 0.1261 0.1852 0.1475 0.0160  0.0105  -0.0037 7    C   A OP2   
126 O  "O5'" . C   A 7 ? 0.1542 0.1039 0.0907 0.0044  0.0335  -0.0159 7    C   A "O5'" 
127 C  "C5'" . C   A 7 ? 0.2046 0.0244 0.1015 0.0048  0.0035  -0.0155 7    C   A "C5'" 
128 C  "C4'" . C   A 7 ? 0.2115 0.0817 0.0738 0.0319  0.0349  -0.0112 7    C   A "C4'" 
129 O  "O4'" . C   A 7 ? 0.1482 0.0719 0.0699 0.0199  0.0251  0.0062  7    C   A "O4'" 
130 C  "C3'" . C   A 7 ? 0.1941 0.0769 0.0782 0.0388  0.0405  -0.0193 7    C   A "C3'" 
131 O  "O3'" . C   A 7 ? 0.2682 0.0826 0.0605 0.0626  0.0585  -0.0003 7    C   A "O3'" 
132 C  "C2'" . C   A 7 ? 0.1346 0.1104 0.0882 0.0176  0.0289  0.0034  7    C   A "C2'" 
133 O  "O2'" . C   A 7 ? 0.1584 0.0574 0.1159 0.0189  0.0120  0.0019  7    C   A "O2'" 
134 C  "C1'" . C   A 7 ? 0.1373 0.0921 0.0848 0.0131  0.0336  0.0182  7    C   A "C1'" 
135 N  N1    . C   A 7 ? 0.1078 0.0865 0.0733 0.0077  0.0523  0.0350  7    C   A N1    
136 C  C2    . C   A 7 ? 0.0998 0.0817 0.1351 0.0230  0.0762  0.0173  7    C   A C2    
137 O  O2    . C   A 7 ? 0.1345 0.0917 0.1511 0.0304  0.0375  0.0278  7    C   A O2    
138 N  N3    . C   A 7 ? 0.1844 0.0835 0.2152 0.0080  0.0447  -0.0109 7    C   A N3    
139 C  C4    . C   A 7 ? 0.2081 0.1337 0.1346 0.0111  0.0849  -0.0289 7    C   A C4    
140 N  N4    . C   A 7 ? 0.2334 0.1547 0.1253 -0.0397 0.1077  -0.0196 7    C   A N4    
141 C  C5    . C   A 7 ? 0.2015 0.0980 0.1637 0.0196  0.1045  -0.0859 7    C   A C5    
142 C  C6    . C   A 7 ? 0.2110 0.1201 0.0600 0.0147  0.0402  -0.0191 7    C   A C6    
143 O  "O5'" . G   B 1 ? 0.2102 0.1016 0.3388 -0.0113 -0.0573 0.1133  8    G   B "O5'" 
144 C  "C5'" . G   B 1 ? 0.2194 0.1417 0.3185 -0.0168 -0.0464 0.0621  8    G   B "C5'" 
145 C  "C4'" . G   B 1 ? 0.1476 0.1050 0.3502 0.0109  0.0011  0.0782  8    G   B "C4'" 
146 O  "O4'" . G   B 1 ? 0.1347 0.1402 0.3887 0.0083  0.0801  0.1505  8    G   B "O4'" 
147 C  "C3'" . G   B 1 ? 0.1206 0.1040 0.4064 0.0466  0.0378  0.0984  8    G   B "C3'" 
148 O  "O3'" . G   B 1 ? 0.1329 0.1358 0.3120 0.0142  -0.0359 0.0818  8    G   B "O3'" 
149 C  "C2'" . G   B 1 ? 0.1172 0.1267 0.4303 -0.0280 0.0472  0.0220  8    G   B "C2'" 
150 O  "O2'" . G   B 1 ? 0.1560 0.2291 0.4237 -0.0497 0.0318  0.0484  8    G   B "O2'" 
151 C  "C1'" . G   B 1 ? 0.1026 0.1226 0.3989 0.0285  0.0685  0.1101  8    G   B "C1'" 
152 N  N9    . G   B 1 ? 0.1282 0.1218 0.3787 0.0256  0.0682  0.1144  8    G   B N9    
153 C  C8    . G   B 1 ? 0.1926 0.1064 0.3057 0.0414  0.1193  0.0809  8    G   B C8    
154 N  N7    . G   B 1 ? 0.1894 0.0830 0.3319 0.0778  0.0929  0.0728  8    G   B N7    
155 C  C5    . G   B 1 ? 0.1549 0.0996 0.3686 0.0490  0.0705  0.0616  8    G   B C5    
156 C  C6    . G   B 1 ? 0.0781 0.0997 0.3160 -0.0393 0.0842  0.0743  8    G   B C6    
157 O  O6    . G   B 1 ? 0.2043 0.1161 0.3506 0.0269  0.0107  0.0112  8    G   B O6    
158 N  N1    . G   B 1 ? 0.1111 0.1272 0.3032 -0.0209 0.0399  0.0608  8    G   B N1    
159 C  C2    . G   B 1 ? 0.1013 0.1068 0.3148 0.0370  0.0405  0.0526  8    G   B C2    
160 N  N2    . G   B 1 ? 0.1577 0.1083 0.3025 0.0415  -0.0470 0.0759  8    G   B N2    
161 N  N3    . G   B 1 ? 0.1034 0.1303 0.3434 0.0083  0.0638  0.1059  8    G   B N3    
162 C  C4    . G   B 1 ? 0.0819 0.1102 0.3584 0.0075  0.1005  0.1119  8    G   B C4    
163 P  P     . G   B 2 ? 0.1396 0.2009 0.3185 0.0164  -0.0189 0.1149  9    G   B P     
164 O  OP1   . G   B 2 ? 0.1747 0.3289 0.4369 0.0962  0.0160  0.2323  9    G   B OP1   
165 O  OP2   . G   B 2 ? 0.0841 0.2759 0.3745 0.0095  0.0445  -0.0384 9    G   B OP2   
166 O  "O5'" . G   B 2 ? 0.1290 0.1979 0.2928 -0.0114 -0.0335 0.0889  9    G   B "O5'" 
167 C  "C5'" . G   B 2 ? 0.1130 0.2179 0.2851 -0.0436 -0.0212 0.1283  9    G   B "C5'" 
168 C  "C4'" . G   B 2 ? 0.1019 0.2119 0.1993 -0.0618 -0.0753 0.1366  9    G   B "C4'" 
169 O  "O4'" . G   B 2 ? 0.1430 0.2798 0.2458 -0.0004 -0.0134 0.1842  9    G   B "O4'" 
170 C  "C3'" . G   B 2 ? 0.1462 0.2858 0.2835 0.0286  0.0164  0.1884  9    G   B "C3'" 
171 O  "O3'" . G   B 2 ? 0.1568 0.2741 0.2063 0.0510  -0.0003 0.1037  9    G   B "O3'" 
172 C  "C2'" . G   B 2 ? 0.1195 0.2560 0.2512 -0.0042 -0.0273 0.1601  9    G   B "C2'" 
173 O  "O2'" . G   B 2 ? 0.1449 0.3451 0.2282 -0.0102 -0.0550 0.1449  9    G   B "O2'" 
174 C  "C1'" . G   B 2 ? 0.1247 0.2880 0.2351 0.0136  -0.0337 0.1561  9    G   B "C1'" 
175 N  N9    . G   B 2 ? 0.1085 0.2060 0.2867 0.0404  -0.0660 0.1534  9    G   B N9    
176 C  C8    . G   B 2 ? 0.0956 0.1974 0.3530 0.0543  -0.0622 0.1462  9    G   B C8    
177 N  N7    . G   B 2 ? 0.1073 0.1880 0.3126 -0.0080 -0.0319 0.1543  9    G   B N7    
178 C  C5    . G   B 2 ? 0.1196 0.1761 0.2127 -0.0085 -0.0041 0.1292  9    G   B C5    
179 C  C6    . G   B 2 ? 0.1308 0.2106 0.1636 -0.0133 0.0173  0.1172  9    G   B C6    
180 O  O6    . G   B 2 ? 0.1636 0.1980 0.1447 -0.0011 0.0328  0.1007  9    G   B O6    
181 N  N1    . G   B 2 ? 0.0909 0.2041 0.1399 -0.0188 0.0373  0.1310  9    G   B N1    
182 C  C2    . G   B 2 ? 0.0867 0.1727 0.1758 0.0293  0.0273  0.1097  9    G   B C2    
183 N  N2    . G   B 2 ? 0.1959 0.1601 0.1366 0.0603  0.0361  0.0756  9    G   B N2    
184 N  N3    . G   B 2 ? 0.0904 0.1896 0.1891 0.0012  -0.0075 0.1302  9    G   B N3    
185 C  C4    . G   B 2 ? 0.1180 0.2081 0.1776 -0.0511 -0.0055 0.1647  9    G   B C4    
186 P  P     . G   B 3 ? 0.1222 0.2981 0.2454 0.0267  -0.0099 0.1136  10   G   B P     
187 O  OP1   . G   B 3 ? 0.0881 0.4234 0.3147 -0.0560 0.0029  0.2069  10   G   B OP1   
188 O  OP2   . G   B 3 ? 0.1358 0.3537 0.1979 0.0091  0.0290  0.0712  10   G   B OP2   
189 O  "O5'" . G   B 3 ? 0.1336 0.3237 0.2756 0.0162  0.0383  0.1347  10   G   B "O5'" 
190 C  "C5'" . G   B 3 ? 0.1613 0.3126 0.2113 0.0107  0.0055  0.1658  10   G   B "C5'" 
191 C  "C4'" . G   B 3 ? 0.1234 0.3232 0.1904 0.0207  -0.0018 0.1656  10   G   B "C4'" 
192 O  "O4'" . G   B 3 ? 0.1067 0.3188 0.1652 -0.0056 -0.0070 0.0723  10   G   B "O4'" 
193 C  "C3'" . G   B 3 ? 0.1002 0.2472 0.1871 0.0246  -0.0004 0.1393  10   G   B "C3'" 
194 O  "O3'" . G   B 3 ? 0.0854 0.2476 0.2667 0.0307  -0.0061 0.0880  10   G   B "O3'" 
195 C  "C2'" . G   B 3 ? 0.0992 0.1822 0.1296 0.0300  -0.0231 0.0371  10   G   B "C2'" 
196 O  "O2'" . G   B 3 ? 0.1794 0.2145 0.1415 -0.0333 -0.0228 0.0713  10   G   B "O2'" 
197 C  "C1'" . G   B 3 ? 0.1102 0.1976 0.1867 0.0099  -0.0048 0.0930  10   G   B "C1'" 
198 N  N9    . G   B 3 ? 0.1335 0.1518 0.1334 0.0396  0.0025  0.0792  10   G   B N9    
199 C  C8    . G   B 3 ? 0.0778 0.2161 0.2235 -0.0107 -0.0223 0.1483  10   G   B C8    
200 N  N7    . G   B 3 ? 0.1631 0.1692 0.2226 -0.0095 -0.0198 0.1182  10   G   B N7    
201 C  C5    . G   B 3 ? 0.1532 0.1919 0.1213 0.0091  0.0160  0.0884  10   G   B C5    
202 C  C6    . G   B 3 ? 0.1364 0.2027 0.1219 0.0041  0.0232  0.0519  10   G   B C6    
203 O  O6    . G   B 3 ? 0.0591 0.1868 0.2432 0.0268  0.0834  -0.0153 10   G   B O6    
204 N  N1    . G   B 3 ? 0.0569 0.1836 0.1365 0.0550  0.0052  0.0578  10   G   B N1    
205 C  C2    . G   B 3 ? 0.0950 0.1797 0.1604 0.0467  -0.0097 0.0772  10   G   B C2    
206 N  N2    . G   B 3 ? 0.0996 0.2091 0.0614 0.0210  -0.0278 0.0785  10   G   B N2    
207 N  N3    . G   B 3 ? 0.0809 0.2036 0.1134 0.0139  0.0129  0.1119  10   G   B N3    
208 C  C4    . G   B 3 ? 0.1230 0.1534 0.1235 0.0330  0.0192  0.0854  10   G   B C4    
209 P  P     . G   B 4 ? 0.1259 0.1896 0.2780 0.0108  0.0282  0.1074  11   G   B P     
210 O  OP1   . G   B 4 ? 0.1195 0.2702 0.2598 0.0121  0.0251  0.0693  11   G   B OP1   
211 O  OP2   . G   B 4 ? 0.1649 0.1626 0.3299 0.0421  0.0773  0.1308  11   G   B OP2   
212 O  "O5'" . G   B 4 ? 0.1613 0.1164 0.2755 -0.0036 0.0039  0.0812  11   G   B "O5'" 
213 C  "C5'" . G   B 4 ? 0.1735 0.1296 0.1513 -0.0484 -0.0036 0.0468  11   G   B "C5'" 
214 C  "C4'" . G   B 4 ? 0.1197 0.1370 0.1739 0.0485  -0.0152 0.0126  11   G   B "C4'" 
215 O  "O4'" . G   B 4 ? 0.1459 0.0970 0.1749 -0.0029 0.0164  -0.0284 11   G   B "O4'" 
216 C  "C3'" . G   B 4 ? 0.1323 0.0830 0.1792 0.0118  0.0147  0.0038  11   G   B "C3'" 
217 O  "O3'" . G   B 4 ? 0.1207 0.1034 0.2211 -0.0109 0.0037  -0.0116 11   G   B "O3'" 
218 C  "C2'" . G   B 4 ? 0.1259 0.1139 0.1546 -0.0044 0.0212  0.0396  11   G   B "C2'" 
219 O  "O2'" . G   B 4 ? 0.1366 0.1085 0.2298 -0.0119 0.0092  0.0571  11   G   B "O2'" 
220 C  "C1'" . G   B 4 ? 0.1234 0.0987 0.1635 -0.0294 0.0241  0.0182  11   G   B "C1'" 
221 N  N9    . G   B 4 ? 0.1222 0.0776 0.1826 -0.0159 0.0001  0.0474  11   G   B N9    
222 C  C8    . G   B 4 ? 0.0741 0.1155 0.1509 -0.0065 0.0325  0.0504  11   G   B C8    
223 N  N7    . G   B 4 ? 0.1050 0.0780 0.1532 0.0026  0.0227  0.0359  11   G   B N7    
224 C  C5    . G   B 4 ? 0.0974 0.0858 0.1188 -0.0198 0.0426  0.0111  11   G   B C5    
225 C  C6    . G   B 4 ? 0.0615 0.1195 0.1741 -0.0101 0.0269  0.0304  11   G   B C6    
226 O  O6    . G   B 4 ? 0.1141 0.1363 0.1813 -0.0607 0.0146  0.0578  11   G   B O6    
227 N  N1    . G   B 4 ? 0.0971 0.0815 0.1853 0.0154  0.0189  0.0153  11   G   B N1    
228 C  C2    . G   B 4 ? 0.0890 0.0953 0.1443 0.0020  0.0349  0.0082  11   G   B C2    
229 N  N2    . G   B 4 ? 0.1711 0.1124 0.1174 -0.0192 0.0124  0.0054  11   G   B N2    
230 N  N3    . G   B 4 ? 0.0920 0.0875 0.1688 0.0052  0.0148  0.0228  11   G   B N3    
231 C  C4    . G   B 4 ? 0.0859 0.0903 0.1488 0.0180  0.0290  0.0185  11   G   B C4    
232 P  P     . C   B 5 ? 0.1279 0.1261 0.1864 0.0034  -0.0031 0.0058  12   C   B P     
233 O  OP1   . C   B 5 ? 0.1322 0.1378 0.1597 -0.0062 0.0373  -0.0145 12   C   B OP1   
234 O  OP2   . C   B 5 ? 0.1743 0.0973 0.1925 -0.0426 -0.0493 -0.0054 12   C   B OP2   
235 O  "O5'" . C   B 5 ? 0.1472 0.0868 0.2066 -0.0266 0.0045  0.0002  12   C   B "O5'" 
236 C  "C5'" . C   B 5 ? 0.1798 0.0988 0.1267 -0.0441 0.0130  -0.0247 12   C   B "C5'" 
237 C  "C4'" . C   B 5 ? 0.1329 0.1443 0.2003 0.0139  -0.0136 -0.0939 12   C   B "C4'" 
238 O  "O4'" . C   B 5 ? 0.1710 0.1285 0.2385 0.0134  0.0203  -0.1045 12   C   B "O4'" 
239 C  "C3'" . C   B 5 ? 0.0749 0.1166 0.2103 -0.0001 -0.0368 -0.0870 12   C   B "C3'" 
240 O  "O3'" . C   B 5 ? 0.0716 0.1739 0.2613 0.0054  -0.0243 -0.1288 12   C   B "O3'" 
241 C  "C2'" . C   B 5 ? 0.0687 0.1639 0.2006 0.0185  -0.0163 -0.0855 12   C   B "C2'" 
242 O  "O2'" . C   B 5 ? 0.0993 0.2492 0.2403 0.0705  -0.0354 -0.0449 12   C   B "O2'" 
243 C  "C1'" . C   B 5 ? 0.1047 0.1694 0.2619 0.0022  0.0348  -0.0931 12   C   B "C1'" 
244 N  N1    . C   B 5 ? 0.0974 0.1921 0.2629 -0.0223 0.0272  -0.0836 12   C   B N1    
245 C  C2    . C   B 5 ? 0.0823 0.2185 0.1893 -0.0290 0.0508  -0.0695 12   C   B C2    
246 O  O2    . C   B 5 ? 0.1957 0.2645 0.1612 -0.0767 0.0426  -0.0729 12   C   B O2    
247 N  N3    . C   B 5 ? 0.0651 0.2186 0.2394 -0.0380 0.0481  -0.0439 12   C   B N3    
248 C  C4    . C   B 5 ? 0.0824 0.0997 0.2118 -0.0108 0.0492  -0.0966 12   C   B C4    
249 N  N4    . C   B 5 ? 0.2080 0.1194 0.2814 -0.0164 0.0885  -0.0533 12   C   B N4    
250 C  C5    . C   B 5 ? 0.1862 0.1277 0.2127 -0.0449 0.0637  -0.1287 12   C   B C5    
251 C  C6    . C   B 5 ? 0.1013 0.1045 0.2524 -0.0460 0.0251  -0.1154 12   C   B C6    
252 P  P     . IU  B 6 ? 0.1151 0.1154 0.2116 -0.0009 -0.0072 -0.0625 13   IU  B P     
253 O  OP1   . IU  B 6 ? 0.1329 0.2129 0.2185 -0.0386 0.0097  -0.0971 13   IU  B OP1   
254 O  OP2   . IU  B 6 ? 0.2138 0.2111 0.1968 0.0714  -0.0556 -0.0946 13   IU  B OP2   
255 O  "O5'" . IU  B 6 ? 0.1692 0.1131 0.1268 -0.0183 -0.0172 -0.0103 13   IU  B "O5'" 
256 C  "C5'" . IU  B 6 ? 0.0928 0.1250 0.1786 0.0143  -0.0267 0.0338  13   IU  B "C5'" 
257 C  "C4'" . IU  B 6 ? 0.1298 0.0873 0.0992 0.0157  0.0084  -0.0029 13   IU  B "C4'" 
258 O  "O4'" . IU  B 6 ? 0.1159 0.0919 0.0884 0.0142  -0.0018 -0.0309 13   IU  B "O4'" 
259 C  "C3'" . IU  B 6 ? 0.1430 0.1324 0.0852 0.0347  -0.0147 -0.0380 13   IU  B "C3'" 
260 O  "O3'" . IU  B 6 ? 0.1778 0.0987 0.0646 0.0032  0.0048  -0.0189 13   IU  B "O3'" 
261 C  "C2'" . IU  B 6 ? 0.1615 0.0982 0.0858 0.0226  -0.0083 -0.0156 13   IU  B "C2'" 
262 O  "O2'" . IU  B 6 ? 0.1089 0.0683 0.0951 0.0122  -0.0005 0.0175  13   IU  B "O2'" 
263 C  "C1'" . IU  B 6 ? 0.1654 0.0924 0.0862 -0.0020 0.0065  -0.0141 13   IU  B "C1'" 
264 N  N1    . IU  B 6 ? 0.1451 0.1146 0.0880 0.0282  0.0020  -0.0091 13   IU  B N1    
265 C  C2    . IU  B 6 ? 0.0968 0.1248 0.1417 0.0523  -0.0154 0.0466  13   IU  B C2    
266 O  O2    . IU  B 6 ? 0.1832 0.1311 0.0950 -0.0025 0.0081  0.0248  13   IU  B O2    
267 N  N3    . IU  B 6 ? 0.0962 0.1573 0.1247 0.0517  0.0024  0.0399  13   IU  B N3    
268 C  C4    . IU  B 6 ? 0.1002 0.1161 0.1551 0.0496  -0.0234 0.0031  13   IU  B C4    
269 O  O4    . IU  B 6 ? 0.1436 0.1557 0.1061 0.0521  0.0135  -0.0098 13   IU  B O4    
270 C  C5    . IU  B 6 ? 0.1131 0.1649 0.0984 0.0408  0.0186  0.0192  13   IU  B C5    
271 C  C6    . IU  B 6 ? 0.0915 0.1604 0.0927 0.0623  -0.0081 -0.0297 13   IU  B C6    
272 I  I5    . IU  B 6 ? 0.2328 0.1726 0.1868 0.0420  -0.0507 -0.0257 13   IU  B I5    
273 P  P     . A   B 7 ? 0.1556 0.1317 0.1578 0.0109  0.0321  -0.0107 14   A   B P     
274 O  OP1   . A   B 7 ? 0.1289 0.1480 0.1900 0.0407  0.0639  0.0060  14   A   B OP1   
275 O  OP2   . A   B 7 ? 0.1406 0.1971 0.1652 0.0458  0.0365  0.0033  14   A   B OP2   
276 O  "O5'" . A   B 7 ? 0.1679 0.0928 0.1006 0.0449  0.0386  0.0261  14   A   B "O5'" 
277 C  "C5'" . A   B 7 ? 0.1581 0.1134 0.1686 0.0417  0.0080  -0.0038 14   A   B "C5'" 
278 C  "C4'" . A   B 7 ? 0.1007 0.1560 0.1368 0.0387  0.0068  0.0314  14   A   B "C4'" 
279 O  "O4'" . A   B 7 ? 0.2046 0.0809 0.0931 0.0472  0.0038  -0.0094 14   A   B "O4'" 
280 C  "C3'" . A   B 7 ? 0.1700 0.0937 0.0908 0.0236  0.0128  0.0081  14   A   B "C3'" 
281 O  "O3'" . A   B 7 ? 0.1158 0.1718 0.1354 -0.0149 0.0327  -0.0396 14   A   B "O3'" 
282 C  "C2'" . A   B 7 ? 0.1610 0.0957 0.1085 0.0366  0.0340  -0.0089 14   A   B "C2'" 
283 O  "O2'" . A   B 7 ? 0.1339 0.1024 0.1175 0.0101  0.0188  0.0178  14   A   B "O2'" 
284 C  "C1'" . A   B 7 ? 0.1864 0.0795 0.1166 0.0912  0.0191  0.0187  14   A   B "C1'" 
285 N  N9    . A   B 7 ? 0.1743 0.0672 0.1033 0.0268  0.0349  0.0156  14   A   B N9    
286 C  C8    . A   B 7 ? 0.1134 0.0647 0.1692 0.0292  0.0749  0.0087  14   A   B C8    
287 N  N7    . A   B 7 ? 0.1136 0.1098 0.2051 0.0207  -0.0075 0.0117  14   A   B N7    
288 C  C5    . A   B 7 ? 0.1462 0.1386 0.1269 0.0189  0.0050  0.0292  14   A   B C5    
289 C  C6    . A   B 7 ? 0.1472 0.1746 0.1248 0.0280  0.0214  0.0014  14   A   B C6    
290 N  N6    . A   B 7 ? 0.1496 0.1846 0.1236 0.0371  -0.0118 0.0329  14   A   B N6    
291 N  N1    . A   B 7 ? 0.0999 0.2145 0.1456 0.0076  -0.0029 0.0780  14   A   B N1    
292 C  C2    . A   B 7 ? 0.1330 0.1613 0.1285 0.0204  -0.0089 0.0861  14   A   B C2    
293 N  N3    . A   B 7 ? 0.1687 0.1184 0.1276 -0.0128 0.0173  0.0467  14   A   B N3    
294 C  C4    . A   B 7 ? 0.1310 0.0455 0.1325 0.0301  0.0192  0.0253  14   A   B C4    
295 O  "O5'" . U   C 1 ? 0.2494 0.1380 0.1842 -0.0833 -0.0082 0.0051  1    U   C "O5'" 
296 C  "C5'" . U   C 1 ? 0.2433 0.1084 0.2337 -0.0876 -0.0324 0.0319  1    U   C "C5'" 
297 C  "C4'" . U   C 1 ? 0.1444 0.0944 0.1905 -0.0329 0.0056  0.0206  1    U   C "C4'" 
298 O  "O4'" . U   C 1 ? 0.2032 0.0993 0.1616 -0.0009 0.0225  0.0314  1    U   C "O4'" 
299 C  "C3'" . U   C 1 ? 0.1855 0.0967 0.1217 -0.0193 0.0004  -0.0223 1    U   C "C3'" 
300 O  "O3'" . U   C 1 ? 0.1955 0.1104 0.1291 0.0032  0.0104  0.0085  1    U   C "O3'" 
301 C  "C2'" . U   C 1 ? 0.1612 0.0898 0.1352 0.0089  -0.0282 0.0322  1    U   C "C2'" 
302 O  "O2'" . U   C 1 ? 0.1490 0.1301 0.1060 0.0363  -0.0117 -0.0173 1    U   C "O2'" 
303 C  "C1'" . U   C 1 ? 0.1541 0.1166 0.1305 -0.0627 -0.0005 -0.0156 1    U   C "C1'" 
304 N  N1    . U   C 1 ? 0.0867 0.1546 0.1390 -0.0406 -0.0402 0.0212  1    U   C N1    
305 C  C2    . U   C 1 ? 0.0728 0.0902 0.1958 0.0318  0.0114  0.0119  1    U   C C2    
306 O  O2    . U   C 1 ? 0.1482 0.0893 0.2032 -0.0115 -0.0080 0.0433  1    U   C O2    
307 N  N3    . U   C 1 ? 0.1502 0.1134 0.1894 -0.0308 0.0198  0.0235  1    U   C N3    
308 C  C4    . U   C 1 ? 0.1406 0.1199 0.1585 -0.0197 0.0594  -0.0242 1    U   C C4    
309 O  O4    . U   C 1 ? 0.2262 0.1806 0.1510 -0.0678 0.0544  0.0253  1    U   C O4    
310 C  C5    . U   C 1 ? 0.1163 0.0663 0.1369 -0.0085 -0.0186 -0.0239 1    U   C C5    
311 C  C6    . U   C 1 ? 0.0765 0.1401 0.1511 -0.0061 -0.0299 -0.0087 1    U   C C6    
312 P  P     . A   C 2 ? 0.1750 0.2110 0.2948 0.0424  -0.0275 -0.0820 2    A   C P     
313 O  OP1   . A   C 2 ? 0.2172 0.2586 0.3242 0.1570  0.0447  0.0356  2    A   C OP1   
314 O  OP2   . A   C 2 ? 0.1572 0.3649 0.4607 0.0805  -0.0821 -0.2086 2    A   C OP2   
315 O  "O5'" . A   C 2 ? 0.1908 0.1722 0.2328 0.0868  -0.0847 0.0137  2    A   C "O5'" 
316 C  "C5'" . A   C 2 ? 0.1377 0.2035 0.1584 0.0447  -0.0139 0.0223  2    A   C "C5'" 
317 C  "C4'" . A   C 2 ? 0.1653 0.2208 0.1342 0.0417  -0.0492 0.0234  2    A   C "C4'" 
318 O  "O4'" . A   C 2 ? 0.1097 0.1760 0.1729 0.0249  -0.0461 0.0452  2    A   C "O4'" 
319 C  "C3'" . A   C 2 ? 0.2194 0.2482 0.2578 0.1195  -0.0315 0.0569  2    A   C "C3'" 
320 O  "O3'" . A   C 2 ? 0.2510 0.1684 0.3025 0.0587  0.0011  0.0545  2    A   C "O3'" 
321 C  "C2'" . A   C 2 ? 0.2375 0.2148 0.2030 0.0736  -0.0828 0.0411  2    A   C "C2'" 
322 O  "O2'" . A   C 2 ? 0.4019 0.1714 0.3453 0.0502  -0.2099 0.0498  2    A   C "O2'" 
323 C  "C1'" . A   C 2 ? 0.1992 0.2109 0.1512 0.0482  -0.0743 0.0735  2    A   C "C1'" 
324 N  N9    . A   C 2 ? 0.1965 0.1643 0.1772 0.0063  -0.0710 0.0690  2    A   C N9    
325 C  C8    . A   C 2 ? 0.2006 0.1092 0.2314 0.0446  -0.0487 0.0900  2    A   C C8    
326 N  N7    . A   C 2 ? 0.1555 0.0910 0.2629 0.0243  -0.0508 0.0328  2    A   C N7    
327 C  C5    . A   C 2 ? 0.0869 0.0906 0.1830 0.0470  -0.0393 0.0033  2    A   C C5    
328 C  C6    . A   C 2 ? 0.1142 0.1118 0.1847 0.0269  -0.0504 -0.0215 2    A   C C6    
329 N  N6    . A   C 2 ? 0.0525 0.2666 0.1949 0.0339  -0.0489 -0.0621 2    A   C N6    
330 N  N1    . A   C 2 ? 0.1575 0.1828 0.1794 0.0256  -0.0750 0.0630  2    A   C N1    
331 C  C2    . A   C 2 ? 0.1822 0.1143 0.1934 -0.0273 0.0148  0.0387  2    A   C C2    
332 N  N3    . A   C 2 ? 0.2478 0.0574 0.1849 0.0134  -0.0525 0.0277  2    A   C N3    
333 C  C4    . A   C 2 ? 0.1411 0.1651 0.1512 -0.0328 -0.0365 0.0305  2    A   C C4    
334 P  P     . G   C 3 ? 0.2345 0.1983 0.2494 0.0709  0.0365  0.0687  3    G   C P     
335 O  OP1   . G   C 3 ? 0.2395 0.1928 0.2641 0.0089  0.0350  0.0604  3    G   C OP1   
336 O  OP2   . G   C 3 ? 0.3061 0.2279 0.2379 0.0148  -0.0248 0.0751  3    G   C OP2   
337 O  "O5'" . G   C 3 ? 0.2815 0.2364 0.2430 0.0127  0.0297  0.0852  3    G   C "O5'" 
338 C  "C5'" . G   C 3 ? 0.2704 0.2623 0.1837 -0.0011 -0.0239 0.0973  3    G   C "C5'" 
339 C  "C4'" . G   C 3 ? 0.2865 0.2110 0.1458 0.0054  -0.0116 0.0552  3    G   C "C4'" 
340 O  "O4'" . G   C 3 ? 0.2359 0.1746 0.1614 -0.0067 -0.0525 0.0557  3    G   C "O4'" 
341 C  "C3'" . G   C 3 ? 0.3452 0.1051 0.1187 0.0168  -0.0520 -0.0298 3    G   C "C3'" 
342 O  "O3'" . G   C 3 ? 0.4349 0.1686 0.0980 0.0903  -0.0748 -0.0444 3    G   C "O3'" 
343 C  "C2'" . G   C 3 ? 0.3179 0.0729 0.1544 0.0432  0.0033  0.0352  3    G   C "C2'" 
344 O  "O2'" . G   C 3 ? 0.2561 0.1089 0.2205 0.0198  -0.0479 0.0121  3    G   C "O2'" 
345 C  "C1'" . G   C 3 ? 0.2977 0.1337 0.1674 0.0705  -0.0719 -0.0048 3    G   C "C1'" 
346 N  N9    . G   C 3 ? 0.3473 0.0959 0.1344 0.0668  -0.0292 0.0067  3    G   C N9    
347 C  C8    . G   C 3 ? 0.2953 0.1747 0.1448 0.0201  -0.0573 0.0311  3    G   C C8    
348 N  N7    . G   C 3 ? 0.1094 0.2075 0.1419 0.0283  -0.0476 0.0212  3    G   C N7    
349 C  C5    . G   C 3 ? 0.2194 0.1220 0.1402 0.0972  -0.0330 0.0018  3    G   C C5    
350 C  C6    . G   C 3 ? 0.1806 0.1536 0.1300 0.0034  -0.0288 0.0398  3    G   C C6    
351 O  O6    . G   C 3 ? 0.1965 0.1254 0.1655 0.0273  -0.0447 0.0335  3    G   C O6    
352 N  N1    . G   C 3 ? 0.2066 0.1079 0.1672 0.0267  0.0466  0.0153  3    G   C N1    
353 C  C2    . G   C 3 ? 0.1541 0.1286 0.1343 0.0226  -0.0460 0.0414  3    G   C C2    
354 N  N2    . G   C 3 ? 0.1516 0.1311 0.1168 -0.0138 -0.0421 0.0216  3    G   C N2    
355 N  N3    . G   C 3 ? 0.1084 0.2217 0.1124 0.0556  -0.0485 0.0294  3    G   C N3    
356 C  C4    . G   C 3 ? 0.2616 0.1080 0.1247 0.0830  -0.0117 -0.0054 3    G   C C4    
357 P  P     . C   C 4 ? 0.4166 0.1276 0.0964 0.0551  -0.0634 -0.0097 4    C   C P     
358 O  OP1   . C   C 4 ? 0.4762 0.1155 0.1640 0.0967  -0.0517 -0.0053 4    C   C OP1   
359 O  OP2   . C   C 4 ? 0.4684 0.1227 0.0745 0.0473  -0.0786 0.0203  4    C   C OP2   
360 O  "O5'" . C   C 4 ? 0.3518 0.1093 0.1395 -0.0071 -0.0830 0.0132  4    C   C "O5'" 
361 C  "C5'" . C   C 4 ? 0.2478 0.0421 0.1347 0.0644  -0.1096 -0.0086 4    C   C "C5'" 
362 C  "C4'" . C   C 4 ? 0.1706 0.0941 0.1196 0.0541  -0.0894 0.0052  4    C   C "C4'" 
363 O  "O4'" . C   C 4 ? 0.1680 0.1508 0.1594 0.0711  -0.0829 -0.0189 4    C   C "O4'" 
364 C  "C3'" . C   C 4 ? 0.1436 0.0832 0.1058 0.0226  -0.0603 -0.0010 4    C   C "C3'" 
365 O  "O3'" . C   C 4 ? 0.1255 0.0874 0.1608 0.0106  0.0043  0.0186  4    C   C "O3'" 
366 C  "C2'" . C   C 4 ? 0.0763 0.0689 0.1272 -0.0153 -0.0709 -0.0037 4    C   C "C2'" 
367 O  "O2'" . C   C 4 ? 0.1156 0.0633 0.1749 0.0162  -0.0290 0.0207  4    C   C "O2'" 
368 C  "C1'" . C   C 4 ? 0.1502 0.0963 0.0941 0.0562  -0.0657 0.0282  4    C   C "C1'" 
369 N  N1    . C   C 4 ? 0.1529 0.0900 0.1450 0.0486  -0.0223 0.0101  4    C   C N1    
370 C  C2    . C   C 4 ? 0.1205 0.1123 0.1378 0.0083  0.0044  0.0155  4    C   C C2    
371 O  O2    . C   C 4 ? 0.1373 0.0792 0.1563 -0.0270 -0.0631 0.0275  4    C   C O2    
372 N  N3    . C   C 4 ? 0.1931 0.1227 0.1247 -0.0145 -0.0166 0.0231  4    C   C N3    
373 C  C4    . C   C 4 ? 0.0767 0.1348 0.1435 -0.0148 -0.0626 0.0384  4    C   C C4    
374 N  N4    . C   C 4 ? 0.1408 0.1440 0.3186 -0.0553 -0.0570 0.0617  4    C   C N4    
375 C  C5    . C   C 4 ? 0.0975 0.1781 0.1285 -0.0095 -0.1002 0.0767  4    C   C C5    
376 C  C6    . C   C 4 ? 0.1219 0.1650 0.1434 -0.0309 -0.0071 0.0226  4    C   C C6    
377 P  P     . U   C 5 ? 0.1397 0.1272 0.1337 -0.0090 -0.0019 -0.0007 5    U   C P     
378 O  OP1   . U   C 5 ? 0.1702 0.2100 0.1377 0.0720  0.0098  -0.0474 5    U   C OP1   
379 O  OP2   . U   C 5 ? 0.1207 0.2123 0.1381 -0.0583 0.0186  0.0015  5    U   C OP2   
380 O  "O5'" . U   C 5 ? 0.1478 0.1175 0.1484 0.0162  -0.0254 0.0006  5    U   C "O5'" 
381 C  "C5'" . U   C 5 ? 0.1249 0.1171 0.1674 -0.0454 -0.0538 0.0284  5    U   C "C5'" 
382 C  "C4'" . U   C 5 ? 0.1211 0.1265 0.1488 -0.0386 -0.0116 0.0066  5    U   C "C4'" 
383 O  "O4'" . U   C 5 ? 0.1455 0.1042 0.1926 -0.0184 -0.0343 0.0518  5    U   C "O4'" 
384 C  "C3'" . U   C 5 ? 0.1236 0.1144 0.1928 -0.0249 -0.0414 -0.0078 5    U   C "C3'" 
385 O  "O3'" . U   C 5 ? 0.1224 0.1437 0.1725 -0.0121 -0.0253 -0.0059 5    U   C "O3'" 
386 C  "C2'" . U   C 5 ? 0.1164 0.1086 0.1405 -0.0159 -0.0123 0.0315  5    U   C "C2'" 
387 O  "O2'" . U   C 5 ? 0.1141 0.1373 0.1660 -0.0685 -0.0602 0.0636  5    U   C "O2'" 
388 C  "C1'" . U   C 5 ? 0.1681 0.1046 0.1941 0.0148  -0.0429 0.0353  5    U   C "C1'" 
389 N  N1    . U   C 5 ? 0.1850 0.0906 0.1541 -0.0129 -0.0451 0.0149  5    U   C N1    
390 C  C2    . U   C 5 ? 0.1736 0.1078 0.1146 -0.0324 -0.0508 0.0415  5    U   C C2    
391 O  O2    . U   C 5 ? 0.1583 0.1360 0.1132 -0.0276 -0.0552 0.0192  5    U   C O2    
392 N  N3    . U   C 5 ? 0.1338 0.0874 0.1413 -0.0103 -0.0493 0.0349  5    U   C N3    
393 C  C4    . U   C 5 ? 0.1300 0.1348 0.1330 -0.0215 -0.0704 0.0558  5    U   C C4    
394 O  O4    . U   C 5 ? 0.2328 0.1220 0.1098 0.0038  0.0434  0.0047  5    U   C O4    
395 C  C5    . U   C 5 ? 0.0927 0.1550 0.1532 -0.0379 -0.0153 0.0110  5    U   C C5    
396 C  C6    . U   C 5 ? 0.0955 0.1268 0.1584 0.0102  -0.0216 -0.0024 5    U   C C6    
397 P  P     . C   C 6 ? 0.1237 0.1479 0.1732 0.0030  -0.0462 0.0234  6    C   C P     
398 O  OP1   . C   C 6 ? 0.1973 0.1523 0.3148 0.0643  -0.0133 0.0392  6    C   C OP1   
399 O  OP2   . C   C 6 ? 0.1488 0.2196 0.1467 0.0551  0.0001  0.0076  6    C   C OP2   
400 O  "O5'" . C   C 6 ? 0.1402 0.1369 0.1304 -0.0021 -0.0462 0.0437  6    C   C "O5'" 
401 C  "C5'" . C   C 6 ? 0.1311 0.2292 0.1304 -0.0199 -0.0243 0.0420  6    C   C "C5'" 
402 C  "C4'" . C   C 6 ? 0.1481 0.2076 0.1225 -0.0656 -0.0299 0.0689  6    C   C "C4'" 
403 O  "O4'" . C   C 6 ? 0.1291 0.2093 0.1815 -0.0691 -0.0342 0.0518  6    C   C "O4'" 
404 C  "C3'" . C   C 6 ? 0.1340 0.2279 0.1320 -0.0297 -0.0118 0.0721  6    C   C "C3'" 
405 O  "O3'" . C   C 6 ? 0.1419 0.1350 0.1695 -0.0572 -0.0490 0.0557  6    C   C "O3'" 
406 C  "C2'" . C   C 6 ? 0.1080 0.1716 0.2098 -0.0339 -0.0028 0.1029  6    C   C "C2'" 
407 O  "O2'" . C   C 6 ? 0.0912 0.3463 0.2057 -0.0303 -0.0110 -0.0051 6    C   C "O2'" 
408 C  "C1'" . C   C 6 ? 0.1027 0.2102 0.1211 -0.0724 -0.0068 0.0089  6    C   C "C1'" 
409 N  N1    . C   C 6 ? 0.0631 0.2103 0.1460 -0.0145 0.0109  0.0400  6    C   C N1    
410 C  C2    . C   C 6 ? 0.0722 0.2105 0.1474 0.0085  0.0122  0.0126  6    C   C C2    
411 O  O2    . C   C 6 ? 0.1952 0.2255 0.1891 0.0246  -0.0933 0.0135  6    C   C O2    
412 N  N3    . C   C 6 ? 0.0856 0.1630 0.1257 -0.0314 -0.0144 -0.0091 6    C   C N3    
413 C  C4    . C   C 6 ? 0.1399 0.1316 0.1500 0.0050  -0.0283 -0.0144 6    C   C C4    
414 N  N4    . C   C 6 ? 0.1733 0.0699 0.1599 0.0505  -0.0847 -0.0346 6    C   C N4    
415 C  C5    . C   C 6 ? 0.1088 0.1342 0.1064 -0.0308 0.0216  0.0129  6    C   C C5    
416 C  C6    . C   C 6 ? 0.1285 0.1987 0.1034 0.0246  -0.0086 0.0381  6    C   C C6    
417 P  P     . C   C 7 ? 0.1163 0.1488 0.2369 -0.0505 -0.0449 0.0743  7    C   C P     
418 O  OP1   . C   C 7 ? 0.1481 0.1642 0.2844 -0.0251 -0.0960 0.0829  7    C   C OP1   
419 O  OP2   . C   C 7 ? 0.0677 0.1506 0.2317 0.0239  -0.0215 0.0469  7    C   C OP2   
420 O  "O5'" . C   C 7 ? 0.1102 0.1206 0.2650 -0.0098 0.0092  0.0452  7    C   C "O5'" 
421 C  "C5'" . C   C 7 ? 0.2143 0.0785 0.2451 -0.0043 -0.0075 0.0545  7    C   C "C5'" 
422 C  "C4'" . C   C 7 ? 0.1320 0.0966 0.2625 -0.0175 0.0189  0.0556  7    C   C "C4'" 
423 O  "O4'" . C   C 7 ? 0.1439 0.0946 0.2291 -0.0244 -0.0141 0.0594  7    C   C "O4'" 
424 C  "C3'" . C   C 7 ? 0.1290 0.1518 0.1523 -0.0332 -0.0572 0.0808  7    C   C "C3'" 
425 O  "O3'" . C   C 7 ? 0.1055 0.2788 0.2337 -0.0373 -0.0127 0.1229  7    C   C "O3'" 
426 C  "C2'" . C   C 7 ? 0.1892 0.1204 0.2597 -0.0629 0.0184  0.0613  7    C   C "C2'" 
427 O  "O2'" . C   C 7 ? 0.2128 0.1522 0.2665 0.0093  -0.0062 0.0422  7    C   C "O2'" 
428 C  "C1'" . C   C 7 ? 0.1775 0.1358 0.2535 -0.0103 0.0298  0.0917  7    C   C "C1'" 
429 N  N1    . C   C 7 ? 0.1933 0.1630 0.2957 -0.0414 0.0075  0.1084  7    C   C N1    
430 C  C2    . C   C 7 ? 0.1544 0.1952 0.2431 -0.0840 0.0313  0.1306  7    C   C C2    
431 O  O2    . C   C 7 ? 0.2096 0.1967 0.3261 -0.1466 0.0376  0.1139  7    C   C O2    
432 N  N3    . C   C 7 ? 0.0797 0.2617 0.2921 -0.0651 0.0268  0.1006  7    C   C N3    
433 C  C4    . C   C 7 ? 0.1177 0.2455 0.3135 -0.0622 -0.0150 0.1112  7    C   C C4    
434 N  N4    . C   C 7 ? 0.1154 0.2444 0.2836 -0.0181 -0.0027 0.1162  7    C   C N4    
435 C  C5    . C   C 7 ? 0.1218 0.2518 0.3169 0.0143  -0.0397 0.1017  7    C   C C5    
436 C  C6    . C   C 7 ? 0.1035 0.2000 0.2987 -0.0236 -0.0091 0.0788  7    C   C C6    
437 O  "O5'" . G   D 1 ? 0.2128 0.1191 0.2570 0.0123  -0.0367 0.0197  8    G   D "O5'" 
438 C  "C5'" . G   D 1 ? 0.1599 0.1641 0.1689 -0.0086 -0.0167 0.0266  8    G   D "C5'" 
439 C  "C4'" . G   D 1 ? 0.1110 0.1394 0.1613 0.0031  0.0293  0.0384  8    G   D "C4'" 
440 O  "O4'" . G   D 1 ? 0.1469 0.1353 0.1484 0.0271  0.0665  0.0633  8    G   D "O4'" 
441 C  "C3'" . G   D 1 ? 0.1021 0.2176 0.1700 0.0271  0.0478  0.0435  8    G   D "C3'" 
442 O  "O3'" . G   D 1 ? 0.1598 0.2434 0.2148 0.0400  0.0892  0.0235  8    G   D "O3'" 
443 C  "C2'" . G   D 1 ? 0.0854 0.1683 0.1515 -0.0193 0.0463  0.0560  8    G   D "C2'" 
444 O  "O2'" . G   D 1 ? 0.1255 0.1243 0.1406 0.0030  0.0193  0.0674  8    G   D "O2'" 
445 C  "C1'" . G   D 1 ? 0.0952 0.1232 0.1540 -0.0225 0.0569  0.0687  8    G   D "C1'" 
446 N  N9    . G   D 1 ? 0.1186 0.1452 0.1538 -0.0296 0.0272  0.0582  8    G   D N9    
447 C  C8    . G   D 1 ? 0.1922 0.1449 0.1725 0.0044  0.0156  0.0095  8    G   D C8    
448 N  N7    . G   D 1 ? 0.1849 0.1316 0.2528 0.0035  0.0170  -0.0301 8    G   D N7    
449 C  C5    . G   D 1 ? 0.1073 0.1038 0.2660 0.0414  0.0582  -0.0054 8    G   D C5    
450 C  C6    . G   D 1 ? 0.1095 0.1146 0.3007 0.0079  0.0238  -0.0224 8    G   D C6    
451 O  O6    . G   D 1 ? 0.1677 0.1518 0.3767 -0.0571 0.0483  -0.0427 8    G   D O6    
452 N  N1    . G   D 1 ? 0.1291 0.1568 0.3230 -0.0038 -0.0005 0.0125  8    G   D N1    
453 C  C2    . G   D 1 ? 0.1275 0.1255 0.2759 -0.0494 -0.0194 0.0818  8    G   D C2    
454 N  N2    . G   D 1 ? 0.2600 0.1570 0.2261 -0.0032 -0.0164 0.0600  8    G   D N2    
455 N  N3    . G   D 1 ? 0.0715 0.1619 0.2294 -0.0074 0.0238  0.1005  8    G   D N3    
456 C  C4    . G   D 1 ? 0.0750 0.1126 0.2549 0.0405  0.0120  0.0332  8    G   D C4    
457 P  P     . G   D 2 ? 0.1245 0.2275 0.1731 0.0169  0.0392  -0.0077 9    G   D P     
458 O  OP1   . G   D 2 ? 0.1516 0.3332 0.2594 0.0467  0.0590  -0.0977 9    G   D OP1   
459 O  OP2   . G   D 2 ? 0.0857 0.3652 0.1047 0.0303  0.0263  -0.0491 9    G   D OP2   
460 O  "O5'" . G   D 2 ? 0.1595 0.4200 0.1171 -0.0201 -0.0110 0.0469  9    G   D "O5'" 
461 C  "C5'" . G   D 2 ? 0.1186 0.2796 0.1875 -0.0504 0.0197  0.0693  9    G   D "C5'" 
462 C  "C4'" . G   D 2 ? 0.1671 0.2520 0.1212 -0.0691 -0.0049 0.0362  9    G   D "C4'" 
463 O  "O4'" . G   D 2 ? 0.1566 0.2262 0.1386 -0.0654 0.0043  0.0342  9    G   D "O4'" 
464 C  "C3'" . G   D 2 ? 0.2019 0.3066 0.0626 -0.0872 0.0002  0.0347  9    G   D "C3'" 
465 O  "O3'" . G   D 2 ? 0.2724 0.3347 0.1188 -0.0829 0.0389  0.0244  9    G   D "O3'" 
466 C  "C2'" . G   D 2 ? 0.1659 0.2821 0.1731 -0.1191 0.0169  0.0749  9    G   D "C2'" 
467 O  "O2'" . G   D 2 ? 0.3101 0.1265 0.2042 -0.0722 -0.0693 0.0480  9    G   D "O2'" 
468 C  "C1'" . G   D 2 ? 0.1076 0.2546 0.1754 -0.0960 0.0051  0.0799  9    G   D "C1'" 
469 N  N9    . G   D 2 ? 0.1634 0.2520 0.1707 -0.1124 0.0195  0.0757  9    G   D N9    
470 C  C8    . G   D 2 ? 0.1067 0.2569 0.1981 -0.1012 0.0072  0.0645  9    G   D C8    
471 N  N7    . G   D 2 ? 0.0794 0.2374 0.1902 -0.0617 0.0337  0.0446  9    G   D N7    
472 C  C5    . G   D 2 ? 0.1455 0.2204 0.2100 -0.0347 0.0079  0.0234  9    G   D C5    
473 C  C6    . G   D 2 ? 0.1195 0.1959 0.1390 0.0124  0.0663  -0.0457 9    G   D C6    
474 O  O6    . G   D 2 ? 0.1539 0.2763 0.1773 -0.0308 0.0552  -0.0589 9    G   D O6    
475 N  N1    . G   D 2 ? 0.1365 0.2037 0.1979 -0.0316 0.0631  0.0179  9    G   D N1    
476 C  C2    . G   D 2 ? 0.2661 0.2440 0.1507 -0.0908 0.0388  0.0524  9    G   D C2    
477 N  N2    . G   D 2 ? 0.2676 0.1931 0.2222 -0.0273 -0.0216 -0.0039 9    G   D N2    
478 N  N3    . G   D 2 ? 0.2533 0.2467 0.1913 -0.1104 0.0006  0.0677  9    G   D N3    
479 C  C4    . G   D 2 ? 0.1438 0.2341 0.1654 -0.0762 0.0297  0.0376  9    G   D C4    
480 P  P     . G   D 3 ? 0.2417 0.3315 0.1623 -0.0308 0.0350  0.0354  10   G   D P     
481 O  OP1   . G   D 3 ? 0.2503 0.4640 0.1466 0.0940  0.0010  0.0323  10   G   D OP1   
482 O  OP2   . G   D 3 ? 0.2563 0.3231 0.1757 -0.0568 0.0320  0.0428  10   G   D OP2   
483 O  "O5'" . G   D 3 ? 0.2950 0.3314 0.1914 -0.1193 -0.0594 0.0465  10   G   D "O5'" 
484 C  "C5'" . G   D 3 ? 0.3259 0.2300 0.1535 -0.0984 -0.0168 -0.0116 10   G   D "C5'" 
485 C  "C4'" . G   D 3 ? 0.3243 0.2344 0.1601 -0.0977 0.0154  -0.0139 10   G   D "C4'" 
486 O  "O4'" . G   D 3 ? 0.2791 0.2188 0.1837 -0.1259 0.0236  -0.0149 10   G   D "O4'" 
487 C  "C3'" . G   D 3 ? 0.3156 0.2274 0.1773 -0.0973 0.0464  0.0279  10   G   D "C3'" 
488 O  "O3'" . G   D 3 ? 0.3498 0.1506 0.2708 -0.1544 0.0723  -0.0136 10   G   D "O3'" 
489 C  "C2'" . G   D 3 ? 0.2355 0.2397 0.1112 -0.0878 0.0151  0.0258  10   G   D "C2'" 
490 O  "O2'" . G   D 3 ? 0.4019 0.4680 0.0915 0.1174  0.0004  -0.0533 10   G   D "O2'" 
491 C  "C1'" . G   D 3 ? 0.2689 0.2310 0.1311 -0.1296 0.0405  -0.0063 10   G   D "C1'" 
492 N  N9    . G   D 3 ? 0.2384 0.2059 0.1322 -0.0855 0.0512  -0.0231 10   G   D N9    
493 C  C8    . G   D 3 ? 0.1849 0.1565 0.1487 -0.0696 0.0360  -0.0275 10   G   D C8    
494 N  N7    . G   D 3 ? 0.1625 0.1071 0.1997 -0.0438 -0.0175 -0.0050 10   G   D N7    
495 C  C5    . G   D 3 ? 0.1094 0.1327 0.1478 -0.0372 0.0113  0.0011  10   G   D C5    
496 C  C6    . G   D 3 ? 0.1238 0.0915 0.1214 0.0221  -0.0003 -0.0004 10   G   D C6    
497 O  O6    . G   D 3 ? 0.1484 0.1442 0.0826 0.0262  0.0141  0.0059  10   G   D O6    
498 N  N1    . G   D 3 ? 0.0886 0.1057 0.1297 0.0308  -0.0030 0.0178  10   G   D N1    
499 C  C2    . G   D 3 ? 0.1173 0.1594 0.1004 0.0350  0.0189  0.0145  10   G   D C2    
500 N  N2    . G   D 3 ? 0.0966 0.1816 0.1362 0.0285  -0.0144 0.0364  10   G   D N2    
501 N  N3    . G   D 3 ? 0.1766 0.1900 0.1600 -0.0041 -0.0218 0.0013  10   G   D N3    
502 C  C4    . G   D 3 ? 0.1922 0.1962 0.1191 -0.0759 0.0287  -0.0014 10   G   D C4    
503 P  P     . G   D 4 ? 0.3685 0.1251 0.1507 -0.0935 0.0445  -0.0033 11   G   D P     
504 O  OP1   . G   D 4 ? 0.3448 0.1408 0.1855 -0.0782 -0.0104 -0.0672 11   G   D OP1   
505 O  OP2   . G   D 4 ? 0.5232 0.1807 0.1835 0.0455  0.0697  0.0462  11   G   D OP2   
506 O  "O5'" . G   D 4 ? 0.2301 0.1167 0.1001 -0.0674 0.0349  -0.0173 11   G   D "O5'" 
507 C  "C5'" . G   D 4 ? 0.2512 0.1087 0.1200 0.0371  -0.0307 -0.0100 11   G   D "C5'" 
508 C  "C4'" . G   D 4 ? 0.1739 0.1429 0.1031 -0.0413 0.0234  -0.0095 11   G   D "C4'" 
509 O  "O4'" . G   D 4 ? 0.1716 0.1120 0.0534 -0.0134 -0.0148 -0.0106 11   G   D "O4'" 
510 C  "C3'" . G   D 4 ? 0.1718 0.1235 0.0883 0.0378  -0.0267 0.0365  11   G   D "C3'" 
511 O  "O3'" . G   D 4 ? 0.1586 0.1160 0.1082 -0.0128 -0.0287 -0.0229 11   G   D "O3'" 
512 C  "C2'" . G   D 4 ? 0.1614 0.1511 0.0505 -0.0059 -0.0142 0.0021  11   G   D "C2'" 
513 O  "O2'" . G   D 4 ? 0.1665 0.1015 0.1511 0.0001  -0.0430 0.0460  11   G   D "O2'" 
514 C  "C1'" . G   D 4 ? 0.1146 0.1321 0.0885 -0.0186 -0.0440 0.0015  11   G   D "C1'" 
515 N  N9    . G   D 4 ? 0.1588 0.0914 0.0756 -0.0166 -0.0065 -0.0098 11   G   D N9    
516 C  C8    . G   D 4 ? 0.1962 0.0849 0.1314 -0.0232 0.0077  0.0212  11   G   D C8    
517 N  N7    . G   D 4 ? 0.2059 0.1283 0.1189 -0.0375 0.0025  0.0396  11   G   D N7    
518 C  C5    . G   D 4 ? 0.1784 0.1510 0.0413 0.0317  0.0826  0.0041  11   G   D C5    
519 C  C6    . G   D 4 ? 0.1229 0.1713 0.0930 0.0031  0.0097  0.0181  11   G   D C6    
520 O  O6    . G   D 4 ? 0.1775 0.2100 0.0723 -0.0074 0.0046  0.0432  11   G   D O6    
521 N  N1    . G   D 4 ? 0.2081 0.1472 0.1424 0.0271  0.0033  0.0341  11   G   D N1    
522 C  C2    . G   D 4 ? 0.2043 0.1126 0.1174 0.0280  -0.0285 -0.0121 11   G   D C2    
523 N  N2    . G   D 4 ? 0.1270 0.1132 0.1211 0.0483  -0.0095 -0.0015 11   G   D N2    
524 N  N3    . G   D 4 ? 0.0953 0.0824 0.1604 0.0188  -0.0595 -0.0012 11   G   D N3    
525 C  C4    . G   D 4 ? 0.1082 0.0929 0.0750 0.0106  -0.0062 0.0077  11   G   D C4    
526 P  P     . C   D 5 ? 0.1569 0.1339 0.1406 0.0161  -0.0290 -0.0056 12   C   D P     
527 O  OP1   . C   D 5 ? 0.1941 0.2062 0.1969 -0.0357 0.0206  -0.0491 12   C   D OP1   
528 O  OP2   . C   D 5 ? 0.2198 0.1118 0.2427 0.0342  -0.0189 0.0206  12   C   D OP2   
529 O  "O5'" . C   D 5 ? 0.1180 0.1100 0.1499 0.0168  -0.0271 0.0228  12   C   D "O5'" 
530 C  "C5'" . C   D 5 ? 0.1516 0.1309 0.1383 -0.0018 0.0191  0.0051  12   C   D "C5'" 
531 C  "C4'" . C   D 5 ? 0.0921 0.1153 0.1574 0.0374  -0.0095 0.0007  12   C   D "C4'" 
532 O  "O4'" . C   D 5 ? 0.0954 0.1193 0.0997 0.0287  -0.0359 -0.0079 12   C   D "O4'" 
533 C  "C3'" . C   D 5 ? 0.1126 0.0933 0.1453 0.0297  -0.0155 0.0461  12   C   D "C3'" 
534 O  "O3'" . C   D 5 ? 0.1243 0.1099 0.1686 -0.0515 -0.0566 0.0437  12   C   D "O3'" 
535 C  "C2'" . C   D 5 ? 0.1177 0.0919 0.2029 -0.0323 -0.0287 -0.0331 12   C   D "C2'" 
536 O  "O2'" . C   D 5 ? 0.1340 0.0737 0.2319 -0.0065 -0.0470 0.0085  12   C   D "O2'" 
537 C  "C1'" . C   D 5 ? 0.0649 0.1177 0.1329 0.0236  -0.0604 0.0155  12   C   D "C1'" 
538 N  N1    . C   D 5 ? 0.1202 0.1027 0.1129 0.0268  -0.0253 -0.0126 12   C   D N1    
539 C  C2    . C   D 5 ? 0.0626 0.0869 0.1126 -0.0127 -0.0224 -0.0039 12   C   D C2    
540 O  O2    . C   D 5 ? 0.0907 0.0825 0.1281 0.0336  -0.0444 -0.0243 12   C   D O2    
541 N  N3    . C   D 5 ? 0.1180 0.0871 0.1288 0.0225  -0.0408 -0.0027 12   C   D N3    
542 C  C4    . C   D 5 ? 0.1149 0.0929 0.1821 -0.0011 -0.0516 0.0026  12   C   D C4    
543 N  N4    . C   D 5 ? 0.0788 0.1208 0.2094 -0.0352 0.0415  0.0162  12   C   D N4    
544 C  C5    . C   D 5 ? 0.1725 0.0832 0.2016 0.0357  -0.0924 -0.0232 12   C   D C5    
545 C  C6    . C   D 5 ? 0.1060 0.1060 0.1592 0.0221  -0.0731 -0.0267 12   C   D C6    
546 P  P     . IU  D 6 ? 0.1357 0.1290 0.2059 -0.0229 -0.0234 0.0363  13   IU  D P     
547 O  OP1   . IU  D 6 ? 0.1426 0.1732 0.2328 0.0158  -0.0128 0.0801  13   IU  D OP1   
548 O  OP2   . IU  D 6 ? 0.1310 0.1551 0.1951 -0.0126 -0.0004 -0.0052 13   IU  D OP2   
549 O  "O5'" . IU  D 6 ? 0.1212 0.0695 0.2443 0.0059  -0.0805 0.0380  13   IU  D "O5'" 
550 C  "C5'" . IU  D 6 ? 0.1389 0.0657 0.3319 -0.0154 -0.0921 0.0244  13   IU  D "C5'" 
551 C  "C4'" . IU  D 6 ? 0.1127 0.0855 0.3120 0.0341  -0.0403 -0.0115 13   IU  D "C4'" 
552 O  "O4'" . IU  D 6 ? 0.0910 0.1020 0.3393 0.0257  -0.0448 -0.0095 13   IU  D "O4'" 
553 C  "C3'" . IU  D 6 ? 0.0844 0.1420 0.2771 0.0190  -0.0688 -0.0465 13   IU  D "C3'" 
554 O  "O3'" . IU  D 6 ? 0.1027 0.1519 0.2890 0.0195  -0.0719 0.0666  13   IU  D "O3'" 
555 C  "C2'" . IU  D 6 ? 0.0641 0.1522 0.2844 -0.0527 -0.0733 -0.0820 13   IU  D "C2'" 
556 O  "O2'" . IU  D 6 ? 0.1123 0.0939 0.2250 -0.0284 -0.0521 -0.0001 13   IU  D "O2'" 
557 C  "C1'" . IU  D 6 ? 0.0565 0.1061 0.3229 -0.0108 -0.0576 -0.0102 13   IU  D "C1'" 
558 N  N1    . IU  D 6 ? 0.1110 0.0524 0.3090 0.0087  -0.0549 -0.0332 13   IU  D N1    
559 C  C2    . IU  D 6 ? 0.0775 0.0666 0.2847 0.0490  -0.0041 -0.0586 13   IU  D C2    
560 O  O2    . IU  D 6 ? 0.0925 0.1119 0.3128 0.0152  -0.0100 -0.0901 13   IU  D O2    
561 N  N3    . IU  D 6 ? 0.1035 0.1181 0.1853 -0.0151 0.0288  -0.0765 13   IU  D N3    
562 C  C4    . IU  D 6 ? 0.0571 0.1100 0.1886 0.0080  -0.0274 -0.0574 13   IU  D C4    
563 O  O4    . IU  D 6 ? 0.1222 0.0883 0.2257 0.0215  -0.0420 -0.0497 13   IU  D O4    
564 C  C5    . IU  D 6 ? 0.0712 0.0903 0.2180 0.0152  -0.0690 -0.0310 13   IU  D C5    
565 C  C6    . IU  D 6 ? 0.0867 0.0719 0.2972 0.0227  -0.0918 -0.0155 13   IU  D C6    
566 I  I5    . IU  D 6 ? 0.1728 0.1583 0.1699 -0.0017 -0.0306 0.0223  13   IU  D I5    
567 P  P     . A   D 7 ? 0.1047 0.1244 0.2465 -0.0090 -0.0369 0.0612  14   A   D P     
568 O  OP1   . A   D 7 ? 0.1086 0.1597 0.2143 -0.0159 -0.0678 0.0549  14   A   D OP1   
569 O  OP2   . A   D 7 ? 0.1372 0.1326 0.2620 -0.0017 -0.0597 0.0810  14   A   D OP2   
570 O  "O5'" . A   D 7 ? 0.1183 0.0859 0.2716 0.0063  -0.0749 0.0728  14   A   D "O5'" 
571 C  "C5'" . A   D 7 ? 0.0599 0.1146 0.2815 -0.0502 -0.0704 0.0969  14   A   D "C5'" 
572 C  "C4'" . A   D 7 ? 0.1045 0.1603 0.2541 -0.0157 -0.0365 0.1040  14   A   D "C4'" 
573 O  "O4'" . A   D 7 ? 0.0981 0.1723 0.3450 0.0136  -0.0095 0.1409  14   A   D "O4'" 
574 C  "C3'" . A   D 7 ? 0.1261 0.1680 0.2305 0.0081  0.0005  0.1204  14   A   D "C3'" 
575 O  "O3'" . A   D 7 ? 0.1010 0.3599 0.1591 0.0199  -0.0257 0.1303  14   A   D "O3'" 
576 C  "C2'" . A   D 7 ? 0.0938 0.1625 0.2594 -0.0285 -0.0166 0.1250  14   A   D "C2'" 
577 O  "O2'" . A   D 7 ? 0.1922 0.1701 0.2316 0.0403  -0.0560 0.0966  14   A   D "O2'" 
578 C  "C1'" . A   D 7 ? 0.1151 0.1616 0.2860 -0.0260 0.0071  0.1002  14   A   D "C1'" 
579 N  N9    . A   D 7 ? 0.0691 0.1612 0.2372 0.0103  -0.0216 0.0935  14   A   D N9    
580 C  C8    . A   D 7 ? 0.0649 0.2112 0.2168 0.0350  -0.0084 0.0914  14   A   D C8    
581 N  N7    . A   D 7 ? 0.0730 0.2071 0.1918 0.0353  0.0079  0.0658  14   A   D N7    
582 C  C5    . A   D 7 ? 0.0435 0.1624 0.1638 0.0217  -0.0032 0.0269  14   A   D C5    
583 C  C6    . A   D 7 ? 0.0811 0.1348 0.1385 0.0393  0.0441  -0.0091 14   A   D C6    
584 N  N6    . A   D 7 ? 0.0872 0.1735 0.2064 -0.0317 -0.0307 0.0578  14   A   D N6    
585 N  N1    . A   D 7 ? 0.0798 0.2309 0.1373 -0.0182 0.0441  -0.0046 14   A   D N1    
586 C  C2    . A   D 7 ? 0.0572 0.2070 0.1737 -0.0123 0.0041  0.0189  14   A   D C2    
587 N  N3    . A   D 7 ? 0.0552 0.1669 0.1851 0.0147  -0.0687 0.0326  14   A   D N3    
588 C  C4    . A   D 7 ? 0.0307 0.1631 0.2033 0.0067  -0.0119 0.0650  14   A   D C4    
589 SR SR    . SR  E . ? 0.1731 0.0957 0.0998 0.0224  0.0219  0.0047  101  SR  B SR    
590 NA NA    . NA  F . ? 0.1191 0.1187 0.1402 0.0187  0.0234  0.0648  102  NA  B NA    
591 O  O     . HOH G . ? 0.1071 0.1116 0.3255 -0.0417 -0.0534 0.0369  1002 HOH A O     
592 O  O     . HOH G . ? 0.1448 0.1703 0.2163 0.0424  -0.0267 0.0426  1003 HOH A O     
593 O  O     . HOH G . ? 0.2581 0.2563 0.4200 -0.1627 0.0532  -0.0040 1006 HOH A O     
594 O  O     . HOH G . ? 0.1542 0.2349 0.4178 0.0516  0.0485  0.0223  1007 HOH A O     
595 O  O     . HOH G . ? 0.3207 0.2941 0.1613 0.1700  0.1055  0.0326  1011 HOH A O     
596 O  O     . HOH G . ? 0.1776 0.1265 0.2646 0.0432  0.0693  0.0779  1017 HOH A O     
597 O  O     . HOH G . ? 0.1904 0.2555 0.1873 0.0444  -0.0863 -0.0028 1024 HOH A O     
598 O  O     . HOH G . ? 0.1467 0.5132 0.1546 0.0358  -0.0549 -0.0118 1030 HOH A O     
599 O  O     . HOH G . ? 0.1545 0.3452 0.1753 0.0017  0.0566  -0.1059 1033 HOH A O     
600 O  O     . HOH G . ? 0.2367 0.2612 0.1752 -0.0633 -0.1059 -0.0014 1038 HOH A O     
601 O  O     . HOH G . ? 0.2345 0.2806 0.3339 0.0213  -0.0231 0.1632  1040 HOH A O     
602 O  O     . HOH G . ? 0.1565 0.2609 0.5811 0.0442  0.1018  0.1268  1046 HOH A O     
603 O  O     . HOH G . ? 0.3374 0.3520 0.2058 0.2077  -0.0194 -0.0300 1055 HOH A O     
604 O  O     . HOH G . ? 0.2143 0.4212 0.1771 0.1821  -0.0507 -0.1021 1059 HOH A O     
605 O  O     . HOH G . ? 0.1697 0.2243 0.4682 0.0095  -0.0360 0.1494  1062 HOH A O     
606 O  O     . HOH G . ? 0.1368 0.4268 0.2875 0.0218  -0.0078 -0.1204 1065 HOH A O     
607 O  O     . HOH G . ? 0.3326 0.3391 0.3247 -0.1395 0.0557  -0.0163 1068 HOH A O     
608 O  O     . HOH G . ? 0.3085 0.2940 0.3868 0.0583  0.1069  0.0588  1069 HOH A O     
609 O  O     . HOH G . ? 0.1885 0.4173 0.1816 0.0234  -0.0335 0.0039  1072 HOH A O     
610 O  O     . HOH G . ? 0.2281 0.6557 0.2183 0.1691  -0.0695 -0.0387 1073 HOH A O     
611 O  O     . HOH G . ? 0.1519 0.2323 0.1743 -0.0209 -0.0161 0.0936  1077 HOH A O     
612 O  O     . HOH G . ? 0.2278 0.2936 0.2555 0.0897  -0.0037 -0.0706 1083 HOH A O     
613 O  O     . HOH G . ? 0.3518 0.3294 0.1514 -0.1492 -0.0153 0.0765  1084 HOH A O     
614 O  O     . HOH G . ? 0.2074 0.4423 0.4258 0.1109  0.1900  -0.1371 1086 HOH A O     
615 O  O     . HOH G . ? 0.3030 0.2054 0.1455 0.0430  -0.0764 -0.0640 1090 HOH A O     
616 O  O     . HOH G . ? 0.3094 0.3543 0.1822 0.0069  0.0733  0.1035  1092 HOH A O     
617 O  O     . HOH G . ? 0.4533 0.2884 0.2389 -0.1203 0.0166  0.0333  1098 HOH A O     
618 O  O     . HOH G . ? 0.3226 0.5487 0.2911 0.0815  -0.1844 -0.1110 1100 HOH A O     
619 O  O     . HOH G . ? 0.5962 0.2216 0.1460 0.0880  -0.0162 0.0965  1101 HOH A O     
620 O  O     . HOH G . ? 0.2615 0.2147 0.4734 -0.0106 0.0792  -0.0088 1106 HOH A O     
621 O  O     . HOH G . ? 0.2325 0.2901 0.3326 0.0989  0.0801  -0.0698 1112 HOH A O     
622 O  O     . HOH G . ? 0.2187 0.2231 0.4048 -0.0310 0.0310  0.0775  1120 HOH A O     
623 O  O     . HOH G . ? 0.3124 0.1026 0.4152 -0.0102 0.0156  -0.0684 1121 HOH A O     
624 O  O     . HOH G . ? 0.4369 0.4040 0.2878 0.1033  -0.1314 0.0404  1123 HOH A O     
625 O  O     . HOH G . ? 0.5211 0.6576 0.3286 0.0516  -0.0103 -0.0330 1124 HOH A O     
626 O  O     . HOH G . ? 0.4838 0.1931 0.2136 -0.0854 -0.0128 -0.0033 1126 HOH A O     
627 O  O     . HOH G . ? 0.3005 0.4918 0.2501 0.1384  0.0102  0.0710  1128 HOH A O     
628 O  O     . HOH G . ? 0.4138 0.1901 0.1773 -0.0576 -0.1457 0.0504  1129 HOH A O     
629 O  O     . HOH G . ? 0.4870 0.4152 0.5994 -0.2536 0.2823  0.1354  1133 HOH A O     
630 O  O     . HOH G . ? 0.1099 0.2972 0.2541 -0.0945 -0.0556 -0.0632 1138 HOH A O     
631 O  O     . HOH G . ? 0.3837 0.2711 0.3864 -0.1453 0.0618  -0.1133 1140 HOH A O     
632 O  O     . HOH G . ? 0.4942 0.3876 0.2051 -0.0562 -0.0057 -0.0189 1141 HOH A O     
633 O  O     . HOH G . ? 0.3928 0.3524 0.5856 -0.1116 0.0746  -0.0600 1144 HOH A O     
634 O  O     . HOH G . ? 0.2558 0.3724 0.5114 0.0951  0.0695  -0.0188 1150 HOH A O     
635 O  O     . HOH G . ? 0.6010 0.6236 0.2212 0.1703  -0.1273 0.1026  1153 HOH A O     
636 O  O     . HOH G . ? 0.4206 0.2057 0.3253 -0.1844 0.0769  -0.1458 1154 HOH A O     
637 O  O     . HOH G . ? 0.2857 0.5897 0.2651 0.0323  -0.0256 0.1269  1155 HOH A O     
638 O  O     . HOH H . ? 0.2427 0.3035 0.1365 -0.0610 0.0340  -0.0365 1001 HOH B O     
639 O  O     . HOH H . ? 0.1634 0.0994 0.2525 0.0258  0.0226  0.0241  1009 HOH B O     
640 O  O     . HOH H . ? 0.1487 0.2146 0.1671 -0.0057 -0.0235 -0.0153 1012 HOH B O     
641 O  O     . HOH H . ? 0.3901 0.3368 0.2781 0.1221  0.0714  0.1894  1013 HOH B O     
642 O  O     . HOH H . ? 0.3292 0.1496 0.4655 -0.0199 0.1770  -0.0257 1014 HOH B O     
643 O  O     . HOH H . ? 0.0713 0.2778 0.2620 0.0052  0.0348  -0.0257 1015 HOH B O     
644 O  O     . HOH H . ? 0.1886 0.3100 0.2618 -0.0630 -0.0972 0.2063  1016 HOH B O     
645 O  O     . HOH H . ? 0.1299 0.1714 0.1562 0.0075  0.0038  0.0718  1018 HOH B O     
646 O  O     . HOH H . ? 0.1681 0.0745 0.4342 -0.0449 0.0016  0.0643  1019 HOH B O     
647 O  O     . HOH H . ? 0.2025 0.2060 0.2099 -0.0230 -0.0454 0.0517  1022 HOH B O     
648 O  O     . HOH H . ? 0.2413 0.1916 0.1410 -0.0282 -0.0086 0.0024  1026 HOH B O     
649 O  O     . HOH H . ? 0.3174 0.1113 0.4359 -0.0081 0.0394  -0.0090 1032 HOH B O     
650 O  O     . HOH H . ? 0.6038 0.6722 0.3010 0.1431  -0.1436 0.1481  1042 HOH B O     
651 O  O     . HOH H . ? 0.2734 0.5618 0.1875 0.1537  0.1167  0.1475  1045 HOH B O     
652 O  O     . HOH H . ? 0.1656 0.3710 0.4651 0.1005  0.0837  0.3584  1047 HOH B O     
653 O  O     . HOH H . ? 0.2754 0.2471 0.3710 -0.1317 0.0874  0.0788  1048 HOH B O     
654 O  O     . HOH H . ? 0.1921 0.1633 0.2238 -0.0513 -0.0275 0.0529  1056 HOH B O     
655 O  O     . HOH H . ? 0.3105 0.6364 0.1310 0.0571  0.0171  -0.0330 1058 HOH B O     
656 O  O     . HOH H . ? 0.1850 0.4201 0.2618 0.0633  -0.0300 -0.1231 1060 HOH B O     
657 O  O     . HOH H . ? 0.1834 0.5089 0.4031 0.0078  -0.0100 -0.0525 1063 HOH B O     
658 O  O     . HOH H . ? 0.4503 0.3291 0.5344 -0.0752 0.1217  0.0222  1064 HOH B O     
659 O  O     . HOH H . ? 0.5694 0.5638 0.3425 0.3785  -0.0477 0.0742  1071 HOH B O     
660 O  O     . HOH H . ? 0.1610 0.3106 0.5234 0.0503  -0.0694 0.1881  1074 HOH B O     
661 O  O     . HOH H . ? 0.4308 0.5737 0.3557 -0.0626 -0.0219 -0.1552 1076 HOH B O     
662 O  O     . HOH H . ? 0.2411 0.4406 0.4182 0.0924  0.0693  -0.0155 1085 HOH B O     
663 O  O     . HOH H . ? 0.2808 0.1619 0.5249 0.0940  0.1440  0.1250  1087 HOH B O     
664 O  O     . HOH H . ? 0.3954 0.0992 0.2899 0.0509  -0.0486 0.1022  1088 HOH B O     
665 O  O     . HOH H . ? 0.5020 0.3681 0.3572 0.0313  0.0242  0.2402  1095 HOH B O     
666 O  O     . HOH H . ? 0.4612 0.4381 0.1860 0.0998  -0.0143 0.1094  1097 HOH B O     
667 O  O     . HOH H . ? 0.4011 0.4575 0.2565 0.1985  0.0357  0.2384  1102 HOH B O     
668 O  O     . HOH H . ? 0.2656 0.1400 0.2458 -0.0001 -0.0231 0.0646  1104 HOH B O     
669 O  O     . HOH H . ? 0.2923 0.4286 0.4693 -0.0367 0.1779  0.1634  1105 HOH B O     
670 O  O     . HOH H . ? 0.2520 0.2923 0.2357 -0.0750 -0.0408 -0.0372 1109 HOH B O     
671 O  O     . HOH H . ? 0.2934 0.5832 0.5528 -0.2441 0.1487  0.0265  1110 HOH B O     
672 O  O     . HOH H . ? 0.6119 0.1853 0.5822 -0.0474 0.0269  0.1635  1113 HOH B O     
673 O  O     . HOH H . ? 0.2596 0.2935 0.1444 -0.0049 0.0897  -0.0209 1115 HOH B O     
674 O  O     . HOH H . ? 0.1809 0.1758 0.1043 0.0403  0.0063  0.0236  1116 HOH B O     
675 O  O     . HOH H . ? 0.3023 0.2271 0.2354 0.1790  -0.0853 -0.1092 1118 HOH B O     
676 O  O     . HOH H . ? 0.2977 0.3412 0.4002 0.1103  -0.0940 -0.0410 1122 HOH B O     
677 O  O     . HOH H . ? 0.2810 0.1835 0.5736 0.0355  -0.0040 0.1503  1131 HOH B O     
678 O  O     . HOH H . ? 0.3987 0.5008 0.3992 0.1285  0.1148  0.2573  1132 HOH B O     
679 O  O     . HOH H . ? 0.3241 0.4658 0.4026 -0.0589 -0.0535 -0.0635 1134 HOH B O     
680 O  O     . HOH H . ? 0.3937 0.2060 0.3977 -0.0120 0.1683  0.2079  1136 HOH B O     
681 O  O     . HOH H . ? 0.3134 0.3309 0.2253 0.1081  0.0694  0.0074  1142 HOH B O     
682 O  O     . HOH H . ? 0.4192 0.2200 0.7217 -0.2678 0.1284  -0.2097 1143 HOH B O     
683 O  O     . HOH H . ? 0.3423 0.2257 0.5926 -0.1437 0.0327  0.0701  1145 HOH B O     
684 O  O     . HOH H . ? 0.4942 0.6295 0.2318 0.1227  0.0785  -0.0093 1149 HOH B O     
685 O  O     . HOH H . ? 0.2649 0.4204 0.4707 0.0189  0.0353  -0.0876 1151 HOH B O     
686 O  O     . HOH H . ? 0.4483 0.3583 0.2830 0.1123  -0.1577 0.0240  1152 HOH B O     
687 O  O     . HOH I . ? 0.1991 0.0829 0.2249 0.0178  0.0202  0.0164  1004 HOH C O     
688 O  O     . HOH I . ? 0.1139 0.1079 0.1506 -0.0057 -0.0035 0.0328  1005 HOH C O     
689 O  O     . HOH I . ? 0.1439 0.2928 0.2593 -0.0468 -0.0044 0.1058  1020 HOH C O     
690 O  O     . HOH I . ? 0.2287 0.0762 0.4400 0.0448  0.1176  -0.0751 1021 HOH C O     
691 O  O     . HOH I . ? 0.1059 0.1455 0.1416 -0.0296 -0.0290 0.0008  1023 HOH C O     
692 O  O     . HOH I . ? 0.1897 0.2136 0.4666 0.0542  -0.0530 0.0665  1031 HOH C O     
693 O  O     . HOH I . ? 0.2484 0.1407 0.5043 -0.0899 0.0993  -0.0134 1035 HOH C O     
694 O  O     . HOH I . ? 0.2865 0.1695 0.2161 -0.1189 0.0996  -0.0796 1039 HOH C O     
695 O  O     . HOH I . ? 0.2915 0.2803 0.3475 0.1066  0.2088  0.0720  1044 HOH C O     
696 O  O     . HOH I . ? 0.1726 0.2430 0.1602 -0.0614 0.0149  -0.0291 1049 HOH C O     
697 O  O     . HOH I . ? 0.4711 0.2278 0.2527 -0.1755 -0.0637 0.0710  1052 HOH C O     
698 O  O     . HOH I . ? 0.1240 0.3244 0.2540 0.0532  -0.0089 0.0541  1057 HOH C O     
699 O  O     . HOH I . ? 0.4921 0.3166 0.0765 -0.0374 0.0898  -0.0315 1061 HOH C O     
700 O  O     . HOH I . ? 0.3141 0.3166 0.1450 0.0681  0.0096  -0.0182 1066 HOH C O     
701 O  O     . HOH I . ? 0.4398 0.4574 0.4808 0.0207  0.0563  0.0189  1067 HOH C O     
702 O  O     . HOH I . ? 0.1618 0.3917 0.4214 0.1044  -0.0292 0.0560  1070 HOH C O     
703 O  O     . HOH I . ? 0.2704 0.1361 0.2426 -0.0146 -0.1029 0.0293  1075 HOH C O     
704 O  O     . HOH I . ? 0.5871 0.5150 0.2264 0.1955  -0.1468 0.0681  1078 HOH C O     
705 O  O     . HOH I . ? 0.1849 0.2914 0.2816 0.0045  0.0139  0.2385  1080 HOH C O     
706 O  O     . HOH I . ? 0.3552 0.3401 0.4986 0.0365  0.0049  0.1242  1081 HOH C O     
707 O  O     . HOH I . ? 0.2763 0.4296 0.4340 0.1604  -0.0749 0.1406  1082 HOH C O     
708 O  O     . HOH I . ? 0.4383 0.7375 0.2775 0.1424  -0.0933 0.0804  1093 HOH C O     
709 O  O     . HOH I . ? 0.1703 0.3046 0.3941 0.0502  -0.0850 -0.0355 1107 HOH C O     
710 O  O     . HOH I . ? 0.1277 0.4472 0.6273 0.1671  -0.0498 0.1833  1108 HOH C O     
711 O  O     . HOH I . ? 0.1692 0.1923 0.1357 0.0521  0.0002  -0.0351 1117 HOH C O     
712 O  O     . HOH I . ? 0.4430 0.3278 0.4579 0.0217  -0.0478 0.1287  1125 HOH C O     
713 O  O     . HOH I . ? 0.5885 0.4609 0.2869 0.0151  -0.0205 0.2288  1130 HOH C O     
714 O  O     . HOH I . ? 0.2798 0.3921 0.2804 0.1863  -0.0214 -0.1268 1146 HOH C O     
715 O  O     . HOH J . ? 0.1438 0.3020 0.1677 -0.0323 -0.0842 -0.0283 1008 HOH D O     
716 O  O     . HOH J . ? 0.1885 0.1254 0.1496 -0.0294 0.0102  -0.0088 1010 HOH D O     
717 O  O     . HOH J . ? 0.2241 0.1633 0.2175 0.0097  0.0064  0.0064  1025 HOH D O     
718 O  O     . HOH J . ? 0.1616 0.2236 0.4619 0.0642  -0.0314 -0.0156 1027 HOH D O     
719 O  O     . HOH J . ? 0.3192 0.1361 0.3555 -0.0652 0.0041  -0.0087 1028 HOH D O     
720 O  O     . HOH J . ? 0.2232 0.4304 0.3314 0.0177  -0.0009 -0.0496 1029 HOH D O     
721 O  O     . HOH J . ? 0.1960 0.0536 0.2271 -0.0404 -0.0816 -0.0244 1034 HOH D O     
722 O  O     . HOH J . ? 0.2128 0.4727 0.2844 0.0300  0.0477  -0.0605 1036 HOH D O     
723 O  O     . HOH J . ? 0.2805 0.2868 0.2132 0.1350  0.0416  -0.0908 1037 HOH D O     
724 O  O     . HOH J . ? 0.0936 0.2679 0.4901 -0.0334 0.1088  0.0375  1041 HOH D O     
725 O  O     . HOH J . ? 0.2227 0.1845 0.2397 0.0628  -0.1138 -0.0131 1043 HOH D O     
726 O  O     . HOH J . ? 0.1511 0.1235 0.2492 -0.0810 -0.0513 0.0424  1050 HOH D O     
727 O  O     . HOH J . ? 0.3467 0.1670 0.3080 -0.0678 -0.1095 -0.0350 1051 HOH D O     
728 O  O     . HOH J . ? 0.2668 0.4971 0.3048 -0.0745 0.0494  -0.0244 1053 HOH D O     
729 O  O     . HOH J . ? 0.1623 0.3273 0.2504 0.0509  -0.0540 -0.0769 1054 HOH D O     
730 O  O     . HOH J . ? 0.3800 0.2645 0.1270 0.2211  -0.0762 -0.0350 1079 HOH D O     
731 O  O     . HOH J . ? 0.2316 0.5383 0.3608 0.1908  -0.0644 -0.0871 1089 HOH D O     
732 O  O     . HOH J . ? 0.5823 0.5750 0.3362 -0.0630 -0.1551 -0.3303 1091 HOH D O     
733 O  O     . HOH J . ? 0.4037 0.2762 0.2981 0.1576  -0.0862 0.0711  1094 HOH D O     
734 O  O     . HOH J . ? 0.2922 0.2509 0.3675 0.0531  -0.0342 0.1247  1096 HOH D O     
735 O  O     . HOH J . ? 0.3761 0.2231 0.4597 -0.1781 0.0564  -0.1108 1099 HOH D O     
736 O  O     . HOH J . ? 0.3166 0.1833 0.1448 0.0285  -0.0213 -0.0006 1103 HOH D O     
737 O  O     . HOH J . ? 0.2048 0.2097 0.5680 0.0674  0.0349  0.1674  1111 HOH D O     
738 O  O     . HOH J . ? 0.1890 0.5520 0.4514 0.0210  0.1182  0.0629  1114 HOH D O     
739 O  O     . HOH J . ? 0.3726 0.1581 0.2800 -0.1480 -0.0372 0.0949  1119 HOH D O     
740 O  O     . HOH J . ? 0.4166 0.3559 0.2272 0.1432  -0.1292 -0.0083 1127 HOH D O     
741 O  O     . HOH J . ? 0.3945 0.4148 0.1826 -0.1641 0.0773  -0.1390 1135 HOH D O     
742 O  O     . HOH J . ? 0.5642 0.2538 0.2604 -0.1556 0.0321  0.0109  1137 HOH D O     
743 O  O     . HOH J . ? 0.3863 0.5358 0.6011 0.1582  -0.0570 0.1642  1139 HOH D O     
744 O  O     . HOH J . ? 0.3367 0.3649 0.6481 -0.2504 0.2344  -0.1048 1147 HOH D O     
745 O  O     . HOH J . ? 0.2328 0.4141 0.4806 0.0096  0.0884  -0.0472 1148 HOH D O     
# 
